data_4US5
#
_entry.id   4US5
#
_cell.length_a   85.005
_cell.length_b   102.902
_cell.length_c   160.697
_cell.angle_alpha   90.00
_cell.angle_beta   90.00
_cell.angle_gamma   90.00
#
_symmetry.space_group_name_H-M   'P 21 21 21'
#
loop_
_entity.id
_entity.type
_entity.pdbx_description
1 polymer 'LUCIFERASE-LIKE MONOOXYGENASE'
2 polymer 'LUCIFERASE-LIKE MONOOXYGENASE'
3 non-polymer 'SODIUM ION'
4 non-polymer '4-(2-HYDROXYETHYL)-1-PIPERAZINE ETHANESULFONIC ACID'
5 non-polymer 'CHLORIDE ION'
6 non-polymer beta-D-glucopyranose
7 non-polymer 1-ETHOXY-2-(2-ETHOXYETHOXY)ETHANE
8 water water
#
loop_
_entity_poly.entity_id
_entity_poly.type
_entity_poly.pdbx_seq_one_letter_code
_entity_poly.pdbx_strand_id
1 'polypeptide(L)'
;HHHHVKLSVVEQAPVVEGLTPAHSLQHSIELARLADRLGYERFWVAEHHAEIFNAVPAPEILIARIAAETSGIRVGSGGV
LLSLYSPLKVAEVFRTLHALYPDRIDLGIGRANRVKLPVFAALRDDTAGKEPSSDDLWRRLEQLRAYLDPDSGLPFTVSP
R(MSE)PGGPALWLLGASVSSAEAAARLGLPYAYAHFITPQFTREA(MSE)DTYRAAFVPGPDTPSPRPILSVVVCCAET
DAEAQRVYATHRLFHRR(MSE)SQGDVRLLPPADLAVAE(MSE)DKPGPDPLAEESFEWPRYVVGSPDRVRDQLTK
(MSE)ADATGAEELGVVS(MSE)IHDQRDRLRSYRLLAEAFELTPR
;
A,B,C
2 'polypeptide(L)'
;HHHHVKLSVVEQAPVVEGLTPAHSLQHSIELARLADRLGYERFWVAEHHAEIFNAVPAPEILIARIAAETSGIRVGSGGV
LLSLYSPLKVAEVFRTLHALYPDRIDLGIGRANRVKLPVFAALRDDTAGKEPSSDDLWRRLEQLRAYLDPDSGLPFTVSP
R(MSE)PGGPALWLLGASVSSADAAARLGLPYAYAHFITPDFTREA(MSE)DTYRAAFVPGPDTPSPRPILSVVVCCAET
DAEAQRVYATHRLFHRR(MSE)SQGDVRLLPPADLAVAE(MSE)DKPGPDPLAEESFEWPRYVVGSPDRVRDQLTK
(MSE)ADATGAEELGVVS(MSE)IHDQRDRLRSYRLLAEAFELTPR
;
D
#
# COMPACT_ATOMS: atom_id res chain seq x y z
N HIS A 4 4.21 8.37 -41.32
CA HIS A 4 4.34 6.93 -40.89
C HIS A 4 2.99 6.36 -40.44
N VAL A 5 2.94 5.04 -40.44
CA VAL A 5 1.86 4.35 -39.83
C VAL A 5 1.85 4.66 -38.29
N LYS A 6 0.67 4.72 -37.71
CA LYS A 6 0.49 4.75 -36.27
C LYS A 6 0.71 3.38 -35.62
N LEU A 7 1.01 3.38 -34.33
CA LEU A 7 1.27 2.14 -33.58
C LEU A 7 0.31 2.03 -32.43
N SER A 8 -0.13 0.79 -32.19
CA SER A 8 -0.96 0.47 -31.05
C SER A 8 -0.45 -0.82 -30.41
N VAL A 9 -1.05 -1.19 -29.26
CA VAL A 9 -0.62 -2.36 -28.51
C VAL A 9 -1.82 -3.31 -28.42
N VAL A 10 -1.57 -4.58 -28.65
CA VAL A 10 -2.55 -5.63 -28.45
C VAL A 10 -1.90 -6.58 -27.44
N GLU A 11 -2.53 -6.68 -26.29
CA GLU A 11 -1.95 -7.36 -25.11
C GLU A 11 -2.74 -8.60 -24.73
N GLN A 12 -2.11 -9.77 -24.84
CA GLN A 12 -2.73 -11.00 -24.43
C GLN A 12 -2.27 -11.42 -23.05
N ALA A 13 -1.31 -10.69 -22.50
CA ALA A 13 -0.83 -10.91 -21.15
C ALA A 13 -0.25 -12.31 -20.94
N PRO A 14 0.79 -12.61 -21.69
CA PRO A 14 1.44 -13.89 -21.50
C PRO A 14 2.01 -14.11 -20.09
N VAL A 15 1.99 -15.36 -19.65
CA VAL A 15 2.57 -15.75 -18.37
C VAL A 15 3.89 -16.45 -18.65
N VAL A 16 4.92 -15.98 -17.99
CA VAL A 16 6.27 -16.33 -18.37
C VAL A 16 6.92 -17.16 -17.27
N GLU A 17 7.86 -18.00 -17.69
CA GLU A 17 8.52 -18.92 -16.76
C GLU A 17 9.15 -18.18 -15.62
N GLY A 18 8.89 -18.62 -14.41
CA GLY A 18 9.39 -17.99 -13.22
C GLY A 18 8.41 -17.08 -12.52
N LEU A 19 7.38 -16.63 -13.23
CA LEU A 19 6.46 -15.65 -12.71
C LEU A 19 5.07 -16.21 -12.71
N THR A 20 4.09 -15.38 -12.40
CA THR A 20 2.71 -15.80 -12.20
C THR A 20 1.77 -14.91 -13.03
N PRO A 21 0.51 -15.32 -13.13
CA PRO A 21 -0.47 -14.46 -13.84
C PRO A 21 -0.60 -13.09 -13.26
N ALA A 22 -0.43 -12.93 -11.95
CA ALA A 22 -0.48 -11.59 -11.35
C ALA A 22 0.64 -10.67 -11.86
N HIS A 23 1.84 -11.24 -12.06
CA HIS A 23 2.92 -10.48 -12.66
C HIS A 23 2.52 -9.99 -14.06
N SER A 24 1.87 -10.86 -14.81
CA SER A 24 1.49 -10.57 -16.17
C SER A 24 0.60 -9.33 -16.19
N LEU A 25 -0.38 -9.29 -15.27
CA LEU A 25 -1.32 -8.21 -15.24
C LEU A 25 -0.63 -6.91 -14.89
N GLN A 26 0.26 -6.96 -13.89
CA GLN A 26 1.00 -5.80 -13.52
C GLN A 26 1.88 -5.31 -14.69
N HIS A 27 2.49 -6.26 -15.39
CA HIS A 27 3.30 -5.90 -16.53
C HIS A 27 2.44 -5.30 -17.68
N SER A 28 1.18 -5.70 -17.80
CA SER A 28 0.25 -5.05 -18.74
C SER A 28 0.05 -3.60 -18.43
N ILE A 29 -0.17 -3.31 -17.14
CA ILE A 29 -0.38 -1.97 -16.72
C ILE A 29 0.84 -1.11 -17.04
N GLU A 30 2.01 -1.65 -16.68
CA GLU A 30 3.29 -0.95 -16.96
C GLU A 30 3.48 -0.64 -18.43
N LEU A 31 3.13 -1.61 -19.28
CA LEU A 31 3.23 -1.40 -20.72
C LEU A 31 2.25 -0.35 -21.20
N ALA A 32 1.03 -0.36 -20.68
CA ALA A 32 0.03 0.58 -21.06
C ALA A 32 0.42 2.02 -20.69
N ARG A 33 1.03 2.19 -19.51
CA ARG A 33 1.49 3.51 -19.10
C ARG A 33 2.61 3.99 -20.02
N LEU A 34 3.53 3.10 -20.34
CA LEU A 34 4.61 3.45 -21.28
C LEU A 34 4.05 3.80 -22.65
N ALA A 35 3.15 2.95 -23.16
CA ALA A 35 2.52 3.19 -24.44
C ALA A 35 1.74 4.51 -24.48
N ASP A 36 1.06 4.83 -23.39
CA ASP A 36 0.38 6.10 -23.28
C ASP A 36 1.40 7.24 -23.43
N ARG A 37 2.48 7.19 -22.65
CA ARG A 37 3.53 8.24 -22.67
C ARG A 37 4.18 8.36 -24.01
N LEU A 38 4.39 7.23 -24.69
CA LEU A 38 5.12 7.23 -25.96
C LEU A 38 4.34 7.65 -27.17
N GLY A 39 3.02 7.68 -27.06
CA GLY A 39 2.17 8.10 -28.17
C GLY A 39 1.52 6.99 -29.00
N TYR A 40 1.40 5.78 -28.45
CA TYR A 40 0.61 4.73 -29.10
C TYR A 40 -0.84 5.14 -29.12
N GLU A 41 -1.57 4.71 -30.15
CA GLU A 41 -2.93 5.16 -30.40
C GLU A 41 -3.97 4.49 -29.46
N ARG A 42 -3.91 3.16 -29.38
CA ARG A 42 -4.81 2.37 -28.54
C ARG A 42 -4.10 1.19 -27.91
N PHE A 43 -4.69 0.71 -26.80
CA PHE A 43 -4.15 -0.43 -26.07
C PHE A 43 -5.30 -1.39 -25.94
N TRP A 44 -5.20 -2.52 -26.61
CA TRP A 44 -6.24 -3.51 -26.58
C TRP A 44 -5.84 -4.71 -25.75
N VAL A 45 -6.85 -5.30 -25.08
CA VAL A 45 -6.63 -6.48 -24.23
C VAL A 45 -7.40 -7.64 -24.86
N ALA A 46 -6.72 -8.77 -25.06
CA ALA A 46 -7.30 -9.94 -25.70
C ALA A 46 -7.94 -10.86 -24.67
N GLU A 47 -8.83 -11.72 -25.11
CA GLU A 47 -9.51 -12.65 -24.24
C GLU A 47 -9.00 -14.07 -24.55
N HIS A 48 -8.44 -14.73 -23.55
CA HIS A 48 -7.97 -16.12 -23.65
C HIS A 48 -8.39 -16.90 -22.41
N HIS A 49 -9.02 -18.06 -22.64
CA HIS A 49 -9.58 -18.88 -21.60
C HIS A 49 -8.78 -20.17 -21.39
N ALA A 50 -8.60 -20.53 -20.12
CA ALA A 50 -8.09 -21.84 -19.71
C ALA A 50 -6.71 -22.18 -20.31
N GLU A 51 -5.89 -21.16 -20.44
CA GLU A 51 -4.51 -21.29 -20.94
C GLU A 51 -3.61 -20.83 -19.84
N ILE A 52 -2.72 -21.71 -19.36
CA ILE A 52 -1.81 -21.31 -18.29
C ILE A 52 -0.87 -20.22 -18.76
N PHE A 53 -0.69 -20.10 -20.07
CA PHE A 53 0.29 -19.13 -20.59
C PHE A 53 -0.29 -17.76 -20.98
N ASN A 54 -1.60 -17.53 -20.80
CA ASN A 54 -2.23 -16.23 -21.03
C ASN A 54 -3.10 -15.89 -19.81
N ALA A 55 -2.93 -14.69 -19.26
CA ALA A 55 -3.47 -14.34 -17.95
C ALA A 55 -4.88 -13.72 -17.93
N VAL A 56 -5.43 -13.35 -19.09
CA VAL A 56 -6.67 -12.54 -19.10
C VAL A 56 -7.82 -13.19 -19.84
N PRO A 57 -8.76 -13.79 -19.10
CA PRO A 57 -9.96 -14.30 -19.67
C PRO A 57 -11.06 -13.26 -19.73
N ALA A 58 -10.86 -12.13 -19.05
CA ALA A 58 -11.90 -11.11 -18.87
C ALA A 58 -11.28 -9.72 -19.16
N PRO A 59 -11.12 -9.40 -20.44
CA PRO A 59 -10.46 -8.16 -20.82
C PRO A 59 -11.12 -6.93 -20.24
N GLU A 60 -12.43 -6.98 -20.06
CA GLU A 60 -13.16 -5.88 -19.49
C GLU A 60 -12.67 -5.41 -18.10
N ILE A 61 -12.16 -6.35 -17.33
CA ILE A 61 -11.58 -6.02 -16.00
C ILE A 61 -10.26 -5.28 -16.11
N LEU A 62 -9.39 -5.75 -16.98
CA LEU A 62 -8.11 -5.07 -17.19
C LEU A 62 -8.31 -3.73 -17.90
N ILE A 63 -9.28 -3.65 -18.82
CA ILE A 63 -9.63 -2.37 -19.45
C ILE A 63 -10.05 -1.33 -18.39
N ALA A 64 -10.90 -1.73 -17.47
CA ALA A 64 -11.38 -0.84 -16.44
C ALA A 64 -10.23 -0.25 -15.61
N ARG A 65 -9.24 -1.09 -15.32
CA ARG A 65 -8.04 -0.65 -14.61
C ARG A 65 -7.10 0.22 -15.44
N ILE A 66 -6.78 -0.25 -16.65
CA ILE A 66 -5.83 0.45 -17.50
C ILE A 66 -6.30 1.80 -17.95
N ALA A 67 -7.60 1.97 -18.20
CA ALA A 67 -8.14 3.29 -18.56
C ALA A 67 -7.98 4.31 -17.42
N ALA A 68 -8.00 3.84 -16.17
CA ALA A 68 -7.74 4.72 -15.00
C ALA A 68 -6.29 5.09 -14.85
N GLU A 69 -5.39 4.30 -15.44
CA GLU A 69 -3.93 4.48 -15.32
C GLU A 69 -3.31 5.29 -16.45
N THR A 70 -4.14 5.69 -17.42
CA THR A 70 -3.67 6.33 -18.62
C THR A 70 -4.61 7.47 -18.96
N SER A 71 -4.15 8.40 -19.78
CA SER A 71 -4.94 9.59 -20.07
C SER A 71 -5.22 9.86 -21.56
N GLY A 72 -4.29 9.50 -22.46
CA GLY A 72 -4.52 9.79 -23.89
C GLY A 72 -4.81 8.58 -24.80
N ILE A 73 -4.13 7.49 -24.55
CA ILE A 73 -4.31 6.25 -25.32
C ILE A 73 -5.77 5.73 -25.19
N ARG A 74 -6.36 5.25 -26.29
CA ARG A 74 -7.63 4.60 -26.23
C ARG A 74 -7.38 3.25 -25.56
N VAL A 75 -8.40 2.71 -24.91
CA VAL A 75 -8.28 1.43 -24.24
C VAL A 75 -9.49 0.60 -24.61
N GLY A 76 -9.27 -0.69 -24.86
CA GLY A 76 -10.37 -1.53 -25.19
C GLY A 76 -10.08 -2.99 -25.34
N SER A 77 -11.08 -3.72 -25.85
CA SER A 77 -10.96 -5.17 -26.05
C SER A 77 -10.46 -5.46 -27.45
N GLY A 78 -9.56 -6.44 -27.54
CA GLY A 78 -9.06 -6.97 -28.82
C GLY A 78 -8.82 -8.48 -28.76
N GLY A 79 -9.87 -9.28 -28.60
CA GLY A 79 -11.25 -8.87 -28.66
C GLY A 79 -12.13 -9.67 -27.70
N VAL A 80 -13.27 -9.12 -27.34
CA VAL A 80 -14.28 -9.86 -26.63
C VAL A 80 -14.86 -10.97 -27.53
N LEU A 81 -14.98 -12.15 -26.97
CA LEU A 81 -15.50 -13.33 -27.71
C LEU A 81 -17.00 -13.36 -27.62
N LEU A 82 -17.62 -12.55 -28.47
CA LEU A 82 -19.03 -12.26 -28.39
C LEU A 82 -19.92 -13.49 -28.51
N SER A 83 -19.45 -14.54 -29.19
CA SER A 83 -20.27 -15.77 -29.30
C SER A 83 -20.55 -16.41 -27.97
N LEU A 84 -19.75 -16.07 -26.95
CA LEU A 84 -19.92 -16.64 -25.61
C LEU A 84 -20.87 -15.90 -24.72
N TYR A 85 -21.35 -14.73 -25.15
CA TYR A 85 -22.06 -13.84 -24.24
C TYR A 85 -23.36 -13.29 -24.84
N SER A 86 -24.29 -12.92 -23.97
CA SER A 86 -25.42 -12.11 -24.35
C SER A 86 -24.94 -10.76 -24.89
N PRO A 87 -25.35 -10.37 -26.11
CA PRO A 87 -24.97 -9.06 -26.60
C PRO A 87 -25.44 -7.89 -25.73
N LEU A 88 -26.53 -8.04 -25.00
CA LEU A 88 -26.95 -7.05 -24.06
C LEU A 88 -25.96 -6.90 -22.91
N LYS A 89 -25.50 -8.00 -22.39
CA LYS A 89 -24.48 -7.95 -21.30
C LYS A 89 -23.22 -7.26 -21.75
N VAL A 90 -22.70 -7.63 -22.92
CA VAL A 90 -21.54 -6.96 -23.49
C VAL A 90 -21.78 -5.43 -23.66
N ALA A 91 -22.93 -5.05 -24.21
CA ALA A 91 -23.30 -3.66 -24.33
C ALA A 91 -23.31 -2.93 -22.99
N GLU A 92 -23.89 -3.54 -21.97
CA GLU A 92 -23.90 -2.93 -20.64
C GLU A 92 -22.49 -2.73 -20.09
N VAL A 93 -21.67 -3.76 -20.21
CA VAL A 93 -20.31 -3.72 -19.68
C VAL A 93 -19.57 -2.55 -20.34
N PHE A 94 -19.68 -2.44 -21.68
CA PHE A 94 -18.93 -1.42 -22.38
C PHE A 94 -19.56 -0.04 -22.29
N ARG A 95 -20.88 0.03 -22.09
CA ARG A 95 -21.51 1.32 -21.71
C ARG A 95 -21.01 1.81 -20.34
N THR A 96 -20.80 0.87 -19.41
CA THR A 96 -20.31 1.24 -18.09
C THR A 96 -18.87 1.79 -18.25
N LEU A 97 -18.04 1.11 -19.03
CA LEU A 97 -16.68 1.59 -19.30
C LEU A 97 -16.71 3.00 -19.94
N HIS A 98 -17.57 3.15 -20.93
CA HIS A 98 -17.73 4.46 -21.61
C HIS A 98 -18.19 5.56 -20.62
N ALA A 99 -19.04 5.21 -19.65
CA ALA A 99 -19.48 6.17 -18.66
C ALA A 99 -18.39 6.59 -17.72
N LEU A 100 -17.45 5.67 -17.41
CA LEU A 100 -16.27 5.98 -16.64
C LEU A 100 -15.19 6.74 -17.44
N TYR A 101 -15.07 6.42 -18.74
CA TYR A 101 -13.95 6.85 -19.57
C TYR A 101 -14.47 7.37 -20.91
N PRO A 102 -15.17 8.52 -20.86
CA PRO A 102 -15.95 8.97 -22.02
C PRO A 102 -15.15 9.10 -23.30
N ASP A 103 -15.63 8.42 -24.31
CA ASP A 103 -15.08 8.45 -25.68
C ASP A 103 -13.66 7.91 -25.79
N ARG A 104 -13.25 7.04 -24.85
CA ARG A 104 -11.89 6.44 -24.89
C ARG A 104 -11.89 4.93 -25.14
N ILE A 105 -13.08 4.33 -25.17
CA ILE A 105 -13.21 2.84 -25.12
C ILE A 105 -13.49 2.26 -26.50
N ASP A 106 -12.69 1.26 -26.83
CA ASP A 106 -12.91 0.40 -27.99
C ASP A 106 -13.56 -0.90 -27.57
N LEU A 107 -14.59 -1.31 -28.29
CA LEU A 107 -15.19 -2.62 -28.14
C LEU A 107 -14.83 -3.49 -29.36
N GLY A 108 -13.63 -4.05 -29.33
CA GLY A 108 -13.19 -5.01 -30.36
C GLY A 108 -13.82 -6.36 -30.08
N ILE A 109 -14.34 -6.99 -31.14
CA ILE A 109 -15.07 -8.24 -31.06
C ILE A 109 -14.28 -9.24 -31.89
N GLY A 110 -14.01 -10.41 -31.31
CA GLY A 110 -13.27 -11.48 -32.01
C GLY A 110 -13.99 -12.82 -32.00
N ARG A 111 -13.51 -13.74 -32.83
CA ARG A 111 -14.12 -15.04 -33.00
C ARG A 111 -13.73 -16.04 -31.92
N ALA A 112 -14.70 -16.90 -31.53
CA ALA A 112 -14.46 -17.91 -30.49
C ALA A 112 -14.11 -19.30 -31.07
N ASN A 113 -13.73 -19.33 -32.35
CA ASN A 113 -13.46 -20.56 -33.07
C ASN A 113 -12.21 -21.31 -32.59
N ARG A 114 -11.34 -20.64 -31.82
CA ARG A 114 -10.16 -21.30 -31.27
C ARG A 114 -10.29 -21.61 -29.76
N VAL A 115 -11.44 -21.32 -29.16
CA VAL A 115 -11.75 -21.75 -27.77
C VAL A 115 -11.90 -23.30 -27.76
N LYS A 116 -11.27 -23.99 -26.80
CA LYS A 116 -11.43 -25.45 -26.66
C LYS A 116 -12.88 -25.82 -26.34
N LEU A 117 -13.36 -26.94 -26.87
CA LEU A 117 -14.81 -27.24 -26.86
C LEU A 117 -15.45 -27.38 -25.47
N PRO A 118 -14.81 -28.11 -24.54
CA PRO A 118 -15.37 -28.21 -23.21
C PRO A 118 -15.43 -26.84 -22.48
N VAL A 119 -14.42 -26.00 -22.71
CA VAL A 119 -14.41 -24.66 -22.14
C VAL A 119 -15.50 -23.81 -22.74
N PHE A 120 -15.61 -23.80 -24.06
CA PHE A 120 -16.67 -23.11 -24.77
C PHE A 120 -18.02 -23.52 -24.23
N ALA A 121 -18.25 -24.83 -24.08
CA ALA A 121 -19.53 -25.31 -23.58
C ALA A 121 -19.82 -24.74 -22.17
N ALA A 122 -18.81 -24.79 -21.29
CA ALA A 122 -18.96 -24.26 -19.91
C ALA A 122 -19.21 -22.74 -19.87
N LEU A 123 -18.62 -22.01 -20.82
CA LEU A 123 -18.83 -20.55 -20.87
C LEU A 123 -20.22 -20.22 -21.40
N ARG A 124 -20.69 -21.02 -22.35
CA ARG A 124 -22.01 -20.84 -22.89
C ARG A 124 -23.15 -21.10 -21.93
N ASP A 125 -23.00 -22.07 -21.02
CA ASP A 125 -23.99 -22.30 -19.94
C ASP A 125 -25.40 -22.70 -20.47
N ASP A 126 -25.54 -23.95 -20.94
CA ASP A 126 -26.88 -24.57 -21.17
C ASP A 126 -26.74 -26.09 -21.34
N SER A 133 -22.03 -21.07 -35.46
CA SER A 133 -21.88 -20.83 -36.87
C SER A 133 -21.22 -19.47 -37.13
N SER A 134 -20.48 -19.37 -38.23
CA SER A 134 -19.84 -18.09 -38.58
C SER A 134 -20.88 -16.98 -38.65
N ASP A 135 -22.10 -17.30 -39.10
CA ASP A 135 -23.18 -16.32 -39.24
C ASP A 135 -23.82 -15.89 -37.91
N ASP A 136 -23.78 -16.75 -36.90
CA ASP A 136 -24.29 -16.41 -35.58
C ASP A 136 -23.54 -15.20 -34.99
N LEU A 137 -22.23 -15.15 -35.18
CA LEU A 137 -21.44 -14.02 -34.68
C LEU A 137 -21.90 -12.71 -35.30
N TRP A 138 -22.12 -12.70 -36.62
CA TRP A 138 -22.54 -11.46 -37.30
C TRP A 138 -23.91 -11.02 -36.85
N ARG A 139 -24.78 -11.97 -36.58
CA ARG A 139 -26.08 -11.67 -35.98
C ARG A 139 -25.94 -11.06 -34.57
N ARG A 140 -25.10 -11.67 -33.73
CA ARG A 140 -24.84 -11.11 -32.40
C ARG A 140 -24.29 -9.71 -32.51
N LEU A 141 -23.44 -9.51 -33.48
CA LEU A 141 -22.78 -8.22 -33.71
C LEU A 141 -23.79 -7.14 -34.09
N GLU A 142 -24.77 -7.51 -34.88
CA GLU A 142 -25.86 -6.60 -35.21
C GLU A 142 -26.78 -6.37 -34.01
N GLN A 143 -27.04 -7.38 -33.21
CA GLN A 143 -27.77 -7.20 -31.95
C GLN A 143 -27.00 -6.22 -31.01
N LEU A 144 -25.70 -6.42 -30.89
CA LEU A 144 -24.86 -5.57 -30.04
C LEU A 144 -24.94 -4.12 -30.50
N ARG A 145 -24.82 -3.91 -31.80
CA ARG A 145 -24.92 -2.58 -32.34
C ARG A 145 -26.28 -1.94 -32.03
N ALA A 146 -27.35 -2.74 -32.10
CA ALA A 146 -28.67 -2.25 -31.79
C ALA A 146 -28.79 -1.90 -30.31
N TYR A 147 -28.19 -2.69 -29.44
CA TYR A 147 -28.27 -2.36 -28.00
C TYR A 147 -27.49 -1.08 -27.70
N LEU A 148 -26.43 -0.84 -28.45
CA LEU A 148 -25.63 0.37 -28.31
C LEU A 148 -26.29 1.61 -28.95
N ASP A 149 -27.42 1.42 -29.63
CA ASP A 149 -28.20 2.54 -30.19
C ASP A 149 -29.47 2.79 -29.35
N PRO A 150 -29.48 3.87 -28.55
CA PRO A 150 -30.63 4.10 -27.66
C PRO A 150 -31.93 4.50 -28.39
N ASP A 151 -31.86 4.73 -29.71
CA ASP A 151 -33.08 5.03 -30.52
C ASP A 151 -33.60 3.82 -31.27
N SER A 152 -33.18 2.62 -30.90
CA SER A 152 -33.48 1.46 -31.72
C SER A 152 -34.90 0.89 -31.46
N GLY A 153 -35.64 1.50 -30.52
CA GLY A 153 -37.04 1.13 -30.28
C GLY A 153 -37.23 -0.12 -29.42
N LEU A 154 -36.25 -0.42 -28.58
CA LEU A 154 -36.34 -1.56 -27.67
C LEU A 154 -37.31 -1.23 -26.54
N PRO A 155 -37.99 -2.25 -26.02
CA PRO A 155 -38.91 -2.01 -24.90
C PRO A 155 -38.24 -1.62 -23.55
N PHE A 156 -36.91 -1.58 -23.49
CA PHE A 156 -36.22 -1.20 -22.25
C PHE A 156 -34.94 -0.42 -22.57
N THR A 157 -34.36 0.22 -21.55
CA THR A 157 -33.11 1.00 -21.71
C THR A 157 -31.87 0.18 -21.39
N VAL A 158 -30.78 0.50 -22.08
CA VAL A 158 -29.52 -0.14 -21.83
C VAL A 158 -28.69 0.78 -20.92
N SER A 159 -28.62 0.41 -19.64
CA SER A 159 -27.87 1.20 -18.66
C SER A 159 -26.38 0.99 -18.74
N PRO A 160 -25.60 2.00 -18.35
CA PRO A 160 -25.95 3.40 -18.09
C PRO A 160 -25.99 4.20 -19.40
N ARG A 161 -27.04 4.98 -19.59
CA ARG A 161 -27.16 5.80 -20.79
C ARG A 161 -26.26 7.03 -20.67
N PRO A 163 -24.41 10.09 -23.69
CA PRO A 163 -24.16 10.37 -25.10
C PRO A 163 -22.97 9.58 -25.68
N GLY A 164 -23.08 9.18 -26.94
CA GLY A 164 -22.02 8.44 -27.63
C GLY A 164 -21.90 7.04 -27.08
N GLY A 165 -20.76 6.41 -27.32
CA GLY A 165 -20.62 5.01 -26.91
C GLY A 165 -19.26 4.47 -27.31
N PRO A 166 -18.97 3.23 -26.91
CA PRO A 166 -17.73 2.62 -27.28
C PRO A 166 -17.64 2.41 -28.78
N ALA A 167 -16.43 2.44 -29.32
CA ALA A 167 -16.19 2.25 -30.74
C ALA A 167 -16.08 0.74 -31.06
N LEU A 168 -16.98 0.27 -31.93
CA LEU A 168 -17.04 -1.10 -32.30
C LEU A 168 -15.97 -1.44 -33.34
N TRP A 169 -15.18 -2.47 -33.09
CA TRP A 169 -14.20 -3.00 -34.03
C TRP A 169 -14.41 -4.49 -34.25
N LEU A 170 -14.15 -4.97 -35.45
CA LEU A 170 -14.14 -6.40 -35.72
C LEU A 170 -12.73 -6.88 -35.95
N LEU A 171 -12.34 -7.89 -35.21
CA LEU A 171 -11.03 -8.50 -35.34
C LEU A 171 -11.22 -9.78 -36.09
N GLY A 172 -10.38 -10.01 -37.08
CA GLY A 172 -10.44 -11.25 -37.86
C GLY A 172 -9.10 -11.79 -38.25
N ALA A 173 -9.11 -13.04 -38.70
CA ALA A 173 -7.93 -13.71 -39.20
C ALA A 173 -8.32 -14.59 -40.39
N SER A 174 -9.21 -14.08 -41.24
CA SER A 174 -9.77 -14.79 -42.38
C SER A 174 -10.29 -13.81 -43.41
N VAL A 175 -10.31 -14.22 -44.66
CA VAL A 175 -10.94 -13.40 -45.72
C VAL A 175 -12.43 -13.21 -45.46
N SER A 176 -13.09 -14.25 -44.97
CA SER A 176 -14.54 -14.12 -44.69
C SER A 176 -14.85 -13.06 -43.62
N SER A 177 -13.99 -12.92 -42.60
CA SER A 177 -14.19 -11.86 -41.59
C SER A 177 -14.01 -10.48 -42.20
N ALA A 178 -13.09 -10.36 -43.14
CA ALA A 178 -12.86 -9.11 -43.83
C ALA A 178 -14.07 -8.72 -44.69
N GLU A 179 -14.70 -9.72 -45.32
CA GLU A 179 -15.97 -9.52 -46.06
C GLU A 179 -17.10 -9.05 -45.15
N ALA A 180 -17.20 -9.66 -43.97
CA ALA A 180 -18.22 -9.29 -43.00
C ALA A 180 -18.01 -7.88 -42.51
N ALA A 181 -16.78 -7.53 -42.17
CA ALA A 181 -16.46 -6.18 -41.70
C ALA A 181 -16.80 -5.16 -42.77
N ALA A 182 -16.46 -5.48 -44.01
CA ALA A 182 -16.78 -4.60 -45.16
C ALA A 182 -18.26 -4.41 -45.30
N ARG A 183 -18.98 -5.53 -45.29
CA ARG A 183 -20.43 -5.53 -45.45
CA ARG A 183 -20.44 -5.53 -45.44
C ARG A 183 -21.10 -4.68 -44.36
N LEU A 184 -20.60 -4.78 -43.13
CA LEU A 184 -21.21 -4.09 -41.98
C LEU A 184 -20.67 -2.67 -41.76
N GLY A 185 -19.67 -2.26 -42.55
CA GLY A 185 -19.10 -0.92 -42.41
C GLY A 185 -18.35 -0.75 -41.09
N LEU A 186 -17.67 -1.79 -40.66
CA LEU A 186 -16.93 -1.75 -39.39
C LEU A 186 -15.46 -1.52 -39.58
N PRO A 187 -14.83 -0.77 -38.68
CA PRO A 187 -13.39 -0.84 -38.57
C PRO A 187 -12.92 -2.26 -38.35
N TYR A 188 -11.74 -2.59 -38.87
CA TYR A 188 -11.33 -3.98 -39.00
C TYR A 188 -9.88 -4.12 -38.66
N ALA A 189 -9.56 -5.10 -37.82
CA ALA A 189 -8.19 -5.41 -37.47
C ALA A 189 -7.86 -6.87 -37.84
N TYR A 190 -6.90 -7.04 -38.77
CA TYR A 190 -6.52 -8.35 -39.27
C TYR A 190 -5.28 -8.87 -38.58
N ALA A 191 -5.42 -10.08 -38.04
CA ALA A 191 -4.32 -10.74 -37.32
C ALA A 191 -3.36 -11.43 -38.24
N HIS A 192 -2.43 -10.66 -38.82
CA HIS A 192 -1.43 -11.18 -39.71
C HIS A 192 -0.64 -12.34 -39.05
N PHE A 193 -0.37 -12.19 -37.74
CA PHE A 193 0.44 -13.16 -37.02
C PHE A 193 -0.29 -14.49 -36.85
N ILE A 194 -1.59 -14.48 -37.03
CA ILE A 194 -2.40 -15.69 -36.94
C ILE A 194 -2.51 -16.36 -38.31
N THR A 195 -2.86 -15.57 -39.34
CA THR A 195 -3.13 -16.11 -40.67
C THR A 195 -2.35 -15.34 -41.75
N PRO A 196 -1.03 -15.46 -41.72
CA PRO A 196 -0.18 -14.69 -42.62
C PRO A 196 -0.34 -15.09 -44.10
N GLN A 197 -0.95 -16.23 -44.36
CA GLN A 197 -1.13 -16.68 -45.74
C GLN A 197 -2.17 -15.84 -46.50
N PHE A 198 -3.09 -15.17 -45.79
CA PHE A 198 -4.14 -14.41 -46.44
C PHE A 198 -4.17 -12.90 -46.14
N THR A 199 -3.11 -12.38 -45.54
CA THR A 199 -3.08 -10.99 -45.12
C THR A 199 -3.38 -10.02 -46.28
N ARG A 200 -2.63 -10.15 -47.37
CA ARG A 200 -2.83 -9.27 -48.51
C ARG A 200 -4.27 -9.37 -49.04
N GLU A 201 -4.75 -10.58 -49.28
CA GLU A 201 -6.11 -10.75 -49.86
C GLU A 201 -7.19 -10.21 -48.92
N ALA A 202 -7.05 -10.53 -47.63
CA ALA A 202 -8.03 -10.05 -46.64
C ALA A 202 -8.11 -8.53 -46.60
N ASP A 204 -7.06 -6.38 -48.88
CA ASP A 204 -7.60 -5.94 -50.21
C ASP A 204 -9.12 -6.05 -50.26
N THR A 205 -9.63 -7.20 -49.83
CA THR A 205 -11.07 -7.48 -49.82
C THR A 205 -11.85 -6.53 -48.91
N TYR A 206 -11.31 -6.27 -47.71
CA TYR A 206 -11.96 -5.33 -46.79
C TYR A 206 -12.18 -3.96 -47.47
N ARG A 207 -11.12 -3.45 -48.08
CA ARG A 207 -11.16 -2.16 -48.72
C ARG A 207 -12.07 -2.15 -49.96
N ALA A 208 -11.95 -3.18 -50.79
CA ALA A 208 -12.73 -3.27 -52.04
C ALA A 208 -14.23 -3.39 -51.79
N ALA A 209 -14.62 -4.26 -50.85
CA ALA A 209 -16.02 -4.53 -50.55
C ALA A 209 -16.67 -3.54 -49.54
N PHE A 210 -15.90 -2.58 -49.04
CA PHE A 210 -16.38 -1.76 -47.94
C PHE A 210 -17.66 -1.00 -48.25
N VAL A 211 -18.64 -1.13 -47.37
CA VAL A 211 -19.88 -0.35 -47.42
C VAL A 211 -19.95 0.54 -46.19
N PRO A 212 -19.95 1.86 -46.37
CA PRO A 212 -20.00 2.79 -45.24
C PRO A 212 -21.07 2.48 -44.22
N GLY A 213 -20.70 2.54 -42.94
CA GLY A 213 -21.62 2.29 -41.85
C GLY A 213 -21.73 3.47 -40.93
N PRO A 214 -22.58 3.33 -39.89
CA PRO A 214 -22.66 4.32 -38.80
C PRO A 214 -21.27 4.73 -38.33
N ASP A 215 -21.01 6.03 -38.36
CA ASP A 215 -19.78 6.62 -37.92
C ASP A 215 -18.54 6.14 -38.63
N THR A 216 -18.69 5.30 -39.66
CA THR A 216 -17.52 4.83 -40.41
C THR A 216 -17.67 5.01 -41.93
N PRO A 217 -17.36 6.22 -42.43
CA PRO A 217 -17.60 6.52 -43.84
C PRO A 217 -16.60 5.88 -44.78
N SER A 218 -15.43 5.53 -44.25
CA SER A 218 -14.35 4.92 -45.04
C SER A 218 -13.77 3.70 -44.33
N PRO A 219 -13.11 2.79 -45.09
CA PRO A 219 -12.43 1.67 -44.44
C PRO A 219 -11.47 2.16 -43.37
N ARG A 220 -11.41 1.44 -42.25
CA ARG A 220 -10.48 1.78 -41.20
C ARG A 220 -9.70 0.52 -40.83
N PRO A 221 -8.66 0.20 -41.60
CA PRO A 221 -7.92 -1.05 -41.39
C PRO A 221 -6.75 -0.92 -40.42
N ILE A 222 -6.64 -1.91 -39.53
CA ILE A 222 -5.49 -2.08 -38.66
C ILE A 222 -4.89 -3.42 -38.98
N LEU A 223 -3.57 -3.48 -38.97
CA LEU A 223 -2.89 -4.75 -39.11
C LEU A 223 -2.28 -5.14 -37.76
N SER A 224 -2.72 -6.29 -37.20
CA SER A 224 -2.10 -6.80 -35.99
C SER A 224 -0.92 -7.71 -36.31
N VAL A 225 0.21 -7.45 -35.66
CA VAL A 225 1.47 -8.06 -35.95
C VAL A 225 2.20 -8.34 -34.64
N VAL A 226 2.89 -9.45 -34.61
CA VAL A 226 3.89 -9.73 -33.59
C VAL A 226 5.18 -9.09 -34.02
N VAL A 227 5.77 -8.33 -33.10
CA VAL A 227 7.08 -7.76 -33.33
C VAL A 227 7.98 -8.08 -32.17
N CYS A 228 9.23 -8.42 -32.49
CA CYS A 228 10.28 -8.59 -31.53
C CYS A 228 11.48 -7.72 -31.95
N CYS A 229 11.59 -6.54 -31.33
CA CYS A 229 12.57 -5.55 -31.72
C CYS A 229 13.60 -5.34 -30.59
N ALA A 230 14.87 -5.22 -30.96
CA ALA A 230 15.92 -4.91 -29.99
C ALA A 230 16.94 -4.06 -30.72
N GLU A 231 17.92 -3.56 -29.99
CA GLU A 231 18.86 -2.58 -30.57
C GLU A 231 19.63 -3.13 -31.78
N THR A 232 19.97 -4.42 -31.74
CA THR A 232 20.69 -5.06 -32.87
C THR A 232 19.95 -6.33 -33.29
N ASP A 233 20.17 -6.78 -34.53
N ASP A 233 20.18 -6.79 -34.52
CA ASP A 233 19.56 -8.01 -35.02
CA ASP A 233 19.58 -8.06 -35.00
C ASP A 233 19.92 -9.19 -34.09
C ASP A 233 19.90 -9.19 -34.06
N ALA A 234 21.14 -9.22 -33.56
CA ALA A 234 21.59 -10.35 -32.72
C ALA A 234 20.81 -10.37 -31.41
N GLU A 235 20.61 -9.20 -30.82
CA GLU A 235 19.84 -9.14 -29.59
C GLU A 235 18.37 -9.48 -29.88
N ALA A 236 17.85 -9.04 -31.01
CA ALA A 236 16.47 -9.35 -31.37
C ALA A 236 16.28 -10.86 -31.48
N GLN A 237 17.25 -11.54 -32.10
CA GLN A 237 17.14 -12.98 -32.32
C GLN A 237 17.14 -13.70 -31.00
N ARG A 238 17.92 -13.21 -30.05
CA ARG A 238 17.99 -13.84 -28.74
C ARG A 238 16.60 -13.73 -28.06
N VAL A 239 16.01 -12.56 -28.10
CA VAL A 239 14.69 -12.33 -27.47
C VAL A 239 13.62 -13.19 -28.17
N TYR A 240 13.76 -13.36 -29.48
CA TYR A 240 12.81 -14.11 -30.33
C TYR A 240 12.86 -15.62 -30.06
N ALA A 241 13.96 -16.10 -29.51
CA ALA A 241 14.13 -17.54 -29.28
C ALA A 241 13.04 -18.11 -28.37
N THR A 242 12.61 -17.31 -27.41
CA THR A 242 11.47 -17.66 -26.54
C THR A 242 10.29 -18.10 -27.36
N HIS A 243 9.94 -17.29 -28.34
CA HIS A 243 8.78 -17.58 -29.16
C HIS A 243 9.00 -18.83 -30.01
N ARG A 244 10.19 -18.92 -30.58
CA ARG A 244 10.53 -20.06 -31.40
C ARG A 244 10.36 -21.37 -30.61
N LEU A 245 10.88 -21.38 -29.38
CA LEU A 245 10.85 -22.57 -28.54
C LEU A 245 9.43 -22.87 -28.10
N PHE A 246 8.65 -21.82 -27.88
CA PHE A 246 7.26 -22.00 -27.49
C PHE A 246 6.54 -22.77 -28.57
N HIS A 247 6.84 -22.46 -29.83
CA HIS A 247 6.23 -23.17 -30.90
C HIS A 247 6.74 -24.62 -31.06
N ARG A 248 8.03 -24.82 -30.87
CA ARG A 248 8.56 -26.19 -30.86
C ARG A 248 7.85 -27.04 -29.80
N ARG A 249 7.76 -26.49 -28.59
CA ARG A 249 7.15 -27.20 -27.47
C ARG A 249 5.69 -27.50 -27.73
N SER A 251 4.17 -27.83 -30.54
CA SER A 251 4.01 -28.84 -31.58
C SER A 251 4.20 -30.26 -31.04
N GLN A 252 4.85 -30.37 -29.88
CA GLN A 252 5.11 -31.67 -29.23
C GLN A 252 4.14 -31.97 -28.07
N GLY A 253 3.15 -31.10 -27.89
CA GLY A 253 2.19 -31.22 -26.80
C GLY A 253 2.76 -30.85 -25.45
N ASP A 254 3.83 -30.08 -25.46
CA ASP A 254 4.50 -29.61 -24.26
C ASP A 254 3.99 -28.18 -23.98
N VAL A 255 3.04 -28.08 -23.06
CA VAL A 255 2.35 -26.81 -22.75
C VAL A 255 2.89 -26.19 -21.49
N ARG A 256 3.70 -25.17 -21.64
CA ARG A 256 4.29 -24.51 -20.51
C ARG A 256 4.31 -23.02 -20.68
N LEU A 257 4.74 -22.32 -19.65
CA LEU A 257 4.87 -20.88 -19.67
C LEU A 257 5.96 -20.47 -20.66
N LEU A 258 5.95 -19.20 -21.09
CA LEU A 258 6.97 -18.72 -22.04
C LEU A 258 8.36 -18.93 -21.47
N PRO A 259 9.26 -19.56 -22.25
CA PRO A 259 10.59 -19.84 -21.70
C PRO A 259 11.55 -18.64 -21.73
N PRO A 260 12.56 -18.66 -20.85
CA PRO A 260 13.55 -17.58 -20.85
C PRO A 260 14.40 -17.61 -22.13
N ALA A 261 14.88 -16.44 -22.53
CA ALA A 261 15.51 -16.27 -23.85
C ALA A 261 16.80 -17.10 -23.99
N ASP A 262 17.68 -17.03 -23.01
CA ASP A 262 18.97 -17.74 -23.10
C ASP A 262 18.81 -19.26 -23.15
N LEU A 263 17.94 -19.80 -22.30
CA LEU A 263 17.57 -21.21 -22.38
C LEU A 263 17.01 -21.55 -23.76
N ALA A 264 16.14 -20.69 -24.27
CA ALA A 264 15.53 -20.93 -25.57
C ALA A 264 16.56 -20.91 -26.68
N VAL A 265 17.52 -20.00 -26.61
CA VAL A 265 18.57 -19.94 -27.65
C VAL A 265 19.26 -21.33 -27.70
N ALA A 266 19.66 -21.83 -26.52
CA ALA A 266 20.35 -23.13 -26.40
C ALA A 266 19.52 -24.27 -26.95
N GLU A 267 18.23 -24.31 -26.59
CA GLU A 267 17.34 -25.35 -27.09
C GLU A 267 17.16 -25.31 -28.60
N ASP A 269 19.17 -24.29 -30.83
CA ASP A 269 20.40 -24.73 -31.51
C ASP A 269 20.50 -26.27 -31.61
N LYS A 270 19.66 -26.99 -30.86
CA LYS A 270 19.63 -28.43 -30.95
C LYS A 270 18.61 -28.88 -31.99
N PRO A 271 18.82 -30.07 -32.59
CA PRO A 271 17.89 -30.59 -33.57
C PRO A 271 16.49 -30.72 -32.99
N GLY A 272 15.49 -30.55 -33.82
CA GLY A 272 14.12 -30.63 -33.34
C GLY A 272 13.16 -29.82 -34.17
N PRO A 273 11.87 -29.93 -33.86
CA PRO A 273 10.89 -29.19 -34.62
C PRO A 273 11.18 -27.69 -34.55
N ASP A 274 11.01 -27.03 -35.69
CA ASP A 274 11.03 -25.59 -35.76
C ASP A 274 9.90 -25.18 -36.71
N PRO A 275 8.66 -25.21 -36.21
CA PRO A 275 7.50 -24.88 -37.02
C PRO A 275 7.62 -23.52 -37.73
N LEU A 276 8.24 -22.55 -37.06
CA LEU A 276 8.32 -21.21 -37.63
C LEU A 276 9.29 -21.17 -38.81
N ALA A 277 10.32 -22.02 -38.76
CA ALA A 277 11.31 -22.13 -39.87
C ALA A 277 10.76 -22.95 -41.03
N GLU A 278 9.81 -23.82 -40.74
CA GLU A 278 9.29 -24.81 -41.71
C GLU A 278 8.11 -24.25 -42.52
N GLU A 279 7.77 -22.97 -42.32
CA GLU A 279 6.73 -22.34 -43.09
C GLU A 279 7.26 -21.09 -43.81
N SER A 280 6.52 -20.67 -44.83
CA SER A 280 6.92 -19.51 -45.63
C SER A 280 5.73 -18.75 -46.16
N PHE A 281 5.74 -17.42 -46.00
CA PHE A 281 4.67 -16.55 -46.49
C PHE A 281 5.29 -15.33 -47.17
N GLU A 282 4.46 -14.50 -47.76
CA GLU A 282 4.94 -13.25 -48.35
C GLU A 282 5.68 -12.43 -47.32
N TRP A 283 5.06 -12.27 -46.14
CA TRP A 283 5.67 -11.55 -45.06
C TRP A 283 5.88 -12.51 -43.87
N PRO A 284 6.92 -12.28 -43.07
CA PRO A 284 7.17 -13.20 -41.97
C PRO A 284 6.03 -13.18 -40.97
N ARG A 285 5.68 -14.34 -40.43
CA ARG A 285 4.59 -14.42 -39.49
C ARG A 285 4.85 -13.47 -38.32
N TYR A 286 6.06 -13.54 -37.78
CA TYR A 286 6.50 -12.72 -36.70
C TYR A 286 7.63 -11.86 -37.25
N VAL A 287 7.56 -10.56 -36.97
CA VAL A 287 8.55 -9.63 -37.43
C VAL A 287 9.61 -9.38 -36.37
N VAL A 288 10.87 -9.67 -36.73
CA VAL A 288 12.00 -9.65 -35.78
C VAL A 288 13.16 -8.85 -36.33
N GLY A 289 13.82 -8.09 -35.47
CA GLY A 289 15.11 -7.44 -35.85
C GLY A 289 15.41 -6.13 -35.17
N SER A 290 16.44 -5.48 -35.67
CA SER A 290 16.79 -4.12 -35.25
C SER A 290 15.68 -3.15 -35.57
N PRO A 291 15.75 -1.93 -35.00
CA PRO A 291 14.70 -0.94 -35.30
C PRO A 291 14.54 -0.65 -36.77
N ASP A 292 15.66 -0.45 -37.48
CA ASP A 292 15.59 -0.18 -38.90
C ASP A 292 15.00 -1.35 -39.69
N ARG A 293 15.41 -2.58 -39.38
CA ARG A 293 14.91 -3.75 -40.11
C ARG A 293 13.42 -3.95 -39.91
N VAL A 294 12.97 -3.85 -38.67
CA VAL A 294 11.57 -3.99 -38.38
C VAL A 294 10.74 -2.85 -38.97
N ARG A 295 11.25 -1.63 -38.89
CA ARG A 295 10.54 -0.50 -39.44
C ARG A 295 10.30 -0.71 -40.92
N ASP A 296 11.38 -1.07 -41.63
CA ASP A 296 11.27 -1.22 -43.08
C ASP A 296 10.29 -2.34 -43.47
N GLN A 297 10.38 -3.48 -42.78
CA GLN A 297 9.48 -4.59 -43.05
C GLN A 297 8.02 -4.22 -42.79
N LEU A 298 7.78 -3.59 -41.63
CA LEU A 298 6.41 -3.23 -41.26
C LEU A 298 5.82 -2.17 -42.18
N THR A 299 6.65 -1.22 -42.60
CA THR A 299 6.21 -0.18 -43.50
C THR A 299 5.77 -0.75 -44.87
N LYS A 300 6.52 -1.71 -45.40
CA LYS A 300 6.12 -2.41 -46.63
C LYS A 300 4.76 -3.05 -46.46
N ALA A 302 2.40 -2.31 -44.18
CA ALA A 302 1.36 -1.27 -44.04
C ALA A 302 0.99 -0.61 -45.39
N ASP A 303 2.00 -0.29 -46.19
CA ASP A 303 1.75 0.29 -47.53
C ASP A 303 0.89 -0.67 -48.39
N ALA A 304 1.26 -1.94 -48.41
CA ALA A 304 0.54 -2.94 -49.23
C ALA A 304 -0.90 -3.19 -48.80
N THR A 305 -1.15 -3.15 -47.49
CA THR A 305 -2.47 -3.46 -46.95
C THR A 305 -3.38 -2.23 -46.73
N GLY A 306 -2.82 -1.04 -46.85
CA GLY A 306 -3.55 0.19 -46.51
C GLY A 306 -3.78 0.39 -45.02
N ALA A 307 -2.95 -0.26 -44.19
CA ALA A 307 -3.17 -0.21 -42.75
C ALA A 307 -2.84 1.18 -42.26
N GLU A 308 -3.72 1.75 -41.45
CA GLU A 308 -3.50 3.07 -40.83
C GLU A 308 -2.63 2.92 -39.58
N GLU A 309 -2.68 1.73 -39.00
CA GLU A 309 -2.14 1.53 -37.69
C GLU A 309 -1.69 0.07 -37.58
N LEU A 310 -0.62 -0.18 -36.82
CA LEU A 310 -0.16 -1.54 -36.53
C LEU A 310 -0.50 -1.82 -35.09
N GLY A 311 -1.20 -2.91 -34.85
CA GLY A 311 -1.47 -3.41 -33.49
C GLY A 311 -0.35 -4.38 -33.09
N VAL A 312 0.51 -3.96 -32.19
CA VAL A 312 1.73 -4.64 -31.93
C VAL A 312 1.61 -5.60 -30.76
N VAL A 313 1.74 -6.89 -31.09
CA VAL A 313 1.64 -7.99 -30.16
C VAL A 313 3.05 -8.46 -29.85
N SER A 314 3.27 -9.00 -28.65
CA SER A 314 4.56 -9.52 -28.28
C SER A 314 4.46 -10.80 -27.46
N ILE A 316 7.27 -12.07 -25.35
CA ILE A 316 8.62 -11.85 -24.86
C ILE A 316 8.68 -12.23 -23.37
N HIS A 317 9.72 -12.96 -22.99
CA HIS A 317 9.81 -13.49 -21.61
C HIS A 317 10.05 -12.45 -20.56
N ASP A 318 11.00 -11.57 -20.83
CA ASP A 318 11.51 -10.62 -19.82
C ASP A 318 10.93 -9.23 -20.04
N GLN A 319 10.35 -8.66 -18.98
CA GLN A 319 9.66 -7.38 -19.09
C GLN A 319 10.56 -6.27 -19.58
N ARG A 320 11.84 -6.27 -19.20
CA ARG A 320 12.70 -5.20 -19.67
C ARG A 320 12.99 -5.33 -21.17
N ASP A 321 13.12 -6.56 -21.65
CA ASP A 321 13.24 -6.80 -23.11
C ASP A 321 11.96 -6.34 -23.84
N ARG A 322 10.81 -6.64 -23.24
CA ARG A 322 9.56 -6.28 -23.83
C ARG A 322 9.35 -4.76 -23.92
N LEU A 323 9.53 -4.06 -22.81
CA LEU A 323 9.40 -2.60 -22.83
C LEU A 323 10.36 -1.97 -23.85
N ARG A 324 11.57 -2.49 -23.89
CA ARG A 324 12.56 -2.02 -24.83
C ARG A 324 12.07 -2.11 -26.27
N SER A 325 11.47 -3.24 -26.63
CA SER A 325 10.94 -3.45 -27.95
C SER A 325 9.95 -2.35 -28.30
N TYR A 326 9.01 -2.08 -27.40
CA TYR A 326 8.00 -1.07 -27.66
C TYR A 326 8.58 0.35 -27.67
N ARG A 327 9.61 0.61 -26.85
CA ARG A 327 10.29 1.90 -26.84
C ARG A 327 11.03 2.15 -28.16
N LEU A 328 11.74 1.13 -28.61
CA LEU A 328 12.46 1.24 -29.90
C LEU A 328 11.52 1.44 -31.06
N LEU A 329 10.36 0.78 -31.03
CA LEU A 329 9.40 0.90 -32.11
C LEU A 329 8.82 2.34 -32.19
N ALA A 330 8.50 2.90 -31.02
CA ALA A 330 7.94 4.25 -30.97
C ALA A 330 8.94 5.24 -31.63
N GLU A 331 10.20 5.09 -31.28
CA GLU A 331 11.28 5.94 -31.85
C GLU A 331 11.40 5.70 -33.37
N ALA A 332 11.39 4.44 -33.78
CA ALA A 332 11.52 4.12 -35.21
C ALA A 332 10.37 4.66 -36.04
N PHE A 333 9.17 4.70 -35.46
CA PHE A 333 8.02 5.21 -36.16
C PHE A 333 7.71 6.69 -35.85
N GLU A 334 8.63 7.34 -35.18
CA GLU A 334 8.55 8.78 -34.92
C GLU A 334 7.27 9.16 -34.19
N LEU A 335 6.88 8.34 -33.22
CA LEU A 335 5.69 8.65 -32.45
C LEU A 335 5.94 9.93 -31.64
N THR A 336 4.93 10.76 -31.53
CA THR A 336 5.01 11.94 -30.69
C THR A 336 4.61 11.60 -29.24
N PRO A 337 5.52 11.77 -28.31
CA PRO A 337 5.14 11.44 -26.92
C PRO A 337 4.06 12.37 -26.40
N ARG A 338 3.30 11.88 -25.43
CA ARG A 338 2.24 12.68 -24.86
C ARG A 338 2.82 13.51 -23.73
N HIS B 2 -16.61 -0.85 23.42
CA HIS B 2 -17.25 -2.15 23.18
C HIS B 2 -17.09 -2.55 21.72
N HIS B 3 -17.30 -3.83 21.48
CA HIS B 3 -17.35 -4.37 20.16
C HIS B 3 -18.62 -3.93 19.44
N HIS B 4 -18.67 -2.64 19.05
CA HIS B 4 -19.78 -2.10 18.25
C HIS B 4 -19.83 -2.94 17.00
N VAL B 5 -20.96 -2.87 16.35
CA VAL B 5 -21.02 -3.45 15.05
C VAL B 5 -20.08 -2.69 14.08
N LYS B 6 -19.45 -3.44 13.17
CA LYS B 6 -18.67 -2.87 12.10
C LYS B 6 -19.59 -2.30 11.01
N LEU B 7 -19.06 -1.40 10.19
CA LEU B 7 -19.83 -0.76 9.12
C LEU B 7 -19.20 -1.01 7.78
N SER B 8 -20.06 -1.25 6.78
CA SER B 8 -19.66 -1.46 5.42
C SER B 8 -20.63 -0.66 4.51
N VAL B 9 -20.30 -0.58 3.22
CA VAL B 9 -21.09 0.23 2.26
C VAL B 9 -21.61 -0.72 1.17
N VAL B 10 -22.90 -0.59 0.85
CA VAL B 10 -23.51 -1.25 -0.29
C VAL B 10 -24.01 -0.15 -1.21
N GLU B 11 -23.45 -0.12 -2.42
CA GLU B 11 -23.61 0.97 -3.33
C GLU B 11 -24.37 0.50 -4.58
N GLN B 12 -25.59 1.00 -4.76
CA GLN B 12 -26.35 0.74 -5.99
C GLN B 12 -26.19 1.87 -7.03
N ALA B 13 -25.47 2.92 -6.66
CA ALA B 13 -25.16 4.03 -7.57
C ALA B 13 -26.42 4.70 -8.13
N PRO B 14 -27.22 5.28 -7.25
CA PRO B 14 -28.42 5.91 -7.75
C PRO B 14 -28.11 7.10 -8.66
N VAL B 15 -28.99 7.34 -9.61
CA VAL B 15 -28.88 8.50 -10.49
C VAL B 15 -29.88 9.53 -9.99
N VAL B 16 -29.40 10.74 -9.77
CA VAL B 16 -30.17 11.73 -9.02
C VAL B 16 -30.54 12.92 -9.96
N GLU B 17 -31.68 13.52 -9.67
CA GLU B 17 -32.21 14.61 -10.50
C GLU B 17 -31.19 15.73 -10.66
N GLY B 18 -30.96 16.10 -11.91
CA GLY B 18 -29.97 17.10 -12.22
C GLY B 18 -28.64 16.57 -12.70
N LEU B 19 -28.36 15.27 -12.41
CA LEU B 19 -27.08 14.67 -12.76
C LEU B 19 -27.31 13.53 -13.72
N THR B 20 -26.22 12.82 -14.02
CA THR B 20 -26.20 11.76 -15.01
C THR B 20 -25.61 10.50 -14.39
N PRO B 21 -25.79 9.37 -15.07
CA PRO B 21 -25.13 8.12 -14.59
C PRO B 21 -23.60 8.24 -14.40
N ALA B 22 -22.92 9.04 -15.24
CA ALA B 22 -21.50 9.24 -15.07
C ALA B 22 -21.15 9.93 -13.73
N HIS B 23 -21.99 10.83 -13.28
CA HIS B 23 -21.80 11.46 -11.96
C HIS B 23 -21.94 10.42 -10.86
N SER B 24 -22.93 9.54 -11.00
CA SER B 24 -23.17 8.49 -10.03
C SER B 24 -21.94 7.64 -9.86
N LEU B 25 -21.31 7.25 -10.98
CA LEU B 25 -20.10 6.45 -10.90
C LEU B 25 -18.95 7.17 -10.20
N GLN B 26 -18.74 8.44 -10.55
CA GLN B 26 -17.71 9.23 -9.93
C GLN B 26 -17.99 9.37 -8.43
N HIS B 27 -19.24 9.58 -8.10
CA HIS B 27 -19.62 9.65 -6.67
C HIS B 27 -19.39 8.37 -5.92
N SER B 28 -19.49 7.23 -6.61
CA SER B 28 -19.22 5.91 -5.99
C SER B 28 -17.81 5.79 -5.62
N ILE B 29 -16.95 6.24 -6.51
CA ILE B 29 -15.52 6.23 -6.23
C ILE B 29 -15.14 7.13 -5.05
N GLU B 30 -15.71 8.33 -5.01
CA GLU B 30 -15.50 9.25 -3.93
C GLU B 30 -15.96 8.66 -2.58
N LEU B 31 -17.10 8.03 -2.60
CA LEU B 31 -17.62 7.40 -1.37
C LEU B 31 -16.74 6.24 -0.94
N ALA B 32 -16.26 5.45 -1.89
CA ALA B 32 -15.37 4.35 -1.56
C ALA B 32 -14.03 4.82 -0.94
N ARG B 33 -13.46 5.88 -1.50
N ARG B 33 -13.46 5.89 -1.50
CA ARG B 33 -12.23 6.46 -0.93
CA ARG B 33 -12.22 6.47 -0.93
C ARG B 33 -12.48 6.94 0.52
C ARG B 33 -12.47 6.96 0.51
N LEU B 34 -13.62 7.59 0.73
CA LEU B 34 -13.99 8.02 2.09
C LEU B 34 -14.15 6.84 3.03
N ALA B 35 -14.90 5.84 2.57
CA ALA B 35 -15.12 4.65 3.36
C ALA B 35 -13.84 3.93 3.68
N ASP B 36 -12.91 3.90 2.73
CA ASP B 36 -11.61 3.32 2.97
C ASP B 36 -10.90 4.08 4.11
N ARG B 37 -10.82 5.38 3.98
CA ARG B 37 -10.12 6.22 5.00
C ARG B 37 -10.78 6.12 6.37
N LEU B 38 -12.09 6.04 6.41
CA LEU B 38 -12.83 6.05 7.69
C LEU B 38 -12.85 4.73 8.44
N GLY B 39 -12.51 3.65 7.79
CA GLY B 39 -12.43 2.34 8.41
C GLY B 39 -13.63 1.44 8.20
N TYR B 40 -14.42 1.69 7.15
CA TYR B 40 -15.44 0.71 6.76
C TYR B 40 -14.77 -0.60 6.35
N GLU B 41 -15.44 -1.72 6.57
CA GLU B 41 -14.88 -3.05 6.31
C GLU B 41 -14.83 -3.43 4.85
N ARG B 42 -15.95 -3.22 4.14
CA ARG B 42 -16.07 -3.59 2.73
C ARG B 42 -16.98 -2.61 1.98
N PHE B 43 -16.81 -2.57 0.68
CA PHE B 43 -17.57 -1.70 -0.19
C PHE B 43 -18.11 -2.62 -1.28
N TRP B 44 -19.43 -2.80 -1.31
CA TRP B 44 -20.04 -3.63 -2.29
C TRP B 44 -20.77 -2.81 -3.34
N VAL B 45 -20.74 -3.30 -4.57
CA VAL B 45 -21.45 -2.67 -5.68
C VAL B 45 -22.57 -3.61 -6.14
N ALA B 46 -23.79 -3.08 -6.24
CA ALA B 46 -24.98 -3.86 -6.60
C ALA B 46 -25.17 -3.87 -8.12
N GLU B 47 -25.93 -4.83 -8.62
CA GLU B 47 -26.19 -4.96 -10.02
C GLU B 47 -27.64 -4.61 -10.28
N HIS B 48 -27.87 -3.62 -11.12
CA HIS B 48 -29.23 -3.22 -11.55
C HIS B 48 -29.26 -2.99 -13.05
N HIS B 49 -30.25 -3.57 -13.71
CA HIS B 49 -30.36 -3.51 -15.17
C HIS B 49 -31.58 -2.65 -15.60
N ALA B 50 -31.37 -1.85 -16.64
CA ALA B 50 -32.47 -1.14 -17.32
C ALA B 50 -33.32 -0.26 -16.40
N GLU B 51 -32.68 0.37 -15.42
CA GLU B 51 -33.33 1.31 -14.50
C GLU B 51 -32.63 2.66 -14.67
N ILE B 52 -33.38 3.70 -15.04
CA ILE B 52 -32.77 5.00 -15.23
C ILE B 52 -32.21 5.52 -13.91
N PHE B 53 -32.70 5.00 -12.80
CA PHE B 53 -32.32 5.58 -11.51
C PHE B 53 -31.19 4.80 -10.82
N ASN B 54 -30.65 3.77 -11.46
CA ASN B 54 -29.45 3.07 -10.93
C ASN B 54 -28.43 2.93 -12.07
N ALA B 55 -27.18 3.28 -11.79
CA ALA B 55 -26.15 3.45 -12.85
C ALA B 55 -25.27 2.22 -13.20
N VAL B 56 -25.34 1.15 -12.42
CA VAL B 56 -24.39 0.07 -12.56
C VAL B 56 -25.06 -1.28 -12.82
N PRO B 57 -25.08 -1.68 -14.10
CA PRO B 57 -25.50 -3.02 -14.47
C PRO B 57 -24.37 -4.04 -14.38
N ALA B 58 -23.11 -3.56 -14.30
CA ALA B 58 -21.91 -4.40 -14.37
C ALA B 58 -20.98 -4.07 -13.20
N PRO B 59 -21.32 -4.56 -12.01
CA PRO B 59 -20.56 -4.22 -10.81
C PRO B 59 -19.10 -4.53 -10.94
N GLU B 60 -18.76 -5.58 -11.67
CA GLU B 60 -17.37 -6.00 -11.83
C GLU B 60 -16.48 -4.91 -12.41
N ILE B 61 -17.06 -4.05 -13.24
CA ILE B 61 -16.29 -2.93 -13.84
C ILE B 61 -16.00 -1.86 -12.80
N LEU B 62 -16.99 -1.51 -11.99
CA LEU B 62 -16.77 -0.55 -10.93
C LEU B 62 -15.85 -1.11 -9.80
N ILE B 63 -15.97 -2.42 -9.52
CA ILE B 63 -15.07 -3.08 -8.59
C ILE B 63 -13.63 -2.96 -9.05
N ALA B 64 -13.39 -3.23 -10.31
CA ALA B 64 -12.03 -3.17 -10.85
C ALA B 64 -11.42 -1.78 -10.66
N ARG B 65 -12.24 -0.74 -10.81
CA ARG B 65 -11.77 0.62 -10.61
C ARG B 65 -11.60 0.96 -9.14
N ILE B 66 -12.62 0.69 -8.35
CA ILE B 66 -12.60 1.10 -6.94
C ILE B 66 -11.51 0.41 -6.14
N ALA B 67 -11.21 -0.85 -6.46
CA ALA B 67 -10.09 -1.53 -5.79
C ALA B 67 -8.76 -0.87 -6.07
N ALA B 68 -8.61 -0.27 -7.24
CA ALA B 68 -7.38 0.51 -7.57
C ALA B 68 -7.30 1.85 -6.84
N GLU B 69 -8.44 2.35 -6.38
CA GLU B 69 -8.54 3.68 -5.73
C GLU B 69 -8.49 3.59 -4.20
N THR B 70 -8.40 2.38 -3.65
CA THR B 70 -8.49 2.14 -2.23
C THR B 70 -7.42 1.13 -1.83
N SER B 71 -7.12 1.08 -0.54
CA SER B 71 -6.05 0.21 -0.07
C SER B 71 -6.45 -0.82 0.93
N GLY B 72 -7.29 -0.45 1.89
CA GLY B 72 -7.61 -1.37 3.00
C GLY B 72 -8.98 -2.02 2.97
N ILE B 73 -9.97 -1.26 2.55
CA ILE B 73 -11.35 -1.77 2.45
C ILE B 73 -11.41 -2.93 1.48
N ARG B 74 -12.20 -3.95 1.80
CA ARG B 74 -12.51 -4.99 0.84
C ARG B 74 -13.49 -4.40 -0.21
N VAL B 75 -13.41 -4.91 -1.42
CA VAL B 75 -14.27 -4.42 -2.53
C VAL B 75 -14.85 -5.59 -3.22
N GLY B 76 -16.13 -5.50 -3.56
CA GLY B 76 -16.77 -6.61 -4.21
C GLY B 76 -18.18 -6.35 -4.69
N SER B 77 -18.82 -7.42 -5.13
CA SER B 77 -20.18 -7.38 -5.61
C SER B 77 -21.19 -7.65 -4.53
N GLY B 78 -22.27 -6.87 -4.53
CA GLY B 78 -23.40 -7.05 -3.60
C GLY B 78 -24.74 -6.77 -4.27
N GLY B 79 -25.14 -7.57 -5.25
CA GLY B 79 -24.46 -8.80 -5.64
C GLY B 79 -24.53 -9.06 -7.15
N VAL B 80 -23.67 -9.93 -7.65
CA VAL B 80 -23.78 -10.41 -9.01
C VAL B 80 -25.00 -11.32 -9.16
N LEU B 81 -25.79 -11.07 -10.20
CA LEU B 81 -27.01 -11.85 -10.47
C LEU B 81 -26.67 -13.14 -11.24
N LEU B 82 -26.22 -14.13 -10.47
CA LEU B 82 -25.58 -15.31 -11.00
C LEU B 82 -26.50 -16.12 -11.93
N SER B 83 -27.82 -15.98 -11.75
CA SER B 83 -28.75 -16.70 -12.61
C SER B 83 -28.66 -16.28 -14.04
N LEU B 84 -28.03 -15.11 -14.29
CA LEU B 84 -27.94 -14.58 -15.63
C LEU B 84 -26.70 -15.01 -16.38
N TYR B 85 -25.74 -15.61 -15.68
CA TYR B 85 -24.42 -15.82 -16.21
C TYR B 85 -23.94 -17.25 -16.08
N SER B 86 -23.00 -17.63 -16.94
CA SER B 86 -22.22 -18.84 -16.72
C SER B 86 -21.44 -18.72 -15.43
N PRO B 87 -21.54 -19.73 -14.54
CA PRO B 87 -20.70 -19.70 -13.35
C PRO B 87 -19.20 -19.68 -13.64
N LEU B 88 -18.76 -20.25 -14.77
CA LEU B 88 -17.36 -20.19 -15.13
C LEU B 88 -16.93 -18.77 -15.47
N LYS B 89 -17.75 -18.09 -16.24
CA LYS B 89 -17.47 -16.68 -16.56
C LYS B 89 -17.34 -15.86 -15.30
N VAL B 90 -18.30 -15.98 -14.40
CA VAL B 90 -18.21 -15.25 -13.15
C VAL B 90 -16.91 -15.57 -12.38
N ALA B 91 -16.58 -16.85 -12.29
CA ALA B 91 -15.36 -17.29 -11.63
C ALA B 91 -14.12 -16.65 -12.26
N GLU B 92 -14.06 -16.65 -13.58
CA GLU B 92 -12.94 -16.03 -14.29
C GLU B 92 -12.83 -14.53 -14.00
N VAL B 93 -13.95 -13.84 -14.05
CA VAL B 93 -13.98 -12.40 -13.78
C VAL B 93 -13.42 -12.12 -12.38
N PHE B 94 -13.88 -12.87 -11.40
CA PHE B 94 -13.50 -12.58 -10.05
C PHE B 94 -12.13 -13.12 -9.71
N ARG B 95 -11.69 -14.17 -10.39
CA ARG B 95 -10.28 -14.57 -10.32
C ARG B 95 -9.35 -13.48 -10.87
N THR B 96 -9.77 -12.84 -11.95
CA THR B 96 -8.98 -11.75 -12.53
C THR B 96 -8.89 -10.59 -11.52
N LEU B 97 -10.00 -10.26 -10.87
CA LEU B 97 -9.99 -9.24 -9.83
C LEU B 97 -9.06 -9.63 -8.70
N HIS B 98 -9.15 -10.90 -8.28
CA HIS B 98 -8.30 -11.39 -7.19
C HIS B 98 -6.83 -11.32 -7.58
N ALA B 99 -6.52 -11.56 -8.85
CA ALA B 99 -5.13 -11.53 -9.31
C ALA B 99 -4.58 -10.10 -9.33
N LEU B 100 -5.47 -9.10 -9.55
CA LEU B 100 -5.12 -7.69 -9.46
C LEU B 100 -5.05 -7.21 -8.00
N TYR B 101 -5.92 -7.76 -7.13
CA TYR B 101 -6.18 -7.18 -5.80
C TYR B 101 -6.20 -8.33 -4.78
N PRO B 102 -5.04 -8.94 -4.55
CA PRO B 102 -4.99 -10.17 -3.82
C PRO B 102 -5.66 -10.12 -2.46
N ASP B 103 -6.56 -11.06 -2.28
CA ASP B 103 -7.28 -11.29 -1.02
C ASP B 103 -8.10 -10.07 -0.57
N ARG B 104 -8.50 -9.20 -1.50
CA ARG B 104 -9.34 -8.06 -1.17
C ARG B 104 -10.78 -8.16 -1.72
N ILE B 105 -11.08 -9.19 -2.50
CA ILE B 105 -12.29 -9.19 -3.35
C ILE B 105 -13.38 -10.08 -2.75
N ASP B 106 -14.58 -9.52 -2.64
CA ASP B 106 -15.78 -10.26 -2.28
C ASP B 106 -16.60 -10.54 -3.54
N LEU B 107 -17.04 -11.79 -3.70
CA LEU B 107 -18.00 -12.16 -4.68
C LEU B 107 -19.35 -12.42 -4.01
N GLY B 108 -20.11 -11.35 -3.79
CA GLY B 108 -21.47 -11.46 -3.32
C GLY B 108 -22.40 -11.81 -4.47
N ILE B 109 -23.29 -12.75 -4.22
CA ILE B 109 -24.21 -13.30 -5.24
C ILE B 109 -25.61 -12.99 -4.78
N GLY B 110 -26.42 -12.44 -5.68
CA GLY B 110 -27.80 -12.09 -5.37
C GLY B 110 -28.80 -12.68 -6.36
N ARG B 111 -30.07 -12.65 -5.97
CA ARG B 111 -31.17 -13.20 -6.79
C ARG B 111 -31.58 -12.26 -7.92
N ALA B 112 -31.98 -12.87 -9.05
CA ALA B 112 -32.44 -12.15 -10.22
C ALA B 112 -33.98 -12.08 -10.31
N ASN B 113 -34.65 -12.37 -9.19
CA ASN B 113 -36.12 -12.40 -9.14
C ASN B 113 -36.80 -11.04 -9.34
N ARG B 114 -36.04 -9.93 -9.20
CA ARG B 114 -36.61 -8.60 -9.41
C ARG B 114 -36.19 -7.97 -10.74
N VAL B 115 -35.43 -8.72 -11.56
CA VAL B 115 -35.11 -8.28 -12.94
C VAL B 115 -36.41 -8.36 -13.78
N LYS B 116 -36.70 -7.31 -14.56
CA LYS B 116 -37.89 -7.32 -15.44
C LYS B 116 -37.78 -8.42 -16.49
N LEU B 117 -38.90 -9.06 -16.85
CA LEU B 117 -38.83 -10.30 -17.65
C LEU B 117 -38.19 -10.16 -19.04
N PRO B 118 -38.55 -9.13 -19.81
CA PRO B 118 -37.91 -8.97 -21.11
C PRO B 118 -36.40 -8.75 -21.01
N VAL B 119 -35.98 -8.03 -19.96
CA VAL B 119 -34.58 -7.75 -19.74
C VAL B 119 -33.86 -9.04 -19.36
N PHE B 120 -34.45 -9.78 -18.41
CA PHE B 120 -33.93 -11.08 -18.01
C PHE B 120 -33.74 -11.97 -19.24
N ALA B 121 -34.76 -12.04 -20.09
CA ALA B 121 -34.71 -12.91 -21.27
C ALA B 121 -33.55 -12.50 -22.20
N ALA B 122 -33.40 -11.19 -22.41
CA ALA B 122 -32.29 -10.66 -23.23
C ALA B 122 -30.88 -10.93 -22.60
N LEU B 123 -30.78 -10.87 -21.28
CA LEU B 123 -29.49 -11.10 -20.62
C LEU B 123 -29.15 -12.57 -20.70
N ARG B 124 -30.17 -13.42 -20.59
CA ARG B 124 -29.96 -14.86 -20.68
C ARG B 124 -29.57 -15.33 -22.04
N ASP B 125 -30.24 -14.78 -23.05
CA ASP B 125 -29.90 -15.07 -24.44
C ASP B 125 -29.99 -16.60 -24.66
N ASP B 126 -31.21 -17.15 -24.49
CA ASP B 126 -31.43 -18.55 -24.04
C ASP B 126 -31.01 -18.78 -22.55
N SER B 133 -35.54 -19.78 -11.34
CA SER B 133 -35.91 -20.90 -10.46
C SER B 133 -35.19 -20.83 -9.13
N SER B 134 -35.88 -21.23 -8.06
CA SER B 134 -35.32 -21.18 -6.72
C SER B 134 -34.03 -22.00 -6.58
N ASP B 135 -34.15 -23.27 -6.96
CA ASP B 135 -33.07 -24.23 -6.84
C ASP B 135 -31.97 -24.07 -7.89
N ASP B 136 -32.29 -23.48 -9.04
CA ASP B 136 -31.27 -23.26 -10.06
C ASP B 136 -30.11 -22.39 -9.52
N LEU B 137 -30.44 -21.35 -8.77
CA LEU B 137 -29.40 -20.44 -8.26
C LEU B 137 -28.46 -21.21 -7.36
N TRP B 138 -29.01 -22.07 -6.49
CA TRP B 138 -28.17 -22.80 -5.54
C TRP B 138 -27.27 -23.81 -6.25
N ARG B 139 -27.77 -24.38 -7.34
CA ARG B 139 -26.95 -25.21 -8.20
C ARG B 139 -25.80 -24.42 -8.87
N ARG B 140 -26.12 -23.25 -9.40
CA ARG B 140 -25.09 -22.38 -10.01
C ARG B 140 -24.04 -21.97 -8.99
N LEU B 141 -24.51 -21.73 -7.79
CA LEU B 141 -23.64 -21.34 -6.71
C LEU B 141 -22.66 -22.48 -6.34
N GLU B 142 -23.12 -23.72 -6.37
CA GLU B 142 -22.23 -24.88 -6.21
C GLU B 142 -21.24 -24.99 -7.35
N GLN B 143 -21.73 -24.80 -8.57
CA GLN B 143 -20.85 -24.82 -9.73
C GLN B 143 -19.77 -23.74 -9.62
N LEU B 144 -20.17 -22.55 -9.20
CA LEU B 144 -19.22 -21.44 -9.03
C LEU B 144 -18.16 -21.82 -8.02
N ARG B 145 -18.59 -22.34 -6.87
CA ARG B 145 -17.65 -22.73 -5.80
C ARG B 145 -16.66 -23.79 -6.33
N ALA B 146 -17.13 -24.71 -7.17
CA ALA B 146 -16.29 -25.72 -7.77
C ALA B 146 -15.30 -25.11 -8.76
N TYR B 147 -15.74 -24.14 -9.55
CA TYR B 147 -14.80 -23.49 -10.46
C TYR B 147 -13.74 -22.71 -9.72
N LEU B 148 -14.09 -22.18 -8.56
CA LEU B 148 -13.13 -21.46 -7.73
C LEU B 148 -12.20 -22.39 -6.92
N ASP B 149 -12.43 -23.70 -6.99
CA ASP B 149 -11.53 -24.68 -6.32
C ASP B 149 -10.66 -25.34 -7.36
N PRO B 150 -9.36 -24.96 -7.39
CA PRO B 150 -8.50 -25.48 -8.46
C PRO B 150 -8.19 -26.99 -8.36
N ASP B 151 -8.57 -27.63 -7.26
CA ASP B 151 -8.37 -29.08 -7.10
C ASP B 151 -9.64 -29.89 -7.35
N SER B 152 -10.63 -29.30 -8.03
CA SER B 152 -11.94 -29.95 -8.13
C SER B 152 -12.00 -31.00 -9.25
N GLY B 153 -10.89 -31.19 -9.97
CA GLY B 153 -10.77 -32.27 -10.95
C GLY B 153 -11.45 -31.98 -12.27
N LEU B 154 -11.56 -30.69 -12.62
CA LEU B 154 -12.14 -30.30 -13.91
C LEU B 154 -11.15 -30.59 -15.02
N PRO B 155 -11.66 -30.86 -16.24
CA PRO B 155 -10.75 -31.11 -17.36
C PRO B 155 -9.96 -29.88 -17.88
N PHE B 156 -10.19 -28.68 -17.31
CA PHE B 156 -9.47 -27.49 -17.74
C PHE B 156 -9.22 -26.59 -16.54
N THR B 157 -8.32 -25.62 -16.71
CA THR B 157 -8.02 -24.64 -15.65
C THR B 157 -8.88 -23.39 -15.73
N VAL B 158 -9.10 -22.77 -14.59
CA VAL B 158 -9.83 -21.53 -14.51
C VAL B 158 -8.81 -20.41 -14.36
N SER B 159 -8.57 -19.70 -15.45
CA SER B 159 -7.61 -18.61 -15.46
C SER B 159 -8.17 -17.37 -14.83
N PRO B 160 -7.30 -16.53 -14.27
CA PRO B 160 -5.92 -16.77 -13.94
C PRO B 160 -5.81 -17.48 -12.61
N ARG B 161 -4.99 -18.51 -12.53
CA ARG B 161 -4.75 -19.22 -11.27
C ARG B 161 -3.83 -18.44 -10.36
N PRO B 163 -2.94 -18.45 -5.77
CA PRO B 163 -3.38 -18.91 -4.45
C PRO B 163 -4.57 -18.09 -3.92
N GLY B 164 -5.47 -18.78 -3.21
CA GLY B 164 -6.61 -18.15 -2.60
C GLY B 164 -7.62 -17.73 -3.67
N GLY B 165 -8.52 -16.84 -3.30
CA GLY B 165 -9.59 -16.48 -4.23
C GLY B 165 -10.51 -15.48 -3.61
N PRO B 166 -11.51 -15.04 -4.39
CA PRO B 166 -12.49 -14.13 -3.84
C PRO B 166 -13.35 -14.82 -2.78
N ALA B 167 -13.83 -14.03 -1.83
CA ALA B 167 -14.71 -14.52 -0.77
C ALA B 167 -16.17 -14.54 -1.26
N LEU B 168 -16.76 -15.73 -1.25
CA LEU B 168 -18.17 -15.92 -1.65
C LEU B 168 -19.14 -15.49 -0.56
N TRP B 169 -20.10 -14.66 -0.91
CA TRP B 169 -21.18 -14.23 -0.01
C TRP B 169 -22.53 -14.43 -0.71
N LEU B 170 -23.54 -14.81 0.06
CA LEU B 170 -24.90 -14.86 -0.48
C LEU B 170 -25.70 -13.72 0.10
N LEU B 171 -26.33 -12.98 -0.80
CA LEU B 171 -27.23 -11.89 -0.43
C LEU B 171 -28.63 -12.39 -0.57
N GLY B 172 -29.45 -12.12 0.43
CA GLY B 172 -30.88 -12.51 0.33
C GLY B 172 -31.82 -11.51 0.96
N ALA B 173 -33.12 -11.71 0.68
CA ALA B 173 -34.17 -10.89 1.25
C ALA B 173 -35.39 -11.77 1.51
N SER B 174 -35.13 -12.98 2.00
CA SER B 174 -36.15 -14.00 2.23
C SER B 174 -35.64 -15.01 3.23
N VAL B 175 -36.58 -15.66 3.93
CA VAL B 175 -36.21 -16.75 4.84
C VAL B 175 -35.62 -17.92 4.08
N SER B 176 -36.13 -18.17 2.88
CA SER B 176 -35.60 -19.23 2.04
C SER B 176 -34.11 -19.05 1.72
N SER B 177 -33.70 -17.82 1.44
CA SER B 177 -32.28 -17.56 1.12
C SER B 177 -31.41 -17.83 2.32
N ALA B 178 -31.91 -17.49 3.50
CA ALA B 178 -31.20 -17.67 4.72
C ALA B 178 -30.99 -19.19 4.99
N GLU B 179 -32.01 -20.00 4.68
CA GLU B 179 -31.91 -21.47 4.76
C GLU B 179 -30.86 -22.00 3.83
N ALA B 180 -30.81 -21.46 2.62
CA ALA B 180 -29.82 -21.88 1.63
C ALA B 180 -28.41 -21.52 2.05
N ALA B 181 -28.21 -20.28 2.53
CA ALA B 181 -26.92 -19.86 3.00
C ALA B 181 -26.46 -20.71 4.16
N ALA B 182 -27.39 -21.03 5.07
CA ALA B 182 -27.10 -21.92 6.19
C ALA B 182 -26.67 -23.31 5.73
N ARG B 183 -27.46 -23.87 4.84
CA ARG B 183 -27.21 -25.19 4.30
C ARG B 183 -25.83 -25.28 3.68
N LEU B 184 -25.43 -24.23 2.98
CA LEU B 184 -24.20 -24.22 2.18
C LEU B 184 -22.99 -23.71 2.95
N GLY B 185 -23.22 -23.24 4.16
CA GLY B 185 -22.16 -22.73 5.00
C GLY B 185 -21.56 -21.46 4.45
N LEU B 186 -22.41 -20.60 3.92
CA LEU B 186 -21.93 -19.34 3.35
C LEU B 186 -22.15 -18.16 4.24
N PRO B 187 -21.24 -17.16 4.18
CA PRO B 187 -21.51 -15.87 4.75
C PRO B 187 -22.78 -15.30 4.07
N TYR B 188 -23.58 -14.55 4.84
CA TYR B 188 -24.89 -14.17 4.42
C TYR B 188 -25.17 -12.73 4.74
N ALA B 189 -25.71 -12.00 3.77
CA ALA B 189 -26.11 -10.62 3.98
C ALA B 189 -27.60 -10.49 3.70
N TYR B 190 -28.36 -10.12 4.71
CA TYR B 190 -29.81 -9.96 4.60
C TYR B 190 -30.22 -8.53 4.35
N ALA B 191 -31.01 -8.33 3.32
CA ALA B 191 -31.54 -7.00 3.00
C ALA B 191 -32.79 -6.62 3.79
N HIS B 192 -32.57 -6.07 4.97
CA HIS B 192 -33.63 -5.62 5.83
C HIS B 192 -34.50 -4.57 5.14
N PHE B 193 -33.86 -3.70 4.36
CA PHE B 193 -34.54 -2.60 3.75
C PHE B 193 -35.46 -3.06 2.62
N ILE B 194 -35.25 -4.29 2.17
CA ILE B 194 -36.10 -4.89 1.11
C ILE B 194 -37.26 -5.68 1.72
N THR B 195 -36.97 -6.52 2.71
CA THR B 195 -37.97 -7.38 3.33
C THR B 195 -37.94 -7.28 4.87
N PRO B 196 -38.35 -6.12 5.39
CA PRO B 196 -38.25 -5.88 6.83
C PRO B 196 -39.25 -6.73 7.63
N GLN B 197 -40.25 -7.29 6.97
CA GLN B 197 -41.20 -8.17 7.71
C GLN B 197 -40.57 -9.47 8.21
N PHE B 198 -39.46 -9.92 7.62
CA PHE B 198 -38.86 -11.20 7.98
C PHE B 198 -37.42 -11.14 8.49
N THR B 199 -36.92 -9.95 8.77
CA THR B 199 -35.52 -9.80 9.17
C THR B 199 -35.16 -10.67 10.36
N ARG B 200 -35.91 -10.54 11.45
CA ARG B 200 -35.60 -11.31 12.64
C ARG B 200 -35.64 -12.82 12.37
N GLU B 201 -36.68 -13.29 11.71
CA GLU B 201 -36.81 -14.72 11.43
C GLU B 201 -35.69 -15.23 10.54
N ALA B 202 -35.38 -14.47 9.48
CA ALA B 202 -34.34 -14.85 8.54
C ALA B 202 -32.99 -14.97 9.20
N ASP B 204 -32.39 -15.31 12.43
CA ASP B 204 -32.47 -16.45 13.40
C ASP B 204 -32.28 -17.78 12.67
N THR B 205 -32.98 -17.96 11.56
CA THR B 205 -32.93 -19.18 10.76
C THR B 205 -31.54 -19.46 10.21
N TYR B 206 -30.89 -18.42 9.70
CA TYR B 206 -29.52 -18.54 9.22
C TYR B 206 -28.60 -19.13 10.28
N ARG B 207 -28.65 -18.55 11.47
CA ARG B 207 -27.81 -18.97 12.57
C ARG B 207 -28.17 -20.37 13.07
N ALA B 208 -29.46 -20.62 13.25
CA ALA B 208 -29.93 -21.93 13.78
C ALA B 208 -29.62 -23.11 12.84
N ALA B 209 -29.88 -22.94 11.56
CA ALA B 209 -29.70 -23.98 10.55
C ALA B 209 -28.25 -24.09 10.00
N PHE B 210 -27.35 -23.21 10.46
CA PHE B 210 -26.03 -23.13 9.85
C PHE B 210 -25.30 -24.47 9.88
N VAL B 211 -24.78 -24.87 8.72
CA VAL B 211 -23.87 -26.01 8.60
C VAL B 211 -22.52 -25.50 8.11
N PRO B 212 -21.46 -25.66 8.91
CA PRO B 212 -20.13 -25.18 8.54
C PRO B 212 -19.73 -25.57 7.12
N GLY B 213 -19.16 -24.61 6.39
CA GLY B 213 -18.65 -24.84 5.04
C GLY B 213 -17.15 -24.57 4.96
N PRO B 214 -16.59 -24.62 3.73
CA PRO B 214 -15.13 -24.80 3.56
C PRO B 214 -14.24 -23.83 4.33
N ASP B 215 -14.49 -22.54 4.18
CA ASP B 215 -13.69 -21.53 4.91
C ASP B 215 -14.53 -20.83 5.95
N THR B 216 -15.66 -21.43 6.30
CA THR B 216 -16.63 -20.78 7.15
C THR B 216 -17.14 -21.68 8.29
N PRO B 217 -16.39 -21.75 9.40
CA PRO B 217 -16.77 -22.65 10.50
C PRO B 217 -17.98 -22.19 11.30
N SER B 218 -18.26 -20.89 11.28
CA SER B 218 -19.38 -20.32 12.05
C SER B 218 -20.20 -19.34 11.17
N PRO B 219 -21.45 -19.05 11.55
CA PRO B 219 -22.26 -18.09 10.78
C PRO B 219 -21.55 -16.76 10.65
N ARG B 220 -21.68 -16.12 9.49
CA ARG B 220 -21.10 -14.81 9.27
C ARG B 220 -22.20 -13.89 8.70
N PRO B 221 -23.03 -13.33 9.58
CA PRO B 221 -24.16 -12.54 9.14
C PRO B 221 -23.84 -11.04 9.01
N ILE B 222 -24.30 -10.45 7.91
CA ILE B 222 -24.33 -9.02 7.70
C ILE B 222 -25.79 -8.60 7.55
N LEU B 223 -26.15 -7.45 8.10
CA LEU B 223 -27.45 -6.87 7.89
C LEU B 223 -27.33 -5.63 6.97
N SER B 224 -27.94 -5.69 5.80
CA SER B 224 -27.99 -4.54 4.90
C SER B 224 -29.16 -3.67 5.22
N VAL B 225 -28.87 -2.39 5.41
CA VAL B 225 -29.82 -1.43 5.91
C VAL B 225 -29.65 -0.14 5.13
N VAL B 226 -30.76 0.53 4.83
CA VAL B 226 -30.74 1.89 4.42
C VAL B 226 -30.67 2.80 5.64
N VAL B 227 -29.74 3.73 5.59
CA VAL B 227 -29.60 4.70 6.66
C VAL B 227 -29.52 6.09 6.08
N CYS B 228 -30.24 7.01 6.70
CA CYS B 228 -30.17 8.42 6.36
C CYS B 228 -29.86 9.20 7.64
N CYS B 229 -28.59 9.54 7.83
CA CYS B 229 -28.11 10.16 9.04
C CYS B 229 -27.66 11.61 8.78
N ALA B 230 -28.02 12.52 9.68
CA ALA B 230 -27.56 13.91 9.62
C ALA B 230 -27.39 14.40 11.05
N GLU B 231 -26.84 15.59 11.21
CA GLU B 231 -26.42 16.04 12.54
C GLU B 231 -27.60 16.08 13.51
N THR B 232 -28.78 16.40 13.01
CA THR B 232 -29.99 16.52 13.87
C THR B 232 -31.11 15.73 13.22
N ASP B 233 -32.11 15.33 14.01
CA ASP B 233 -33.27 14.63 13.51
C ASP B 233 -33.97 15.43 12.41
N ALA B 234 -34.05 16.76 12.57
CA ALA B 234 -34.74 17.58 11.58
C ALA B 234 -33.99 17.56 10.23
N GLU B 235 -32.68 17.68 10.28
CA GLU B 235 -31.90 17.66 9.05
C GLU B 235 -31.99 16.24 8.40
N ALA B 236 -31.95 15.21 9.24
CA ALA B 236 -32.10 13.84 8.72
C ALA B 236 -33.43 13.68 8.00
N GLN B 237 -34.51 14.25 8.59
CA GLN B 237 -35.84 14.11 7.95
C GLN B 237 -35.89 14.80 6.62
N ARG B 238 -35.23 15.96 6.52
CA ARG B 238 -35.16 16.68 5.27
C ARG B 238 -34.45 15.81 4.18
N VAL B 239 -33.29 15.27 4.52
CA VAL B 239 -32.52 14.42 3.57
C VAL B 239 -33.36 13.16 3.18
N TYR B 240 -34.12 12.62 4.13
CA TYR B 240 -34.96 11.44 3.93
C TYR B 240 -36.16 11.67 3.01
N ALA B 241 -36.57 12.92 2.86
CA ALA B 241 -37.74 13.26 2.06
C ALA B 241 -37.61 12.80 0.61
N THR B 242 -36.40 12.88 0.06
CA THR B 242 -36.08 12.30 -1.25
C THR B 242 -36.58 10.88 -1.39
N HIS B 243 -36.26 10.06 -0.40
CA HIS B 243 -36.64 8.66 -0.46
C HIS B 243 -38.16 8.48 -0.33
N ARG B 244 -38.74 9.23 0.58
CA ARG B 244 -40.16 9.20 0.79
C ARG B 244 -40.90 9.50 -0.53
N LEU B 245 -40.48 10.56 -1.19
CA LEU B 245 -41.13 11.01 -2.46
C LEU B 245 -40.87 10.01 -3.56
N PHE B 246 -39.67 9.41 -3.57
CA PHE B 246 -39.37 8.38 -4.57
C PHE B 246 -40.37 7.25 -4.42
N HIS B 247 -40.70 6.89 -3.18
CA HIS B 247 -41.70 5.83 -3.00
C HIS B 247 -43.11 6.24 -3.40
N ARG B 248 -43.51 7.46 -3.07
CA ARG B 248 -44.84 7.97 -3.48
C ARG B 248 -44.94 7.85 -4.98
N ARG B 249 -43.90 8.32 -5.66
CA ARG B 249 -43.90 8.40 -7.10
C ARG B 249 -43.92 7.02 -7.73
N SER B 251 -45.10 4.35 -6.43
CA SER B 251 -46.40 3.71 -6.19
C SER B 251 -47.44 4.17 -7.21
N GLN B 252 -47.19 5.32 -7.85
CA GLN B 252 -48.11 5.88 -8.86
C GLN B 252 -47.64 5.61 -10.30
N GLY B 253 -46.58 4.81 -10.45
CA GLY B 253 -45.99 4.51 -11.75
C GLY B 253 -45.16 5.64 -12.35
N ASP B 254 -44.73 6.56 -11.50
CA ASP B 254 -43.99 7.74 -11.89
C ASP B 254 -42.52 7.40 -11.63
N VAL B 255 -41.81 7.03 -12.69
CA VAL B 255 -40.42 6.57 -12.62
C VAL B 255 -39.46 7.65 -13.03
N ARG B 256 -38.80 8.25 -12.06
CA ARG B 256 -37.87 9.33 -12.32
C ARG B 256 -36.64 9.19 -11.43
N LEU B 257 -35.65 10.04 -11.68
CA LEU B 257 -34.46 10.09 -10.91
C LEU B 257 -34.77 10.51 -9.47
N LEU B 258 -33.85 10.21 -8.52
CA LEU B 258 -34.07 10.62 -7.15
C LEU B 258 -34.29 12.14 -7.06
N PRO B 259 -35.41 12.56 -6.41
CA PRO B 259 -35.69 14.01 -6.35
C PRO B 259 -34.86 14.78 -5.29
N PRO B 260 -34.68 16.10 -5.50
CA PRO B 260 -33.94 16.89 -4.49
C PRO B 260 -34.71 16.97 -3.19
N ALA B 261 -33.96 17.09 -2.09
CA ALA B 261 -34.53 17.04 -0.76
C ALA B 261 -35.59 18.12 -0.52
N ASP B 262 -35.26 19.36 -0.84
CA ASP B 262 -36.18 20.49 -0.51
C ASP B 262 -37.47 20.40 -1.28
N LEU B 263 -37.38 20.08 -2.55
CA LEU B 263 -38.57 19.79 -3.36
C LEU B 263 -39.37 18.64 -2.75
N ALA B 264 -38.68 17.58 -2.36
CA ALA B 264 -39.36 16.44 -1.76
C ALA B 264 -40.06 16.79 -0.45
N VAL B 265 -39.45 17.63 0.37
CA VAL B 265 -40.06 18.04 1.64
C VAL B 265 -41.41 18.69 1.35
N ALA B 266 -41.41 19.65 0.41
CA ALA B 266 -42.62 20.35 -0.02
C ALA B 266 -43.69 19.40 -0.54
N GLU B 267 -43.31 18.49 -1.43
CA GLU B 267 -44.27 17.50 -1.94
C GLU B 267 -44.88 16.62 -0.85
N ASP B 269 -45.36 17.17 2.19
CA ASP B 269 -46.29 17.92 3.05
C ASP B 269 -47.70 18.00 2.43
N LYS B 270 -47.84 17.69 1.15
CA LYS B 270 -49.14 17.69 0.50
C LYS B 270 -49.77 16.31 0.61
N PRO B 271 -51.11 16.26 0.57
CA PRO B 271 -51.82 14.99 0.59
C PRO B 271 -51.37 14.05 -0.54
N GLY B 272 -51.40 12.75 -0.29
CA GLY B 272 -50.98 11.79 -1.30
C GLY B 272 -50.46 10.49 -0.69
N PRO B 273 -50.18 9.51 -1.54
CA PRO B 273 -49.61 8.28 -1.04
C PRO B 273 -48.35 8.52 -0.22
N ASP B 274 -48.23 7.82 0.89
CA ASP B 274 -46.99 7.74 1.66
C ASP B 274 -46.81 6.27 2.07
N PRO B 275 -46.42 5.42 1.10
CA PRO B 275 -46.24 4.00 1.37
C PRO B 275 -45.35 3.73 2.58
N LEU B 276 -44.33 4.54 2.79
CA LEU B 276 -43.42 4.29 3.92
C LEU B 276 -44.09 4.57 5.28
N ALA B 277 -45.00 5.53 5.31
CA ALA B 277 -45.74 5.85 6.55
C ALA B 277 -46.84 4.81 6.82
N GLU B 278 -47.33 4.18 5.75
CA GLU B 278 -48.54 3.35 5.81
C GLU B 278 -48.21 1.89 6.15
N GLU B 279 -46.92 1.58 6.35
CA GLU B 279 -46.52 0.22 6.64
C GLU B 279 -45.88 0.22 8.02
N SER B 280 -45.83 -0.96 8.62
CA SER B 280 -45.30 -1.10 9.96
C SER B 280 -44.63 -2.46 10.18
N PHE B 281 -43.42 -2.42 10.70
CA PHE B 281 -42.66 -3.62 10.97
C PHE B 281 -42.05 -3.47 12.37
N GLU B 282 -41.40 -4.51 12.84
CA GLU B 282 -40.72 -4.42 14.11
C GLU B 282 -39.71 -3.24 14.08
N TRP B 283 -38.91 -3.19 13.02
CA TRP B 283 -37.91 -2.15 12.86
C TRP B 283 -38.27 -1.32 11.64
N PRO B 284 -37.90 -0.03 11.65
CA PRO B 284 -38.25 0.78 10.48
C PRO B 284 -37.57 0.22 9.22
N ARG B 285 -38.24 0.28 8.08
CA ARG B 285 -37.65 -0.19 6.85
C ARG B 285 -36.34 0.56 6.54
N TYR B 286 -36.42 1.88 6.67
CA TYR B 286 -35.29 2.77 6.46
C TYR B 286 -35.01 3.49 7.78
N VAL B 287 -33.76 3.50 8.18
CA VAL B 287 -33.37 4.05 9.47
C VAL B 287 -32.90 5.47 9.31
N VAL B 288 -33.56 6.39 10.02
CA VAL B 288 -33.36 7.83 9.81
C VAL B 288 -33.17 8.52 11.15
N GLY B 289 -32.26 9.49 11.19
CA GLY B 289 -32.15 10.36 12.35
C GLY B 289 -30.78 10.94 12.61
N SER B 290 -30.65 11.51 13.82
CA SER B 290 -29.38 11.96 14.33
C SER B 290 -28.43 10.80 14.54
N PRO B 291 -27.12 11.09 14.71
CA PRO B 291 -26.19 10.00 14.95
C PRO B 291 -26.55 9.12 16.12
N ASP B 292 -26.90 9.72 17.25
CA ASP B 292 -27.29 8.92 18.43
C ASP B 292 -28.51 8.07 18.16
N ARG B 293 -29.50 8.63 17.50
CA ARG B 293 -30.74 7.89 17.26
C ARG B 293 -30.49 6.70 16.33
N VAL B 294 -29.79 6.95 15.23
CA VAL B 294 -29.52 5.85 14.28
C VAL B 294 -28.60 4.82 14.92
N ARG B 295 -27.61 5.26 15.71
CA ARG B 295 -26.69 4.32 16.37
C ARG B 295 -27.48 3.38 17.28
N ASP B 296 -28.37 3.96 18.08
CA ASP B 296 -29.14 3.15 19.04
C ASP B 296 -30.05 2.17 18.33
N GLN B 297 -30.76 2.64 17.31
CA GLN B 297 -31.67 1.79 16.56
C GLN B 297 -30.92 0.64 15.89
N LEU B 298 -29.81 0.99 15.24
CA LEU B 298 -29.07 -0.01 14.49
C LEU B 298 -28.40 -1.03 15.38
N THR B 299 -27.93 -0.58 16.54
CA THR B 299 -27.32 -1.47 17.51
C THR B 299 -28.33 -2.52 18.02
N LYS B 300 -29.56 -2.09 18.31
CA LYS B 300 -30.64 -3.02 18.69
C LYS B 300 -30.81 -4.08 17.62
N ALA B 302 -28.69 -5.01 15.20
CA ALA B 302 -27.51 -5.87 15.16
C ALA B 302 -27.46 -6.91 16.30
N ASP B 303 -27.77 -6.49 17.52
CA ASP B 303 -27.79 -7.39 18.67
C ASP B 303 -28.79 -8.50 18.43
N ALA B 304 -29.98 -8.12 17.94
CA ALA B 304 -31.05 -9.09 17.74
C ALA B 304 -30.75 -10.12 16.66
N THR B 305 -30.06 -9.68 15.59
CA THR B 305 -29.84 -10.51 14.46
C THR B 305 -28.51 -11.24 14.47
N GLY B 306 -27.62 -10.86 15.39
CA GLY B 306 -26.27 -11.39 15.43
C GLY B 306 -25.40 -10.85 14.31
N ALA B 307 -25.78 -9.70 13.74
CA ALA B 307 -25.02 -9.13 12.64
C ALA B 307 -23.65 -8.64 13.13
N GLU B 308 -22.61 -9.02 12.40
CA GLU B 308 -21.24 -8.59 12.67
C GLU B 308 -20.95 -7.21 12.04
N GLU B 309 -21.67 -6.92 10.94
CA GLU B 309 -21.49 -5.68 10.19
C GLU B 309 -22.81 -5.25 9.68
N LEU B 310 -22.91 -3.94 9.42
CA LEU B 310 -24.05 -3.36 8.77
C LEU B 310 -23.57 -2.94 7.41
N GLY B 311 -24.24 -3.43 6.38
CA GLY B 311 -24.05 -2.96 5.00
C GLY B 311 -24.96 -1.76 4.70
N VAL B 312 -24.37 -0.59 4.66
CA VAL B 312 -25.13 0.65 4.70
C VAL B 312 -25.41 1.17 3.32
N VAL B 313 -26.68 1.17 2.99
CA VAL B 313 -27.20 1.59 1.70
C VAL B 313 -27.76 3.00 1.93
N SER B 314 -27.73 3.81 0.88
CA SER B 314 -28.32 5.13 0.94
C SER B 314 -29.05 5.50 -0.36
N ILE B 316 -29.81 9.03 -1.26
CA ILE B 316 -29.67 10.43 -0.90
C ILE B 316 -29.36 11.22 -2.18
N HIS B 317 -30.07 12.33 -2.37
CA HIS B 317 -29.99 13.07 -3.62
C HIS B 317 -28.62 13.74 -3.78
N ASP B 318 -28.15 14.40 -2.72
CA ASP B 318 -26.99 15.27 -2.78
C ASP B 318 -25.77 14.61 -2.21
N GLN B 319 -24.73 14.48 -3.03
CA GLN B 319 -23.48 13.89 -2.59
C GLN B 319 -22.94 14.47 -1.29
N ARG B 320 -23.10 15.78 -1.07
CA ARG B 320 -22.58 16.38 0.15
C ARG B 320 -23.34 15.88 1.39
N ASP B 321 -24.65 15.74 1.25
CA ASP B 321 -25.47 15.14 2.29
C ASP B 321 -25.08 13.66 2.50
N ARG B 322 -24.82 12.97 1.41
CA ARG B 322 -24.53 11.56 1.49
C ARG B 322 -23.21 11.28 2.20
N LEU B 323 -22.15 11.98 1.78
CA LEU B 323 -20.88 11.82 2.43
C LEU B 323 -20.96 12.13 3.93
N ARG B 324 -21.72 13.17 4.26
CA ARG B 324 -21.96 13.52 5.67
C ARG B 324 -22.56 12.36 6.45
N SER B 325 -23.57 11.73 5.86
CA SER B 325 -24.23 10.59 6.50
C SER B 325 -23.25 9.51 6.86
N TYR B 326 -22.37 9.14 5.91
CA TYR B 326 -21.41 8.12 6.16
C TYR B 326 -20.31 8.53 7.15
N ARG B 327 -19.91 9.80 7.11
CA ARG B 327 -18.94 10.35 8.08
CA ARG B 327 -18.93 10.36 8.06
C ARG B 327 -19.50 10.30 9.50
N LEU B 328 -20.74 10.73 9.65
CA LEU B 328 -21.39 10.76 10.97
C LEU B 328 -21.57 9.36 11.53
N LEU B 329 -21.89 8.40 10.64
CA LEU B 329 -22.01 7.01 11.07
C LEU B 329 -20.67 6.40 11.55
N ALA B 330 -19.60 6.66 10.83
CA ALA B 330 -18.31 6.17 11.22
C ALA B 330 -17.98 6.67 12.64
N GLU B 331 -18.25 7.93 12.89
CA GLU B 331 -17.97 8.55 14.23
C GLU B 331 -18.89 7.92 15.30
N ALA B 332 -20.16 7.75 14.96
CA ALA B 332 -21.10 7.14 15.92
C ALA B 332 -20.75 5.70 16.29
N PHE B 333 -20.21 4.94 15.35
CA PHE B 333 -19.80 3.57 15.60
C PHE B 333 -18.31 3.42 15.96
N GLU B 334 -17.66 4.54 16.20
CA GLU B 334 -16.29 4.54 16.72
C GLU B 334 -15.32 3.81 15.79
N LEU B 335 -15.52 4.01 14.49
CA LEU B 335 -14.63 3.36 13.54
C LEU B 335 -13.20 3.92 13.71
N THR B 336 -12.23 3.04 13.59
CA THR B 336 -10.82 3.43 13.54
C THR B 336 -10.44 3.74 12.07
N PRO B 337 -10.02 4.99 11.79
CA PRO B 337 -9.59 5.33 10.43
C PRO B 337 -8.34 4.59 10.01
N ARG B 338 -8.15 4.51 8.68
CA ARG B 338 -6.97 3.86 8.11
C ARG B 338 -5.85 4.86 7.84
N HIS C 4 -10.01 20.97 34.97
CA HIS C 4 -9.58 19.53 35.09
C HIS C 4 -8.10 19.36 34.82
N VAL C 5 -7.58 18.26 35.31
CA VAL C 5 -6.28 17.81 34.94
C VAL C 5 -6.27 17.45 33.42
N LYS C 6 -5.14 17.70 32.77
CA LYS C 6 -4.92 17.28 31.36
C LYS C 6 -4.60 15.77 31.31
N LEU C 7 -4.83 15.17 30.15
CA LEU C 7 -4.55 13.77 29.96
C LEU C 7 -3.53 13.56 28.86
N SER C 8 -2.70 12.55 29.07
CA SER C 8 -1.69 12.14 28.11
C SER C 8 -1.67 10.62 28.05
N VAL C 9 -0.91 10.07 27.09
CA VAL C 9 -0.81 8.65 26.90
C VAL C 9 0.62 8.22 27.08
N VAL C 10 0.81 7.13 27.78
CA VAL C 10 2.10 6.47 27.89
C VAL C 10 1.92 5.05 27.39
N GLU C 11 2.64 4.74 26.32
CA GLU C 11 2.45 3.53 25.56
C GLU C 11 3.65 2.61 25.66
N GLN C 12 3.45 1.46 26.30
CA GLN C 12 4.49 0.43 26.34
C GLN C 12 4.29 -0.65 25.25
N ALA C 13 3.21 -0.52 24.49
CA ALA C 13 2.94 -1.40 23.34
C ALA C 13 2.91 -2.85 23.75
N PRO C 14 1.95 -3.19 24.60
CA PRO C 14 1.86 -4.59 25.00
C PRO C 14 1.52 -5.50 23.81
N VAL C 15 2.04 -6.71 23.87
CA VAL C 15 1.72 -7.76 22.88
C VAL C 15 0.69 -8.71 23.51
N VAL C 16 -0.40 -8.92 22.81
CA VAL C 16 -1.57 -9.56 23.39
C VAL C 16 -1.79 -10.94 22.75
N GLU C 17 -2.38 -11.84 23.54
CA GLU C 17 -2.62 -13.21 23.07
C GLU C 17 -3.38 -13.22 21.76
N GLY C 18 -2.86 -13.98 20.79
CA GLY C 18 -3.47 -14.08 19.49
C GLY C 18 -2.85 -13.18 18.43
N LEU C 19 -2.13 -12.15 18.87
CA LEU C 19 -1.58 -11.17 17.95
C LEU C 19 -0.05 -11.18 18.06
N THR C 20 0.60 -10.23 17.38
CA THR C 20 2.04 -10.20 17.23
C THR C 20 2.54 -8.81 17.56
N PRO C 21 3.87 -8.66 17.68
CA PRO C 21 4.43 -7.33 17.97
C PRO C 21 4.09 -6.32 16.90
N ALA C 22 3.95 -6.77 15.65
CA ALA C 22 3.58 -5.85 14.58
C ALA C 22 2.19 -5.26 14.79
N HIS C 23 1.26 -6.08 15.30
CA HIS C 23 -0.06 -5.57 15.63
C HIS C 23 0.03 -4.51 16.73
N SER C 24 0.89 -4.74 17.71
CA SER C 24 1.09 -3.81 18.81
C SER C 24 1.51 -2.45 18.30
N LEU C 25 2.46 -2.44 17.34
CA LEU C 25 2.93 -1.19 16.80
C LEU C 25 1.85 -0.45 16.03
N GLN C 26 1.09 -1.18 15.21
CA GLN C 26 0.01 -0.57 14.47
C GLN C 26 -1.03 -0.01 15.43
N HIS C 27 -1.33 -0.78 16.46
CA HIS C 27 -2.29 -0.31 17.46
C HIS C 27 -1.82 0.92 18.21
N SER C 28 -0.49 1.07 18.36
CA SER C 28 0.07 2.30 18.94
C SER C 28 -0.21 3.48 18.10
N ILE C 29 0.02 3.33 16.80
CA ILE C 29 -0.25 4.39 15.87
C ILE C 29 -1.74 4.80 15.89
N GLU C 30 -2.59 3.81 15.89
CA GLU C 30 -4.04 4.03 15.95
C GLU C 30 -4.46 4.80 17.22
N LEU C 31 -3.87 4.41 18.33
CA LEU C 31 -4.16 5.10 19.61
C LEU C 31 -3.65 6.52 19.58
N ALA C 32 -2.47 6.72 19.01
CA ALA C 32 -1.92 8.05 18.93
C ALA C 32 -2.75 8.97 18.08
N ARG C 33 -3.22 8.49 16.94
N ARG C 33 -3.22 8.48 16.95
CA ARG C 33 -4.10 9.29 16.08
CA ARG C 33 -4.08 9.27 16.09
C ARG C 33 -5.37 9.66 16.86
C ARG C 33 -5.36 9.65 16.87
N LEU C 34 -5.92 8.69 17.57
CA LEU C 34 -7.16 8.96 18.38
C LEU C 34 -6.88 10.00 19.45
N ALA C 35 -5.76 9.82 20.15
CA ALA C 35 -5.36 10.73 21.22
C ALA C 35 -5.10 12.13 20.72
N ASP C 36 -4.51 12.22 19.54
CA ASP C 36 -4.33 13.50 18.89
C ASP C 36 -5.69 14.18 18.63
N ARG C 37 -6.61 13.45 18.02
CA ARG C 37 -7.95 13.97 17.69
C ARG C 37 -8.76 14.35 18.95
N LEU C 38 -8.60 13.56 20.02
CA LEU C 38 -9.36 13.79 21.26
C LEU C 38 -8.84 14.88 22.18
N GLY C 39 -7.60 15.34 21.98
CA GLY C 39 -7.04 16.42 22.74
C GLY C 39 -6.12 16.02 23.89
N TYR C 40 -5.56 14.81 23.84
CA TYR C 40 -4.50 14.46 24.78
C TYR C 40 -3.27 15.35 24.57
N GLU C 41 -2.52 15.66 25.65
CA GLU C 41 -1.39 16.59 25.54
C GLU C 41 -0.19 15.99 24.86
N ARG C 42 0.21 14.81 25.32
CA ARG C 42 1.42 14.13 24.79
C ARG C 42 1.23 12.64 24.72
N PHE C 43 2.01 12.00 23.86
CA PHE C 43 1.99 10.60 23.65
C PHE C 43 3.41 10.10 23.81
N TRP C 44 3.64 9.31 24.86
CA TRP C 44 4.98 8.84 25.14
C TRP C 44 5.11 7.36 24.87
N VAL C 45 6.30 6.94 24.41
CA VAL C 45 6.57 5.54 24.09
C VAL C 45 7.67 5.04 25.02
N ALA C 46 7.38 3.95 25.75
CA ALA C 46 8.30 3.42 26.71
C ALA C 46 9.30 2.46 26.04
N GLU C 47 10.37 2.14 26.75
CA GLU C 47 11.41 1.28 26.23
C GLU C 47 11.47 0.02 27.06
N HIS C 48 11.26 -1.12 26.41
CA HIS C 48 11.32 -2.43 27.06
C HIS C 48 12.10 -3.41 26.20
N HIS C 49 13.06 -4.09 26.81
CA HIS C 49 13.97 -5.00 26.10
C HIS C 49 13.69 -6.47 26.46
N ALA C 50 13.73 -7.34 25.45
CA ALA C 50 13.69 -8.81 25.67
C ALA C 50 12.47 -9.30 26.47
N GLU C 51 11.33 -8.65 26.25
CA GLU C 51 10.06 -9.03 26.87
C GLU C 51 9.12 -9.37 25.72
N ILE C 52 8.64 -10.60 25.67
CA ILE C 52 7.73 -10.99 24.61
C ILE C 52 6.43 -10.22 24.70
N PHE C 53 6.12 -9.67 25.87
CA PHE C 53 4.85 -8.99 26.06
C PHE C 53 4.89 -7.50 25.84
N ASN C 54 6.04 -6.93 25.52
CA ASN C 54 6.14 -5.49 25.17
C ASN C 54 6.95 -5.34 23.86
N ALA C 55 6.42 -4.58 22.91
CA ALA C 55 6.89 -4.62 21.51
C ALA C 55 7.98 -3.63 21.14
N VAL C 56 8.26 -2.65 22.00
CA VAL C 56 9.13 -1.54 21.62
C VAL C 56 10.38 -1.43 22.49
N PRO C 57 11.51 -1.90 21.98
CA PRO C 57 12.79 -1.67 22.61
C PRO C 57 13.41 -0.37 22.19
N ALA C 58 12.90 0.22 21.10
CA ALA C 58 13.50 1.43 20.48
C ALA C 58 12.41 2.47 20.27
N PRO C 59 12.03 3.17 21.34
CA PRO C 59 10.96 4.15 21.26
C PRO C 59 11.19 5.20 20.19
N GLU C 60 12.45 5.58 19.95
CA GLU C 60 12.78 6.58 18.99
C GLU C 60 12.27 6.27 17.57
N ILE C 61 12.18 4.99 17.24
CA ILE C 61 11.68 4.59 15.91
C ILE C 61 10.16 4.82 15.83
N LEU C 62 9.44 4.40 16.88
CA LEU C 62 7.98 4.62 16.91
C LEU C 62 7.63 6.09 17.02
N ILE C 63 8.42 6.84 17.75
CA ILE C 63 8.24 8.28 17.84
C ILE C 63 8.33 8.92 16.45
N ALA C 64 9.36 8.52 15.71
CA ALA C 64 9.61 9.10 14.38
C ALA C 64 8.37 8.88 13.45
N ARG C 65 7.76 7.71 13.60
CA ARG C 65 6.53 7.38 12.85
C ARG C 65 5.28 8.08 13.36
N ILE C 66 5.06 8.02 14.65
CA ILE C 66 3.87 8.64 15.22
C ILE C 66 3.79 10.14 15.07
N ALA C 67 4.92 10.82 15.18
CA ALA C 67 4.90 12.27 15.00
C ALA C 67 4.47 12.66 13.57
N ALA C 68 4.76 11.79 12.60
CA ALA C 68 4.34 12.02 11.19
C ALA C 68 2.85 11.76 11.01
N GLU C 69 2.26 10.97 11.91
CA GLU C 69 0.85 10.58 11.83
C GLU C 69 -0.08 11.48 12.64
N THR C 70 0.46 12.47 13.32
CA THR C 70 -0.30 13.35 14.21
C THR C 70 0.13 14.80 14.01
N SER C 71 -0.64 15.73 14.52
CA SER C 71 -0.37 17.14 14.29
C SER C 71 -0.23 17.97 15.53
N GLY C 72 -1.09 17.74 16.53
CA GLY C 72 -1.11 18.61 17.70
C GLY C 72 -0.46 18.03 18.95
N ILE C 73 -0.67 16.75 19.17
CA ILE C 73 -0.16 16.07 20.36
C ILE C 73 1.37 16.11 20.35
N ARG C 74 1.98 16.33 21.49
CA ARG C 74 3.42 16.12 21.61
C ARG C 74 3.70 14.65 21.54
N VAL C 75 4.89 14.28 21.04
CA VAL C 75 5.28 12.89 20.95
C VAL C 75 6.68 12.73 21.48
N GLY C 76 6.91 11.66 22.22
CA GLY C 76 8.24 11.46 22.80
C GLY C 76 8.45 10.16 23.51
N SER C 77 9.59 10.08 24.20
CA SER C 77 9.96 8.89 24.93
C SER C 77 9.51 8.98 26.36
N GLY C 78 9.02 7.87 26.89
CA GLY C 78 8.67 7.76 28.32
C GLY C 78 8.99 6.37 28.85
N GLY C 79 10.26 5.98 28.94
CA GLY C 79 11.40 6.85 28.72
C GLY C 79 12.56 6.09 28.07
N VAL C 80 13.49 6.83 27.47
CA VAL C 80 14.75 6.27 27.01
C VAL C 80 15.62 5.88 28.22
N LEU C 81 16.18 4.68 28.16
CA LEU C 81 17.03 4.14 29.23
C LEU C 81 18.46 4.62 29.05
N LEU C 82 18.67 5.86 29.45
CA LEU C 82 19.89 6.59 29.15
C LEU C 82 21.16 5.90 29.66
N SER C 83 21.04 5.08 30.71
CA SER C 83 22.22 4.34 31.21
C SER C 83 22.80 3.37 30.21
N LEU C 84 22.00 3.01 29.18
CA LEU C 84 22.45 2.09 28.17
C LEU C 84 23.19 2.74 27.00
N TYR C 85 23.18 4.05 26.92
CA TYR C 85 23.57 4.78 25.71
C TYR C 85 24.53 5.91 25.95
N SER C 86 25.32 6.24 24.95
CA SER C 86 26.04 7.48 24.95
C SER C 86 25.05 8.65 25.00
N PRO C 87 25.29 9.63 25.88
CA PRO C 87 24.41 10.80 25.88
C PRO C 87 24.46 11.63 24.60
N LEU C 88 25.58 11.63 23.88
CA LEU C 88 25.65 12.29 22.62
C LEU C 88 24.73 11.62 21.61
N LYS C 89 24.73 10.29 21.58
CA LYS C 89 23.90 9.55 20.64
C LYS C 89 22.44 9.89 20.89
N VAL C 90 22.02 9.84 22.14
CA VAL C 90 20.65 10.21 22.46
C VAL C 90 20.30 11.64 22.06
N ALA C 91 21.20 12.58 22.32
CA ALA C 91 21.03 13.94 21.92
C ALA C 91 20.86 14.05 20.38
N GLU C 92 21.70 13.35 19.63
CA GLU C 92 21.61 13.38 18.15
C GLU C 92 20.29 12.79 17.65
N VAL C 93 19.91 11.68 18.20
CA VAL C 93 18.65 11.04 17.82
C VAL C 93 17.49 12.02 18.04
N PHE C 94 17.43 12.64 19.23
CA PHE C 94 16.32 13.51 19.51
C PHE C 94 16.41 14.89 18.88
N ARG C 95 17.61 15.37 18.57
CA ARG C 95 17.74 16.52 17.71
C ARG C 95 17.20 16.24 16.28
N THR C 96 17.41 15.03 15.80
CA THR C 96 16.94 14.66 14.48
C THR C 96 15.39 14.67 14.49
N LEU C 97 14.82 14.11 15.53
CA LEU C 97 13.36 14.15 15.71
C LEU C 97 12.83 15.57 15.79
N HIS C 98 13.51 16.42 16.55
CA HIS C 98 13.17 17.83 16.64
C HIS C 98 13.26 18.57 15.30
N ALA C 99 14.25 18.21 14.49
CA ALA C 99 14.42 18.80 13.18
C ALA C 99 13.31 18.41 12.22
N LEU C 100 12.80 17.19 12.38
CA LEU C 100 11.62 16.74 11.64
C LEU C 100 10.29 17.31 12.15
N TYR C 101 10.19 17.49 13.49
CA TYR C 101 8.93 17.76 14.16
C TYR C 101 9.16 18.90 15.16
N PRO C 102 9.38 20.11 14.64
CA PRO C 102 9.86 21.21 15.46
C PRO C 102 8.98 21.52 16.67
N ASP C 103 9.62 21.50 17.83
CA ASP C 103 9.02 21.83 19.11
C ASP C 103 7.87 20.91 19.51
N ARG C 104 7.83 19.69 18.97
CA ARG C 104 6.81 18.71 19.37
C ARG C 104 7.35 17.51 20.18
N ILE C 105 8.67 17.42 20.37
CA ILE C 105 9.28 16.19 20.85
C ILE C 105 9.65 16.28 22.32
N ASP C 106 9.29 15.24 23.05
CA ASP C 106 9.71 15.06 24.46
C ASP C 106 10.77 14.03 24.54
N LEU C 107 11.82 14.32 25.30
CA LEU C 107 12.84 13.31 25.60
C LEU C 107 12.73 12.94 27.08
N GLY C 108 11.79 12.07 27.39
CA GLY C 108 11.71 11.48 28.69
C GLY C 108 12.80 10.43 28.89
N ILE C 109 13.41 10.47 30.08
CA ILE C 109 14.54 9.60 30.43
C ILE C 109 14.12 8.77 31.62
N GLY C 110 14.34 7.48 31.53
CA GLY C 110 14.00 6.58 32.61
C GLY C 110 15.17 5.75 33.09
N ARG C 111 15.00 5.14 34.26
CA ARG C 111 16.01 4.22 34.85
C ARG C 111 16.03 2.83 34.26
N ALA C 112 17.23 2.25 34.20
CA ALA C 112 17.44 0.93 33.64
C ALA C 112 17.53 -0.14 34.75
N ASN C 113 17.10 0.22 35.96
CA ASN C 113 17.19 -0.67 37.11
C ASN C 113 16.28 -1.90 37.05
N ARG C 114 15.32 -1.92 36.13
CA ARG C 114 14.47 -3.11 35.95
CA ARG C 114 14.45 -3.10 35.94
C ARG C 114 14.80 -3.91 34.68
N VAL C 115 15.85 -3.50 33.95
CA VAL C 115 16.37 -4.29 32.82
C VAL C 115 17.05 -5.54 33.41
N LYS C 116 16.80 -6.72 32.85
CA LYS C 116 17.44 -7.96 33.33
C LYS C 116 18.95 -7.88 33.09
N LEU C 117 19.74 -8.43 34.02
CA LEU C 117 21.19 -8.21 34.02
C LEU C 117 21.92 -8.69 32.75
N PRO C 118 21.63 -9.89 32.27
CA PRO C 118 22.30 -10.34 31.02
C PRO C 118 21.97 -9.46 29.81
N VAL C 119 20.73 -8.96 29.77
CA VAL C 119 20.30 -8.05 28.71
C VAL C 119 21.01 -6.73 28.83
N PHE C 120 21.02 -6.17 30.05
CA PHE C 120 21.73 -4.93 30.34
C PHE C 120 23.18 -5.03 29.90
N ALA C 121 23.83 -6.15 30.24
CA ALA C 121 25.22 -6.36 29.88
C ALA C 121 25.43 -6.38 28.36
N ALA C 122 24.55 -7.10 27.65
CA ALA C 122 24.59 -7.15 26.17
C ALA C 122 24.31 -5.78 25.50
N LEU C 123 23.43 -4.98 26.09
CA LEU C 123 23.14 -3.64 25.53
C LEU C 123 24.28 -2.69 25.76
N ARG C 124 24.92 -2.82 26.92
CA ARG C 124 26.07 -2.00 27.23
C ARG C 124 27.23 -2.52 26.38
N ASP C 125 27.16 -3.81 26.03
CA ASP C 125 28.26 -4.50 25.35
C ASP C 125 29.58 -4.44 26.15
N ASP C 126 29.66 -5.18 27.27
CA ASP C 126 30.96 -5.50 27.94
C ASP C 126 30.82 -6.58 28.99
N LYS C 130 28.65 -5.44 35.62
CA LYS C 130 28.49 -4.09 36.13
C LYS C 130 27.01 -3.68 36.12
N GLU C 131 26.54 -3.06 37.19
CA GLU C 131 25.15 -2.61 37.27
C GLU C 131 25.03 -1.12 36.93
N PRO C 132 23.80 -0.66 36.57
CA PRO C 132 23.59 0.78 36.38
C PRO C 132 23.40 1.41 37.75
N SER C 133 23.66 2.69 37.90
CA SER C 133 23.42 3.36 39.14
C SER C 133 22.69 4.68 38.92
N SER C 134 21.85 5.05 39.87
CA SER C 134 21.18 6.33 39.82
C SER C 134 22.17 7.45 39.61
N ASP C 135 23.29 7.39 40.32
CA ASP C 135 24.22 8.52 40.29
C ASP C 135 24.87 8.67 38.90
N ASP C 136 25.21 7.54 38.28
CA ASP C 136 25.69 7.53 36.92
C ASP C 136 24.62 8.08 35.97
N LEU C 137 23.37 7.70 36.20
CA LEU C 137 22.28 8.25 35.40
C LEU C 137 22.23 9.75 35.47
N TRP C 138 22.32 10.33 36.68
CA TRP C 138 22.21 11.78 36.81
C TRP C 138 23.38 12.47 36.11
N ARG C 139 24.56 11.85 36.15
CA ARG C 139 25.74 12.36 35.44
C ARG C 139 25.51 12.32 33.90
N ARG C 140 24.94 11.23 33.42
CA ARG C 140 24.58 11.12 31.98
C ARG C 140 23.54 12.15 31.57
N LEU C 141 22.58 12.37 32.47
CA LEU C 141 21.53 13.34 32.25
C LEU C 141 22.05 14.74 32.14
N GLU C 142 23.05 15.09 32.97
CA GLU C 142 23.67 16.39 32.86
C GLU C 142 24.49 16.51 31.55
N GLN C 143 25.18 15.44 31.17
N GLN C 143 25.17 15.44 31.18
CA GLN C 143 25.89 15.45 29.89
CA GLN C 143 25.88 15.41 29.89
C GLN C 143 24.92 15.64 28.74
C GLN C 143 24.92 15.63 28.74
N LEU C 144 23.79 14.93 28.80
CA LEU C 144 22.74 15.05 27.74
C LEU C 144 22.23 16.49 27.65
N ARG C 145 21.96 17.09 28.78
CA ARG C 145 21.49 18.48 28.79
C ARG C 145 22.53 19.45 28.18
N ALA C 146 23.81 19.20 28.46
CA ALA C 146 24.87 20.01 27.90
C ALA C 146 24.96 19.81 26.38
N TYR C 147 24.82 18.56 25.93
CA TYR C 147 24.87 18.31 24.45
C TYR C 147 23.71 18.99 23.77
N LEU C 148 22.56 19.09 24.45
CA LEU C 148 21.38 19.78 23.91
C LEU C 148 21.44 21.30 24.03
N ASP C 149 22.48 21.83 24.66
CA ASP C 149 22.67 23.29 24.71
C ASP C 149 23.75 23.67 23.70
N PRO C 150 23.35 24.30 22.58
CA PRO C 150 24.33 24.57 21.53
C PRO C 150 25.35 25.69 21.89
N ASP C 151 25.12 26.39 23.00
CA ASP C 151 26.05 27.42 23.47
C ASP C 151 26.96 26.93 24.60
N SER C 152 27.08 25.61 24.78
CA SER C 152 27.79 25.08 25.95
C SER C 152 29.32 25.07 25.77
N GLY C 153 29.81 25.51 24.60
CA GLY C 153 31.24 25.63 24.36
C GLY C 153 31.95 24.31 24.04
N LEU C 154 31.22 23.35 23.48
CA LEU C 154 31.76 22.04 23.17
C LEU C 154 32.69 22.12 21.97
N PRO C 155 33.71 21.25 21.91
CA PRO C 155 34.65 21.32 20.78
C PRO C 155 34.07 20.82 19.44
N PHE C 156 32.81 20.36 19.43
CA PHE C 156 32.16 19.95 18.18
C PHE C 156 30.67 20.26 18.24
N THR C 157 30.00 20.17 17.09
CA THR C 157 28.57 20.45 17.03
C THR C 157 27.73 19.17 17.16
N VAL C 158 26.55 19.33 17.71
CA VAL C 158 25.62 18.21 17.84
C VAL C 158 24.57 18.31 16.72
N SER C 159 24.76 17.51 15.69
CA SER C 159 23.89 17.56 14.51
C SER C 159 22.57 16.86 14.76
N PRO C 160 21.54 17.28 14.07
CA PRO C 160 21.41 18.51 13.28
C PRO C 160 21.05 19.69 14.18
N ARG C 161 21.73 20.82 13.99
CA ARG C 161 21.45 22.03 14.75
C ARG C 161 20.21 22.72 14.24
N PRO C 163 17.14 25.81 15.99
CA PRO C 163 16.69 26.52 17.19
C PRO C 163 15.80 25.64 18.08
N GLY C 164 15.94 25.79 19.39
CA GLY C 164 15.16 25.03 20.35
C GLY C 164 15.63 23.60 20.43
N GLY C 165 14.80 22.74 20.99
CA GLY C 165 15.19 21.35 21.14
C GLY C 165 14.11 20.52 21.78
N PRO C 166 14.36 19.22 21.92
CA PRO C 166 13.37 18.37 22.60
C PRO C 166 13.26 18.74 24.06
N ALA C 167 12.10 18.51 24.64
CA ALA C 167 11.87 18.78 26.08
C ALA C 167 12.29 17.62 26.95
N LEU C 168 13.24 17.87 27.84
CA LEU C 168 13.78 16.84 28.72
C LEU C 168 12.85 16.59 29.91
N TRP C 169 12.53 15.33 30.16
CA TRP C 169 11.70 14.91 31.30
C TRP C 169 12.41 13.80 32.01
N LEU C 170 12.26 13.75 33.32
CA LEU C 170 12.76 12.61 34.11
C LEU C 170 11.59 11.81 34.60
N LEU C 171 11.63 10.51 34.32
CA LEU C 171 10.62 9.59 34.77
C LEU C 171 11.18 8.86 35.95
N GLY C 172 10.39 8.73 37.00
CA GLY C 172 10.82 8.00 38.17
C GLY C 172 9.71 7.22 38.84
N ALA C 173 10.11 6.34 39.73
CA ALA C 173 9.22 5.55 40.53
C ALA C 173 9.81 5.37 41.95
N SER C 174 10.38 6.45 42.47
CA SER C 174 11.10 6.46 43.76
C SER C 174 11.19 7.88 44.27
N VAL C 175 11.30 8.02 45.60
CA VAL C 175 11.51 9.32 46.19
C VAL C 175 12.85 9.90 45.77
N SER C 176 13.87 9.05 45.66
CA SER C 176 15.19 9.54 45.27
C SER C 176 15.17 10.15 43.85
N SER C 177 14.42 9.56 42.92
CA SER C 177 14.31 10.17 41.57
C SER C 177 13.66 11.56 41.64
N ALA C 178 12.66 11.70 42.52
CA ALA C 178 11.98 12.95 42.69
C ALA C 178 12.93 14.03 43.24
N GLU C 179 13.82 13.62 44.16
CA GLU C 179 14.88 14.53 44.69
C GLU C 179 15.83 14.96 43.57
N ALA C 180 16.20 14.01 42.71
CA ALA C 180 17.10 14.31 41.60
C ALA C 180 16.45 15.26 40.60
N ALA C 181 15.20 15.02 40.27
CA ALA C 181 14.47 15.92 39.34
C ALA C 181 14.37 17.31 39.92
N ALA C 182 14.08 17.39 41.21
CA ALA C 182 13.98 18.66 41.91
C ALA C 182 15.34 19.39 41.86
N ARG C 183 16.39 18.67 42.21
CA ARG C 183 17.75 19.21 42.27
C ARG C 183 18.15 19.77 40.92
N LEU C 184 17.78 19.06 39.84
CA LEU C 184 18.17 19.42 38.48
C LEU C 184 17.20 20.40 37.79
N GLY C 185 16.10 20.71 38.43
CA GLY C 185 15.09 21.59 37.86
C GLY C 185 14.41 21.01 36.62
N LEU C 186 14.18 19.71 36.64
CA LEU C 186 13.54 19.01 35.52
C LEU C 186 12.07 18.76 35.73
N PRO C 187 11.30 18.79 34.62
CA PRO C 187 9.96 18.23 34.67
C PRO C 187 10.01 16.77 35.05
N TYR C 188 9.02 16.29 35.77
CA TYR C 188 9.09 15.02 36.43
C TYR C 188 7.79 14.25 36.26
N ALA C 189 7.89 12.98 35.88
CA ALA C 189 6.74 12.11 35.79
C ALA C 189 6.94 10.93 36.72
N TYR C 190 6.01 10.77 37.66
CA TYR C 190 6.06 9.67 38.63
C TYR C 190 5.16 8.53 38.25
N ALA C 191 5.73 7.33 38.20
CA ALA C 191 4.97 6.12 37.92
C ALA C 191 4.25 5.54 39.12
N HIS C 192 3.07 6.10 39.40
CA HIS C 192 2.25 5.60 40.49
C HIS C 192 1.96 4.11 40.38
N PHE C 193 1.73 3.65 39.14
CA PHE C 193 1.37 2.25 38.92
C PHE C 193 2.54 1.30 39.19
N ILE C 194 3.75 1.83 39.25
CA ILE C 194 4.95 1.03 39.58
C ILE C 194 5.23 1.03 41.09
N THR C 195 5.19 2.19 41.71
CA THR C 195 5.52 2.36 43.12
C THR C 195 4.43 3.16 43.87
N PRO C 196 3.25 2.58 44.01
CA PRO C 196 2.13 3.28 44.60
C PRO C 196 2.29 3.55 46.11
N GLN C 197 3.23 2.86 46.76
CA GLN C 197 3.47 3.08 48.18
C GLN C 197 4.08 4.46 48.48
N PHE C 198 4.76 5.09 47.52
CA PHE C 198 5.45 6.35 47.75
C PHE C 198 4.98 7.53 46.91
N THR C 199 3.85 7.38 46.22
CA THR C 199 3.39 8.41 45.30
C THR C 199 3.25 9.76 45.96
N ARG C 200 2.51 9.81 47.06
CA ARG C 200 2.31 11.09 47.76
C ARG C 200 3.64 11.72 48.21
N GLU C 201 4.49 10.94 48.86
CA GLU C 201 5.76 11.46 49.35
C GLU C 201 6.66 11.93 48.21
N ALA C 202 6.73 11.13 47.14
CA ALA C 202 7.53 11.50 45.96
C ALA C 202 7.12 12.80 45.33
N ASP C 204 5.22 15.18 46.69
CA ASP C 204 5.48 16.23 47.70
C ASP C 204 6.94 16.69 47.68
N THR C 205 7.84 15.72 47.66
CA THR C 205 9.28 15.97 47.67
C THR C 205 9.76 16.72 46.44
N TYR C 206 9.27 16.29 45.28
CA TYR C 206 9.60 16.99 44.02
C TYR C 206 9.28 18.47 44.11
N ARG C 207 8.06 18.78 44.55
CA ARG C 207 7.61 20.15 44.66
C ARG C 207 8.34 20.94 45.74
N ALA C 208 8.53 20.34 46.90
CA ALA C 208 9.20 21.02 48.02
C ALA C 208 10.67 21.36 47.70
N ALA C 209 11.39 20.37 47.15
CA ALA C 209 12.82 20.51 46.92
C ALA C 209 13.17 21.20 45.60
N PHE C 210 12.17 21.55 44.81
CA PHE C 210 12.42 22.00 43.45
C PHE C 210 13.36 23.22 43.41
N VAL C 211 14.41 23.11 42.59
CA VAL C 211 15.33 24.22 42.31
C VAL C 211 15.20 24.57 40.83
N PRO C 212 14.71 25.79 40.54
CA PRO C 212 14.49 26.18 39.14
C PRO C 212 15.69 25.86 38.26
N GLY C 213 15.40 25.30 37.08
CA GLY C 213 16.44 25.05 36.09
C GLY C 213 16.28 26.16 35.05
N PRO C 214 17.21 26.24 34.10
CA PRO C 214 17.30 27.42 33.20
C PRO C 214 15.95 27.97 32.64
N ASP C 215 15.13 27.10 32.04
CA ASP C 215 13.81 27.49 31.49
C ASP C 215 12.60 26.74 32.15
N THR C 216 12.88 25.98 33.21
CA THR C 216 11.84 25.36 34.03
C THR C 216 11.81 26.11 35.39
N PRO C 217 11.12 27.25 35.43
CA PRO C 217 11.12 28.10 36.63
C PRO C 217 10.31 27.53 37.78
N SER C 218 9.36 26.64 37.49
CA SER C 218 8.47 26.07 38.47
C SER C 218 8.35 24.53 38.28
N PRO C 219 7.95 23.79 39.35
CA PRO C 219 7.77 22.33 39.18
C PRO C 219 6.79 21.99 38.06
N ARG C 220 7.07 20.92 37.33
CA ARG C 220 6.16 20.47 36.27
C ARG C 220 5.88 18.97 36.46
N PRO C 221 4.90 18.62 37.33
CA PRO C 221 4.70 17.21 37.71
C PRO C 221 3.61 16.53 36.87
N ILE C 222 3.91 15.31 36.43
CA ILE C 222 2.94 14.43 35.76
C ILE C 222 2.84 13.21 36.59
N LEU C 223 1.64 12.66 36.69
CA LEU C 223 1.42 11.40 37.34
C LEU C 223 1.08 10.36 36.30
N SER C 224 1.93 9.35 36.16
CA SER C 224 1.61 8.22 35.32
C SER C 224 0.81 7.13 36.04
N VAL C 225 -0.29 6.75 35.43
CA VAL C 225 -1.27 5.88 36.04
C VAL C 225 -1.76 4.87 35.01
N VAL C 226 -2.01 3.65 35.45
CA VAL C 226 -2.79 2.68 34.69
C VAL C 226 -4.27 2.93 34.92
N VAL C 227 -5.03 2.98 33.83
CA VAL C 227 -6.46 3.15 33.92
C VAL C 227 -7.14 2.13 33.05
N CYS C 228 -8.20 1.54 33.57
CA CYS C 228 -9.03 0.62 32.81
C CYS C 228 -10.47 1.09 32.95
N CYS C 229 -10.94 1.84 31.96
CA CYS C 229 -12.23 2.50 32.01
C CYS C 229 -13.17 1.86 31.00
N ALA C 230 -14.42 1.67 31.38
CA ALA C 230 -15.47 1.21 30.44
C ALA C 230 -16.78 1.86 30.89
N GLU C 231 -17.83 1.67 30.11
CA GLU C 231 -19.07 2.41 30.32
C GLU C 231 -19.68 2.16 31.69
N THR C 232 -19.51 0.96 32.21
CA THR C 232 -20.03 0.59 33.52
C THR C 232 -18.92 -0.05 34.35
N ASP C 233 -19.06 -0.06 35.66
CA ASP C 233 -18.11 -0.72 36.55
C ASP C 233 -17.97 -2.20 36.19
N ALA C 234 -19.07 -2.86 35.84
CA ALA C 234 -19.03 -4.30 35.53
C ALA C 234 -18.20 -4.56 34.27
N GLU C 235 -18.42 -3.75 33.24
CA GLU C 235 -17.63 -3.90 32.01
C GLU C 235 -16.14 -3.56 32.28
N ALA C 236 -15.89 -2.56 33.13
CA ALA C 236 -14.50 -2.23 33.49
C ALA C 236 -13.82 -3.37 34.17
N GLN C 237 -14.53 -4.05 35.08
CA GLN C 237 -13.95 -5.18 35.79
C GLN C 237 -13.61 -6.31 34.86
N ARG C 238 -14.46 -6.53 33.87
CA ARG C 238 -14.20 -7.57 32.86
C ARG C 238 -12.88 -7.26 32.10
N VAL C 239 -12.76 -6.03 31.64
CA VAL C 239 -11.57 -5.63 30.86
C VAL C 239 -10.31 -5.72 31.76
N TYR C 240 -10.48 -5.42 33.06
CA TYR C 240 -9.40 -5.43 34.04
C TYR C 240 -8.90 -6.83 34.35
N ALA C 241 -9.73 -7.85 34.11
CA ALA C 241 -9.37 -9.21 34.45
C ALA C 241 -8.08 -9.67 33.75
N THR C 242 -7.90 -9.22 32.50
CA THR C 242 -6.64 -9.44 31.77
C THR C 242 -5.42 -9.09 32.61
N HIS C 243 -5.46 -7.91 33.21
CA HIS C 243 -4.33 -7.45 33.99
C HIS C 243 -4.16 -8.25 35.28
N ARG C 244 -5.29 -8.56 35.92
CA ARG C 244 -5.28 -9.35 37.14
C ARG C 244 -4.63 -10.73 36.91
N LEU C 245 -5.02 -11.38 35.81
CA LEU C 245 -4.49 -12.70 35.47
C LEU C 245 -3.02 -12.59 35.07
N PHE C 246 -2.66 -11.50 34.39
CA PHE C 246 -1.27 -11.31 34.02
C PHE C 246 -0.42 -11.31 35.29
N HIS C 247 -0.92 -10.67 36.35
CA HIS C 247 -0.17 -10.65 37.59
C HIS C 247 -0.13 -12.00 38.29
N ARG C 248 -1.24 -12.72 38.28
CA ARG C 248 -1.26 -14.09 38.84
C ARG C 248 -0.18 -14.93 38.15
N ARG C 249 -0.18 -14.88 36.82
CA ARG C 249 0.73 -15.65 36.02
C ARG C 249 2.19 -15.25 36.26
N SER C 251 3.44 -13.92 38.90
CA SER C 251 3.84 -14.34 40.25
C SER C 251 4.22 -15.84 40.29
N GLN C 252 3.76 -16.60 39.30
CA GLN C 252 4.06 -18.03 39.19
C GLN C 252 5.19 -18.33 38.19
N GLY C 253 5.83 -17.28 37.66
CA GLY C 253 6.88 -17.42 36.65
C GLY C 253 6.36 -17.79 35.27
N ASP C 254 5.06 -17.56 35.05
CA ASP C 254 4.40 -17.88 33.80
C ASP C 254 4.37 -16.60 32.95
N VAL C 255 5.31 -16.49 32.03
CA VAL C 255 5.52 -15.28 31.21
C VAL C 255 4.90 -15.47 29.83
N ARG C 256 3.76 -14.84 29.62
CA ARG C 256 3.03 -14.98 28.38
C ARG C 256 2.45 -13.65 27.96
N LEU C 257 1.89 -13.62 26.77
CA LEU C 257 1.24 -12.44 26.25
C LEU C 257 -0.01 -12.10 27.10
N LEU C 258 -0.47 -10.84 27.01
CA LEU C 258 -1.68 -10.45 27.76
C LEU C 258 -2.88 -11.35 27.40
N PRO C 259 -3.55 -11.92 28.41
CA PRO C 259 -4.66 -12.85 28.10
C PRO C 259 -5.99 -12.16 27.77
N PRO C 260 -6.85 -12.83 27.01
CA PRO C 260 -8.15 -12.25 26.67
C PRO C 260 -9.03 -12.09 27.91
N ALA C 261 -9.93 -11.12 27.87
CA ALA C 261 -10.68 -10.68 29.05
C ALA C 261 -11.59 -11.78 29.60
N ASP C 262 -12.37 -12.40 28.73
CA ASP C 262 -13.34 -13.42 29.17
C ASP C 262 -12.66 -14.63 29.78
N LEU C 263 -11.60 -15.11 29.13
CA LEU C 263 -10.78 -16.16 29.70
C LEU C 263 -10.26 -15.74 31.06
N ALA C 264 -9.78 -14.50 31.16
CA ALA C 264 -9.22 -14.02 32.41
C ALA C 264 -10.27 -13.93 33.51
N VAL C 265 -11.48 -13.51 33.17
CA VAL C 265 -12.56 -13.46 34.17
C VAL C 265 -12.76 -14.85 34.77
N ALA C 266 -12.87 -15.86 33.90
CA ALA C 266 -13.06 -17.26 34.31
C ALA C 266 -11.92 -17.74 35.20
N GLU C 267 -10.68 -17.50 34.78
CA GLU C 267 -9.52 -17.90 35.60
C GLU C 267 -9.50 -17.24 36.98
N ASP C 269 -11.88 -16.15 38.78
CA ASP C 269 -12.93 -16.73 39.65
C ASP C 269 -12.51 -18.04 40.32
N LYS C 270 -11.43 -18.67 39.83
CA LYS C 270 -10.91 -19.87 40.47
C LYS C 270 -9.89 -19.51 41.54
N PRO C 271 -9.73 -20.39 42.54
CA PRO C 271 -8.71 -20.18 43.56
C PRO C 271 -7.30 -20.01 42.96
N GLY C 272 -6.47 -19.20 43.61
CA GLY C 272 -5.11 -18.97 43.12
C GLY C 272 -4.57 -17.63 43.55
N PRO C 273 -3.29 -17.38 43.25
CA PRO C 273 -2.71 -16.09 43.58
C PRO C 273 -3.53 -14.93 42.99
N ASP C 274 -3.71 -13.88 43.79
CA ASP C 274 -4.25 -12.61 43.30
C ASP C 274 -3.43 -11.50 43.96
N PRO C 275 -2.20 -11.31 43.46
CA PRO C 275 -1.31 -10.31 44.03
C PRO C 275 -1.97 -8.92 44.15
N LEU C 276 -2.81 -8.55 43.18
CA LEU C 276 -3.38 -7.20 43.17
C LEU C 276 -4.44 -7.02 44.24
N ALA C 277 -5.11 -8.12 44.59
CA ALA C 277 -6.11 -8.09 45.65
C ALA C 277 -5.44 -8.00 47.03
N GLU C 278 -4.21 -8.47 47.16
CA GLU C 278 -3.55 -8.47 48.50
C GLU C 278 -3.08 -7.10 48.95
N GLU C 279 -2.98 -6.18 47.99
CA GLU C 279 -2.30 -4.91 48.21
C GLU C 279 -3.15 -3.82 48.84
N SER C 280 -2.51 -2.93 49.59
CA SER C 280 -3.22 -1.85 50.28
C SER C 280 -2.45 -0.58 50.28
N PHE C 281 -2.75 0.28 49.32
CA PHE C 281 -2.11 1.57 49.21
C PHE C 281 -3.15 2.65 49.37
N GLU C 282 -2.69 3.87 49.54
CA GLU C 282 -3.58 4.98 49.64
C GLU C 282 -4.49 5.04 48.41
N TRP C 283 -3.87 4.89 47.24
CA TRP C 283 -4.60 4.91 45.98
C TRP C 283 -4.37 3.59 45.25
N PRO C 284 -5.38 3.08 44.58
CA PRO C 284 -5.23 1.79 43.94
C PRO C 284 -4.10 1.81 42.92
N ARG C 285 -3.35 0.73 42.85
CA ARG C 285 -2.23 0.65 41.93
C ARG C 285 -2.71 0.90 40.52
N TYR C 286 -3.79 0.21 40.15
CA TYR C 286 -4.45 0.37 38.86
C TYR C 286 -5.86 0.90 39.06
N VAL C 287 -6.23 1.92 38.30
CA VAL C 287 -7.48 2.62 38.49
C VAL C 287 -8.49 2.06 37.52
N VAL C 288 -9.58 1.50 38.05
CA VAL C 288 -10.58 0.74 37.27
C VAL C 288 -11.98 1.21 37.58
N GLY C 289 -12.80 1.35 36.54
CA GLY C 289 -14.22 1.62 36.74
C GLY C 289 -14.91 2.38 35.62
N SER C 290 -16.14 2.81 35.92
CA SER C 290 -16.93 3.64 35.02
C SER C 290 -16.25 4.99 34.87
N PRO C 291 -16.68 5.78 33.88
CA PRO C 291 -16.08 7.09 33.69
C PRO C 291 -16.12 7.98 34.94
N ASP C 292 -17.29 8.06 35.58
CA ASP C 292 -17.43 8.85 36.78
C ASP C 292 -16.51 8.35 37.89
N ARG C 293 -16.43 7.03 38.09
CA ARG C 293 -15.63 6.50 39.18
C ARG C 293 -14.16 6.80 38.99
N VAL C 294 -13.68 6.52 37.78
CA VAL C 294 -12.31 6.78 37.46
C VAL C 294 -11.99 8.28 37.50
N ARG C 295 -12.88 9.11 36.99
CA ARG C 295 -12.66 10.55 37.00
C ARG C 295 -12.48 11.04 38.45
N ASP C 296 -13.38 10.60 39.34
CA ASP C 296 -13.35 11.07 40.72
C ASP C 296 -12.07 10.60 41.43
N GLN C 297 -11.70 9.36 41.21
CA GLN C 297 -10.48 8.81 41.83
C GLN C 297 -9.24 9.51 41.32
N LEU C 298 -9.15 9.67 40.01
CA LEU C 298 -7.96 10.29 39.43
C LEU C 298 -7.85 11.76 39.83
N THR C 299 -8.98 12.45 39.92
CA THR C 299 -8.98 13.89 40.31
C THR C 299 -8.46 14.08 41.75
N LYS C 300 -8.83 13.18 42.65
CA LYS C 300 -8.31 13.20 44.03
C LYS C 300 -6.79 13.04 44.03
N ALA C 302 -4.69 13.61 41.48
CA ALA C 302 -4.08 14.79 40.87
C ALA C 302 -4.04 15.99 41.81
N ASP C 303 -5.14 16.23 42.52
CA ASP C 303 -5.20 17.32 43.48
C ASP C 303 -4.12 17.14 44.58
N ALA C 304 -4.04 15.93 45.13
CA ALA C 304 -3.09 15.63 46.23
C ALA C 304 -1.63 15.76 45.80
N THR C 305 -1.32 15.38 44.55
CA THR C 305 0.05 15.35 44.07
C THR C 305 0.48 16.61 43.32
N GLY C 306 -0.46 17.50 43.02
CA GLY C 306 -0.17 18.69 42.23
C GLY C 306 0.07 18.39 40.76
N ALA C 307 -0.40 17.22 40.30
CA ALA C 307 -0.13 16.79 38.95
C ALA C 307 -0.89 17.68 37.96
N GLU C 308 -0.20 18.14 36.92
CA GLU C 308 -0.79 18.94 35.83
C GLU C 308 -1.46 18.04 34.78
N GLU C 309 -0.95 16.83 34.65
CA GLU C 309 -1.40 15.88 33.63
C GLU C 309 -1.33 14.53 34.23
N LEU C 310 -2.14 13.65 33.71
CA LEU C 310 -2.07 12.25 33.98
C LEU C 310 -1.57 11.56 32.72
N GLY C 311 -0.50 10.81 32.87
CA GLY C 311 -0.02 9.96 31.79
C GLY C 311 -0.68 8.60 31.88
N VAL C 312 -1.56 8.31 30.93
CA VAL C 312 -2.43 7.15 31.06
C VAL C 312 -1.88 5.94 30.34
N VAL C 313 -1.61 4.92 31.13
CA VAL C 313 -1.08 3.64 30.69
C VAL C 313 -2.24 2.67 30.67
N SER C 314 -2.19 1.68 29.80
CA SER C 314 -3.18 0.61 29.78
C SER C 314 -2.59 -0.76 29.48
N ILE C 316 -4.59 -3.63 28.24
CA ILE C 316 -5.89 -4.10 27.79
C ILE C 316 -5.71 -5.02 26.56
N HIS C 317 -6.36 -6.17 26.58
CA HIS C 317 -6.15 -7.18 25.57
C HIS C 317 -6.68 -6.79 24.19
N ASP C 318 -7.89 -6.27 24.16
CA ASP C 318 -8.59 -6.01 22.92
C ASP C 318 -8.55 -4.53 22.53
N GLN C 319 -8.12 -4.26 21.30
CA GLN C 319 -7.93 -2.89 20.86
C GLN C 319 -9.20 -2.06 20.93
N ARG C 320 -10.35 -2.66 20.66
CA ARG C 320 -11.59 -1.86 20.76
C ARG C 320 -11.94 -1.48 22.22
N ASP C 321 -11.66 -2.38 23.15
CA ASP C 321 -11.83 -2.09 24.59
C ASP C 321 -10.83 -0.98 25.03
N ARG C 322 -9.63 -1.04 24.45
CA ARG C 322 -8.59 -0.06 24.77
C ARG C 322 -8.91 1.33 24.27
N LEU C 323 -9.26 1.44 22.98
CA LEU C 323 -9.65 2.70 22.43
C LEU C 323 -10.84 3.30 23.20
N ARG C 324 -11.80 2.45 23.52
CA ARG C 324 -12.96 2.88 24.29
C ARG C 324 -12.59 3.51 25.64
N SER C 325 -11.67 2.87 26.34
CA SER C 325 -11.18 3.42 27.61
C SER C 325 -10.63 4.83 27.44
N TYR C 326 -9.79 5.04 26.44
CA TYR C 326 -9.25 6.41 26.18
C TYR C 326 -10.27 7.42 25.69
N ARG C 327 -11.25 6.97 24.89
N ARG C 327 -11.25 6.97 24.89
CA ARG C 327 -12.34 7.81 24.48
CA ARG C 327 -12.36 7.82 24.49
C ARG C 327 -13.20 8.26 25.67
C ARG C 327 -13.20 8.27 25.69
N LEU C 328 -13.57 7.31 26.51
CA LEU C 328 -14.39 7.63 27.72
C LEU C 328 -13.67 8.59 28.67
N LEU C 329 -12.35 8.41 28.80
CA LEU C 329 -11.58 9.29 29.65
C LEU C 329 -11.56 10.71 29.12
N ALA C 330 -11.38 10.86 27.80
CA ALA C 330 -11.34 12.17 27.22
C ALA C 330 -12.65 12.93 27.50
N GLU C 331 -13.75 12.23 27.35
CA GLU C 331 -15.09 12.79 27.62
C GLU C 331 -15.24 13.14 29.11
N ALA C 332 -14.85 12.22 29.98
CA ALA C 332 -14.95 12.47 31.43
C ALA C 332 -14.13 13.68 31.88
N PHE C 333 -12.98 13.91 31.25
CA PHE C 333 -12.10 15.04 31.62
C PHE C 333 -12.30 16.25 30.73
N GLU C 334 -13.33 16.21 29.89
CA GLU C 334 -13.75 17.37 29.10
C GLU C 334 -12.62 17.88 28.20
N LEU C 335 -11.91 16.94 27.59
CA LEU C 335 -10.85 17.31 26.68
C LEU C 335 -11.42 18.02 25.46
N THR C 336 -10.73 19.07 25.01
CA THR C 336 -11.11 19.75 23.79
C THR C 336 -10.53 19.02 22.58
N PRO C 337 -11.38 18.51 21.67
CA PRO C 337 -10.83 17.81 20.49
C PRO C 337 -10.11 18.76 19.55
N ARG C 338 -9.24 18.22 18.73
CA ARG C 338 -8.44 19.01 17.80
C ARG C 338 -9.09 19.01 16.41
N HIS D 1 22.10 -6.57 -22.18
CA HIS D 1 21.61 -5.64 -23.26
C HIS D 1 20.49 -4.70 -22.77
N HIS D 2 19.25 -5.18 -22.60
CA HIS D 2 18.12 -4.34 -22.09
C HIS D 2 18.23 -4.16 -20.60
N HIS D 3 18.97 -5.06 -19.97
CA HIS D 3 19.21 -5.03 -18.54
C HIS D 3 20.29 -4.03 -18.18
N HIS D 4 19.98 -2.76 -18.36
CA HIS D 4 20.80 -1.70 -17.80
C HIS D 4 21.01 -1.94 -16.31
N VAL D 5 22.07 -1.36 -15.74
CA VAL D 5 22.28 -1.44 -14.30
C VAL D 5 21.11 -0.73 -13.62
N LYS D 6 20.69 -1.27 -12.48
CA LYS D 6 19.62 -0.66 -11.67
C LYS D 6 20.18 0.56 -10.94
N LEU D 7 19.28 1.44 -10.51
CA LEU D 7 19.68 2.63 -9.76
C LEU D 7 19.06 2.67 -8.38
N SER D 8 19.85 3.14 -7.42
CA SER D 8 19.39 3.37 -6.06
C SER D 8 19.88 4.75 -5.59
N VAL D 9 19.44 5.17 -4.41
CA VAL D 9 19.82 6.47 -3.87
C VAL D 9 20.53 6.25 -2.56
N VAL D 10 21.63 6.98 -2.36
CA VAL D 10 22.31 7.03 -1.06
C VAL D 10 22.29 8.49 -0.67
N GLU D 11 21.64 8.77 0.45
CA GLU D 11 21.34 10.13 0.89
C GLU D 11 22.08 10.46 2.18
N GLN D 12 22.98 11.42 2.12
CA GLN D 12 23.70 11.87 3.30
C GLN D 12 23.05 13.15 3.83
N ALA D 13 22.05 13.67 3.12
CA ALA D 13 21.34 14.85 3.52
C ALA D 13 22.23 16.11 3.70
N PRO D 14 22.85 16.56 2.61
CA PRO D 14 23.67 17.75 2.73
C PRO D 14 22.90 18.99 3.09
N VAL D 15 23.55 19.88 3.84
CA VAL D 15 22.97 21.14 4.21
C VAL D 15 23.60 22.20 3.33
N VAL D 16 22.76 23.00 2.71
CA VAL D 16 23.19 23.87 1.65
C VAL D 16 23.09 25.32 2.07
N GLU D 17 23.98 26.14 1.53
CA GLU D 17 23.99 27.56 1.86
C GLU D 17 22.62 28.19 1.67
N GLY D 18 22.16 28.91 2.68
CA GLY D 18 20.86 29.54 2.63
C GLY D 18 19.76 28.78 3.34
N LEU D 19 19.97 27.49 3.57
CA LEU D 19 18.92 26.64 4.15
C LEU D 19 19.44 26.05 5.44
N THR D 20 18.67 25.14 6.03
CA THR D 20 18.92 24.59 7.35
C THR D 20 18.87 23.07 7.30
N PRO D 21 19.35 22.39 8.35
CA PRO D 21 19.23 20.94 8.41
C PRO D 21 17.79 20.44 8.25
N ALA D 22 16.82 21.19 8.75
CA ALA D 22 15.42 20.79 8.61
C ALA D 22 15.00 20.75 7.14
N HIS D 23 15.49 21.69 6.34
CA HIS D 23 15.23 21.64 4.90
C HIS D 23 15.80 20.39 4.32
N SER D 24 17.00 20.03 4.76
CA SER D 24 17.69 18.88 4.21
C SER D 24 16.84 17.65 4.43
N LEU D 25 16.28 17.52 5.63
CA LEU D 25 15.50 16.33 5.97
C LEU D 25 14.21 16.28 5.14
N GLN D 26 13.55 17.40 4.98
CA GLN D 26 12.36 17.50 4.14
C GLN D 26 12.71 17.16 2.70
N HIS D 27 13.87 17.63 2.24
CA HIS D 27 14.29 17.33 0.89
C HIS D 27 14.62 15.86 0.71
N SER D 28 15.10 15.20 1.76
CA SER D 28 15.33 13.76 1.71
C SER D 28 14.05 13.02 1.46
N ILE D 29 13.01 13.41 2.18
CA ILE D 29 11.70 12.77 2.04
C ILE D 29 11.16 12.97 0.61
N GLU D 30 11.26 14.19 0.12
CA GLU D 30 10.85 14.50 -1.23
C GLU D 30 11.61 13.67 -2.28
N LEU D 31 12.92 13.54 -2.11
CA LEU D 31 13.73 12.74 -3.04
C LEU D 31 13.36 11.27 -2.95
N ALA D 32 13.11 10.77 -1.73
CA ALA D 32 12.70 9.42 -1.57
C ALA D 32 11.35 9.12 -2.27
N ARG D 33 10.40 10.02 -2.13
CA ARG D 33 9.11 9.85 -2.79
C ARG D 33 9.32 9.83 -4.32
N LEU D 34 10.17 10.73 -4.82
CA LEU D 34 10.48 10.76 -6.27
C LEU D 34 11.12 9.45 -6.71
N ALA D 35 12.12 9.02 -5.96
CA ALA D 35 12.83 7.80 -6.26
C ALA D 35 11.89 6.57 -6.23
N ASP D 36 10.95 6.57 -5.28
CA ASP D 36 9.96 5.50 -5.19
C ASP D 36 9.14 5.50 -6.50
N ARG D 37 8.63 6.66 -6.89
CA ARG D 37 7.79 6.79 -8.11
C ARG D 37 8.57 6.44 -9.36
N LEU D 38 9.84 6.81 -9.41
CA LEU D 38 10.64 6.60 -10.65
C LEU D 38 11.15 5.18 -10.85
N GLY D 39 11.16 4.37 -9.81
CA GLY D 39 11.62 3.00 -9.91
C GLY D 39 13.05 2.72 -9.43
N TYR D 40 13.58 3.58 -8.58
CA TYR D 40 14.84 3.22 -7.90
C TYR D 40 14.63 2.03 -6.97
N GLU D 41 15.68 1.22 -6.77
CA GLU D 41 15.57 -0.04 -6.03
C GLU D 41 15.52 0.17 -4.52
N ARG D 42 16.44 0.97 -4.01
CA ARG D 42 16.54 1.25 -2.58
C ARG D 42 16.95 2.68 -2.33
N PHE D 43 16.65 3.14 -1.11
CA PHE D 43 16.97 4.48 -0.67
C PHE D 43 17.71 4.29 0.65
N TRP D 44 18.99 4.66 0.66
CA TRP D 44 19.79 4.49 1.88
C TRP D 44 20.12 5.82 2.47
N VAL D 45 20.22 5.86 3.80
CA VAL D 45 20.51 7.07 4.54
C VAL D 45 21.83 6.86 5.29
N ALA D 46 22.78 7.77 5.08
CA ALA D 46 24.12 7.64 5.61
C ALA D 46 24.21 8.27 7.00
N GLU D 47 25.24 7.90 7.74
CA GLU D 47 25.43 8.39 9.11
C GLU D 47 26.63 9.30 9.11
N HIS D 48 26.41 10.56 9.49
CA HIS D 48 27.48 11.56 9.63
C HIS D 48 27.30 12.33 10.91
N HIS D 49 28.38 12.45 11.68
CA HIS D 49 28.34 13.09 12.99
C HIS D 49 29.07 14.43 12.99
N ALA D 50 28.49 15.40 13.67
CA ALA D 50 29.19 16.65 14.00
C ALA D 50 29.71 17.41 12.76
N GLU D 51 28.95 17.34 11.68
CA GLU D 51 29.26 18.03 10.44
C GLU D 51 28.11 18.96 10.18
N ILE D 52 28.37 20.26 10.13
CA ILE D 52 27.28 21.22 9.84
C ILE D 52 26.75 21.02 8.43
N PHE D 53 27.53 20.38 7.57
CA PHE D 53 27.10 20.24 6.18
C PHE D 53 26.37 18.92 5.85
N ASN D 54 26.20 18.05 6.83
CA ASN D 54 25.40 16.81 6.67
C ASN D 54 24.41 16.74 7.83
N ALA D 55 23.14 16.49 7.53
CA ALA D 55 22.05 16.68 8.51
C ALA D 55 21.66 15.45 9.32
N VAL D 56 22.21 14.28 9.01
CA VAL D 56 21.74 13.02 9.62
C VAL D 56 22.80 12.20 10.32
N PRO D 57 22.85 12.34 11.66
CA PRO D 57 23.69 11.49 12.48
C PRO D 57 23.05 10.17 12.88
N ALA D 58 21.72 10.10 12.71
CA ALA D 58 20.92 8.97 13.17
C ALA D 58 20.02 8.51 11.99
N PRO D 59 20.60 7.74 11.06
CA PRO D 59 19.85 7.33 9.86
C PRO D 59 18.56 6.58 10.20
N GLU D 60 18.57 5.81 11.28
CA GLU D 60 17.40 5.06 11.69
C GLU D 60 16.14 5.93 11.82
N ILE D 61 16.28 7.18 12.23
CA ILE D 61 15.13 8.06 12.44
C ILE D 61 14.54 8.46 11.10
N LEU D 62 15.41 8.86 10.17
CA LEU D 62 14.94 9.19 8.84
C LEU D 62 14.39 7.97 8.09
N ILE D 63 14.99 6.81 8.28
CA ILE D 63 14.46 5.57 7.72
C ILE D 63 13.02 5.29 8.22
N ALA D 64 12.81 5.44 9.51
CA ALA D 64 11.46 5.23 10.11
C ALA D 64 10.41 6.13 9.42
N ARG D 65 10.78 7.34 9.11
CA ARG D 65 9.90 8.28 8.43
C ARG D 65 9.73 7.98 6.94
N ILE D 66 10.84 7.80 6.23
CA ILE D 66 10.79 7.61 4.79
C ILE D 66 10.08 6.32 4.38
N ALA D 67 10.23 5.27 5.15
CA ALA D 67 9.53 4.04 4.86
C ALA D 67 7.99 4.22 4.95
N ALA D 68 7.54 5.14 5.79
CA ALA D 68 6.10 5.48 5.87
C ALA D 68 5.61 6.34 4.71
N GLU D 69 6.55 7.02 4.03
CA GLU D 69 6.25 7.91 2.94
C GLU D 69 6.38 7.26 1.55
N THR D 70 6.77 6.01 1.51
CA THR D 70 7.02 5.29 0.26
C THR D 70 6.44 3.89 0.34
N SER D 71 6.28 3.23 -0.82
CA SER D 71 5.64 1.89 -0.88
C SER D 71 6.44 0.80 -1.49
N GLY D 72 7.18 1.10 -2.57
CA GLY D 72 7.90 0.03 -3.28
C GLY D 72 9.40 -0.02 -3.07
N ILE D 73 10.01 1.14 -2.98
CA ILE D 73 11.45 1.24 -2.77
C ILE D 73 11.85 0.65 -1.41
N ARG D 74 12.95 -0.06 -1.37
CA ARG D 74 13.51 -0.51 -0.10
C ARG D 74 14.12 0.72 0.57
N VAL D 75 14.16 0.71 1.90
CA VAL D 75 14.67 1.84 2.68
C VAL D 75 15.60 1.28 3.73
N GLY D 76 16.71 1.96 3.96
CA GLY D 76 17.65 1.47 4.94
C GLY D 76 18.84 2.37 5.20
N SER D 77 19.78 1.84 5.99
CA SER D 77 20.98 2.56 6.37
C SER D 77 22.09 2.25 5.34
N GLY D 78 22.82 3.31 4.99
CA GLY D 78 24.04 3.18 4.16
C GLY D 78 25.13 4.17 4.61
N GLY D 79 25.71 3.98 5.78
CA GLY D 79 25.51 2.82 6.64
C GLY D 79 25.58 3.20 8.13
N VAL D 80 25.06 2.33 8.98
CA VAL D 80 25.19 2.48 10.41
C VAL D 80 26.64 2.16 10.83
N LEU D 81 27.19 3.03 11.65
CA LEU D 81 28.57 2.88 12.13
C LEU D 81 28.64 1.92 13.34
N LEU D 82 28.59 0.64 13.04
CA LEU D 82 28.37 -0.39 14.03
C LEU D 82 29.44 -0.41 15.13
N SER D 83 30.66 0.02 14.81
CA SER D 83 31.73 0.03 15.84
C SER D 83 31.42 1.00 16.98
N LEU D 84 30.43 1.90 16.79
CA LEU D 84 30.05 2.85 17.84
C LEU D 84 28.95 2.38 18.76
N TYR D 85 28.31 1.25 18.44
CA TYR D 85 27.07 0.81 19.09
C TYR D 85 27.10 -0.60 19.54
N SER D 86 26.29 -0.92 20.54
CA SER D 86 26.04 -2.31 20.88
C SER D 86 25.35 -2.99 19.71
N PRO D 87 25.86 -4.16 19.30
CA PRO D 87 25.15 -4.86 18.23
C PRO D 87 23.72 -5.23 18.57
N LEU D 88 23.43 -5.47 19.84
CA LEU D 88 22.08 -5.80 20.23
C LEU D 88 21.17 -4.59 20.01
N LYS D 89 21.64 -3.41 20.39
CA LYS D 89 20.87 -2.20 20.18
C LYS D 89 20.56 -2.01 18.70
N VAL D 90 21.57 -2.12 17.86
CA VAL D 90 21.33 -1.99 16.42
C VAL D 90 20.31 -3.03 15.92
N ALA D 91 20.45 -4.28 16.36
CA ALA D 91 19.49 -5.32 15.99
C ALA D 91 18.06 -4.95 16.40
N GLU D 92 17.91 -4.45 17.61
CA GLU D 92 16.59 -4.05 18.11
C GLU D 92 15.98 -2.93 17.27
N VAL D 93 16.78 -1.93 16.97
CA VAL D 93 16.34 -0.79 16.18
C VAL D 93 15.84 -1.27 14.82
N PHE D 94 16.61 -2.13 14.17
CA PHE D 94 16.25 -2.56 12.84
C PHE D 94 15.18 -3.64 12.82
N ARG D 95 15.08 -4.44 13.88
CA ARG D 95 13.91 -5.31 14.06
C ARG D 95 12.64 -4.51 14.24
N THR D 96 12.72 -3.38 14.94
CA THR D 96 11.54 -2.49 15.11
C THR D 96 11.13 -1.93 13.75
N LEU D 97 12.11 -1.47 12.96
CA LEU D 97 11.82 -1.01 11.60
C LEU D 97 11.18 -2.11 10.74
N HIS D 98 11.72 -3.32 10.82
CA HIS D 98 11.21 -4.46 10.08
C HIS D 98 9.77 -4.77 10.48
N ALA D 99 9.47 -4.65 11.79
CA ALA D 99 8.13 -4.87 12.27
C ALA D 99 7.14 -3.84 11.77
N LEU D 100 7.59 -2.61 11.57
CA LEU D 100 6.79 -1.58 10.94
C LEU D 100 6.65 -1.74 9.42
N TYR D 101 7.73 -2.18 8.76
CA TYR D 101 7.86 -2.13 7.32
C TYR D 101 8.35 -3.49 6.83
N PRO D 102 7.49 -4.53 6.90
CA PRO D 102 7.94 -5.89 6.74
C PRO D 102 8.64 -6.13 5.39
N ASP D 103 9.84 -6.66 5.50
CA ASP D 103 10.70 -7.04 4.37
C ASP D 103 11.12 -5.90 3.47
N ARG D 104 11.10 -4.67 3.96
CA ARG D 104 11.51 -3.52 3.14
C ARG D 104 12.83 -2.87 3.58
N ILE D 105 13.41 -3.34 4.68
CA ILE D 105 14.46 -2.59 5.39
C ILE D 105 15.84 -3.22 5.13
N ASP D 106 16.78 -2.35 4.77
CA ASP D 106 18.17 -2.70 4.63
C ASP D 106 18.96 -2.18 5.83
N LEU D 107 19.74 -3.06 6.43
CA LEU D 107 20.68 -2.66 7.45
C LEU D 107 22.09 -2.69 6.83
N GLY D 108 22.44 -1.60 6.17
CA GLY D 108 23.80 -1.39 5.71
C GLY D 108 24.68 -0.96 6.87
N ILE D 109 25.84 -1.60 6.97
CA ILE D 109 26.82 -1.35 8.05
C ILE D 109 28.06 -0.76 7.43
N GLY D 110 28.56 0.33 8.00
CA GLY D 110 29.76 0.97 7.52
C GLY D 110 30.85 1.14 8.58
N ARG D 111 32.08 1.42 8.12
CA ARG D 111 33.24 1.61 9.01
C ARG D 111 33.27 2.97 9.64
N ALA D 112 33.75 3.01 10.90
CA ALA D 112 33.80 4.24 11.65
C ALA D 112 35.23 4.83 11.66
N ASN D 113 36.05 4.37 10.72
CA ASN D 113 37.46 4.78 10.65
C ASN D 113 37.67 6.24 10.27
N ARG D 114 36.63 6.90 9.76
CA ARG D 114 36.76 8.33 9.45
C ARG D 114 36.08 9.23 10.48
N VAL D 115 35.45 8.64 11.50
CA VAL D 115 34.87 9.41 12.58
C VAL D 115 35.98 10.13 13.36
N LYS D 116 35.74 11.42 13.54
CA LYS D 116 36.65 12.29 14.22
C LYS D 116 36.78 11.89 15.69
N LEU D 117 37.95 12.14 16.25
CA LEU D 117 38.22 11.68 17.58
C LEU D 117 37.24 12.16 18.66
N PRO D 118 36.90 13.44 18.68
CA PRO D 118 36.02 13.90 19.78
C PRO D 118 34.66 13.21 19.73
N VAL D 119 34.21 12.90 18.52
CA VAL D 119 32.96 12.20 18.33
C VAL D 119 33.07 10.77 18.78
N PHE D 120 34.13 10.10 18.33
CA PHE D 120 34.42 8.76 18.74
C PHE D 120 34.47 8.66 20.28
N ALA D 121 35.17 9.58 20.91
CA ALA D 121 35.32 9.58 22.37
C ALA D 121 33.93 9.71 23.04
N ALA D 122 33.13 10.66 22.54
CA ALA D 122 31.79 10.93 23.07
C ALA D 122 30.80 9.76 22.85
N LEU D 123 30.93 9.05 21.73
CA LEU D 123 30.07 7.90 21.42
C LEU D 123 30.50 6.65 22.12
N ARG D 124 31.80 6.51 22.37
CA ARG D 124 32.33 5.38 23.14
C ARG D 124 31.96 5.54 24.62
N ASP D 125 32.01 6.78 25.10
CA ASP D 125 31.64 7.10 26.48
C ASP D 125 32.36 6.23 27.55
N SER D 133 39.23 -1.40 23.04
CA SER D 133 39.89 -0.81 21.86
C SER D 133 39.16 -1.15 20.55
N SER D 134 39.34 -0.27 19.56
CA SER D 134 38.65 -0.34 18.24
C SER D 134 39.04 -1.47 17.24
N ASP D 135 38.37 -1.44 16.09
CA ASP D 135 38.54 -2.40 14.99
C ASP D 135 38.24 -3.84 15.37
N ASP D 136 37.06 -4.00 15.95
CA ASP D 136 36.34 -5.26 16.14
C ASP D 136 35.09 -5.30 15.26
N LEU D 137 35.14 -4.68 14.10
CA LEU D 137 33.93 -4.53 13.30
C LEU D 137 33.37 -5.88 12.85
N TRP D 138 34.23 -6.75 12.32
CA TRP D 138 33.74 -8.04 11.78
C TRP D 138 33.20 -8.92 12.89
N ARG D 139 33.79 -8.82 14.08
CA ARG D 139 33.25 -9.48 15.27
C ARG D 139 31.87 -8.92 15.65
N ARG D 140 31.73 -7.60 15.67
CA ARG D 140 30.41 -6.96 15.93
C ARG D 140 29.39 -7.38 14.90
N LEU D 141 29.82 -7.47 13.66
CA LEU D 141 28.96 -7.85 12.56
C LEU D 141 28.44 -9.28 12.72
N GLU D 142 29.29 -10.17 13.21
CA GLU D 142 28.88 -11.52 13.49
C GLU D 142 27.93 -11.58 14.69
N GLN D 143 28.20 -10.77 15.71
N GLN D 143 28.20 -10.78 15.73
CA GLN D 143 27.29 -10.64 16.84
CA GLN D 143 27.27 -10.67 16.86
C GLN D 143 25.92 -10.13 16.37
C GLN D 143 25.90 -10.12 16.40
N LEU D 144 25.94 -9.12 15.51
CA LEU D 144 24.69 -8.54 14.97
C LEU D 144 23.91 -9.59 14.21
N ARG D 145 24.59 -10.34 13.36
CA ARG D 145 23.93 -11.37 12.60
C ARG D 145 23.31 -12.42 13.53
N ALA D 146 24.02 -12.77 14.60
CA ALA D 146 23.50 -13.72 15.56
C ALA D 146 22.26 -13.17 16.27
N TYR D 147 22.28 -11.89 16.62
CA TYR D 147 21.13 -11.29 17.29
C TYR D 147 19.92 -11.27 16.36
N LEU D 148 20.16 -11.13 15.06
CA LEU D 148 19.10 -11.16 14.05
C LEU D 148 18.60 -12.56 13.70
N ASP D 149 19.24 -13.59 14.26
CA ASP D 149 18.80 -14.97 14.05
C ASP D 149 18.08 -15.44 15.32
N PRO D 150 16.74 -15.55 15.27
CA PRO D 150 16.01 -15.87 16.48
C PRO D 150 16.19 -17.33 16.96
N ASP D 151 16.85 -18.16 16.16
CA ASP D 151 17.16 -19.55 16.55
C ASP D 151 18.61 -19.73 17.01
N SER D 152 19.29 -18.64 17.36
CA SER D 152 20.72 -18.74 17.64
C SER D 152 21.04 -19.23 19.06
N GLY D 153 20.01 -19.49 19.87
CA GLY D 153 20.21 -20.09 21.20
C GLY D 153 20.69 -19.13 22.28
N LEU D 154 20.39 -17.84 22.11
CA LEU D 154 20.74 -16.84 23.10
C LEU D 154 19.83 -17.00 24.32
N PRO D 155 20.34 -16.62 25.50
CA PRO D 155 19.52 -16.75 26.70
C PRO D 155 18.33 -15.77 26.79
N PHE D 156 18.17 -14.88 25.80
CA PHE D 156 17.05 -13.93 25.82
C PHE D 156 16.58 -13.64 24.40
N THR D 157 15.41 -13.04 24.27
CA THR D 157 14.84 -12.72 22.96
C THR D 157 15.20 -11.31 22.49
N VAL D 158 15.26 -11.12 21.19
CA VAL D 158 15.54 -9.83 20.61
C VAL D 158 14.21 -9.26 20.10
N SER D 159 13.66 -8.31 20.86
CA SER D 159 12.39 -7.70 20.52
C SER D 159 12.52 -6.68 19.43
N PRO D 160 11.45 -6.48 18.65
CA PRO D 160 10.27 -7.32 18.51
C PRO D 160 10.56 -8.48 17.56
N ARG D 161 10.16 -9.68 17.94
CA ARG D 161 10.28 -10.85 17.06
C ARG D 161 9.20 -10.84 15.99
N PRO D 163 8.67 -12.85 11.78
CA PRO D 163 9.34 -13.63 10.71
C PRO D 163 10.20 -12.74 9.84
N GLY D 164 11.32 -13.29 9.40
CA GLY D 164 12.24 -12.57 8.51
C GLY D 164 13.01 -11.50 9.28
N GLY D 165 13.58 -10.56 8.55
CA GLY D 165 14.37 -9.52 9.19
C GLY D 165 14.95 -8.57 8.17
N PRO D 166 15.67 -7.55 8.65
CA PRO D 166 16.30 -6.58 7.74
C PRO D 166 17.45 -7.23 6.98
N ALA D 167 17.71 -6.74 5.78
CA ALA D 167 18.77 -7.28 4.92
C ALA D 167 20.07 -6.62 5.25
N LEU D 168 21.02 -7.44 5.70
CA LEU D 168 22.34 -6.98 6.09
C LEU D 168 23.23 -6.73 4.85
N TRP D 169 23.80 -5.53 4.79
CA TRP D 169 24.74 -5.14 3.76
C TRP D 169 25.99 -4.59 4.39
N LEU D 170 27.14 -4.87 3.79
CA LEU D 170 28.38 -4.27 4.23
C LEU D 170 28.79 -3.22 3.24
N LEU D 171 29.02 -2.01 3.74
CA LEU D 171 29.52 -0.92 2.94
C LEU D 171 31.00 -0.81 3.20
N GLY D 172 31.78 -0.70 2.15
CA GLY D 172 33.22 -0.57 2.33
C GLY D 172 33.82 0.38 1.35
N ALA D 173 35.04 0.79 1.67
CA ALA D 173 35.79 1.68 0.85
C ALA D 173 37.28 1.25 0.92
N SER D 174 37.51 -0.07 0.93
CA SER D 174 38.83 -0.69 1.07
C SER D 174 38.81 -2.13 0.56
N VAL D 175 39.97 -2.63 0.15
CA VAL D 175 40.07 -4.03 -0.32
C VAL D 175 39.82 -4.97 0.82
N SER D 176 40.30 -4.61 2.01
CA SER D 176 40.10 -5.46 3.18
C SER D 176 38.61 -5.63 3.49
N SER D 177 37.81 -4.58 3.32
CA SER D 177 36.35 -4.71 3.53
C SER D 177 35.72 -5.67 2.53
N ALA D 178 36.20 -5.64 1.31
CA ALA D 178 35.71 -6.53 0.27
C ALA D 178 36.04 -7.99 0.58
N ASP D 179 37.25 -8.23 1.13
CA ASP D 179 37.65 -9.57 1.61
C ASP D 179 36.72 -10.04 2.73
N ALA D 180 36.42 -9.15 3.66
CA ALA D 180 35.55 -9.49 4.78
C ALA D 180 34.13 -9.81 4.30
N ALA D 181 33.60 -8.99 3.40
CA ALA D 181 32.26 -9.23 2.85
C ALA D 181 32.21 -10.56 2.13
N ALA D 182 33.27 -10.84 1.37
CA ALA D 182 33.37 -12.12 0.66
C ALA D 182 33.38 -13.27 1.65
N ARG D 183 34.25 -13.17 2.66
CA ARG D 183 34.43 -14.21 3.66
C ARG D 183 33.09 -14.52 4.36
N LEU D 184 32.32 -13.46 4.63
CA LEU D 184 31.09 -13.58 5.42
C LEU D 184 29.87 -13.86 4.55
N GLY D 185 30.04 -13.84 3.24
CA GLY D 185 28.92 -14.08 2.32
C GLY D 185 27.88 -12.96 2.36
N LEU D 186 28.34 -11.72 2.49
CA LEU D 186 27.43 -10.58 2.59
C LEU D 186 27.31 -9.82 1.29
N PRO D 187 26.12 -9.29 0.99
CA PRO D 187 26.01 -8.26 -0.02
C PRO D 187 26.93 -7.10 0.31
N TYR D 188 27.49 -6.45 -0.72
CA TYR D 188 28.59 -5.52 -0.54
C TYR D 188 28.40 -4.32 -1.41
N ALA D 189 28.57 -3.14 -0.83
CA ALA D 189 28.47 -1.89 -1.55
C ALA D 189 29.77 -1.15 -1.39
N TYR D 190 30.44 -0.90 -2.50
CA TYR D 190 31.74 -0.21 -2.48
C TYR D 190 31.59 1.24 -2.78
N ALA D 191 32.15 2.10 -1.90
CA ALA D 191 32.09 3.56 -2.10
C ALA D 191 33.21 4.04 -3.00
N HIS D 192 32.95 3.96 -4.30
CA HIS D 192 33.90 4.42 -5.27
C HIS D 192 34.27 5.89 -5.04
N PHE D 193 33.28 6.71 -4.66
CA PHE D 193 33.48 8.14 -4.52
C PHE D 193 34.38 8.47 -3.32
N ILE D 194 34.57 7.49 -2.44
CA ILE D 194 35.44 7.64 -1.26
C ILE D 194 36.86 7.17 -1.57
N THR D 195 36.97 5.97 -2.16
CA THR D 195 38.27 5.33 -2.41
C THR D 195 38.35 4.85 -3.87
N PRO D 196 38.36 5.80 -4.81
CA PRO D 196 38.37 5.46 -6.22
C PRO D 196 39.67 4.76 -6.68
N ASP D 197 40.72 4.83 -5.88
CA ASP D 197 42.00 4.18 -6.20
C ASP D 197 41.91 2.66 -6.23
N PHE D 198 41.00 2.09 -5.47
CA PHE D 198 40.94 0.64 -5.34
C PHE D 198 39.61 0.00 -5.80
N THR D 199 38.77 0.75 -6.48
CA THR D 199 37.46 0.26 -6.87
C THR D 199 37.53 -1.06 -7.64
N ARG D 200 38.33 -1.09 -8.71
CA ARG D 200 38.43 -2.31 -9.52
C ARG D 200 38.92 -3.51 -8.70
N GLU D 201 40.01 -3.31 -7.94
CA GLU D 201 40.58 -4.41 -7.18
C GLU D 201 39.61 -4.90 -6.11
N ALA D 202 38.98 -3.97 -5.42
CA ALA D 202 38.02 -4.32 -4.37
C ALA D 202 36.87 -5.15 -4.91
N ASP D 204 36.72 -6.81 -7.76
CA ASP D 204 37.28 -8.09 -8.21
C ASP D 204 37.44 -9.06 -7.05
N THR D 205 38.06 -8.57 -5.97
CA THR D 205 38.35 -9.38 -4.80
C THR D 205 37.08 -9.91 -4.13
N TYR D 206 36.08 -9.05 -4.03
CA TYR D 206 34.78 -9.46 -3.48
C TYR D 206 34.22 -10.67 -4.22
N ARG D 207 34.19 -10.58 -5.54
CA ARG D 207 33.65 -11.63 -6.38
C ARG D 207 34.50 -12.89 -6.33
N ALA D 208 35.82 -12.73 -6.43
CA ALA D 208 36.73 -13.88 -6.47
C ALA D 208 36.72 -14.68 -5.17
N ALA D 209 36.78 -13.97 -4.04
CA ALA D 209 36.87 -14.60 -2.72
C ALA D 209 35.51 -14.99 -2.12
N PHE D 210 34.42 -14.70 -2.82
CA PHE D 210 33.09 -14.85 -2.23
C PHE D 210 32.82 -16.26 -1.73
N VAL D 211 32.40 -16.37 -0.47
CA VAL D 211 31.93 -17.63 0.11
C VAL D 211 30.44 -17.50 0.43
N PRO D 212 29.59 -18.30 -0.22
CA PRO D 212 28.16 -18.19 -0.01
C PRO D 212 27.75 -18.16 1.46
N GLY D 213 26.77 -17.32 1.79
CA GLY D 213 26.03 -17.48 3.03
C GLY D 213 24.74 -18.20 2.67
N PRO D 214 23.99 -18.70 3.67
CA PRO D 214 22.72 -19.42 3.44
C PRO D 214 21.78 -18.70 2.47
N ASP D 215 21.53 -17.42 2.73
CA ASP D 215 20.57 -16.61 1.96
C ASP D 215 21.20 -15.94 0.74
N THR D 216 22.52 -15.78 0.81
CA THR D 216 23.26 -15.07 -0.21
C THR D 216 24.15 -16.09 -0.94
N PRO D 217 23.57 -16.84 -1.89
CA PRO D 217 24.32 -17.89 -2.59
C PRO D 217 25.38 -17.36 -3.57
N SER D 218 25.21 -16.12 -4.03
CA SER D 218 26.09 -15.52 -5.03
C SER D 218 26.46 -14.07 -4.62
N PRO D 219 27.59 -13.53 -5.15
CA PRO D 219 27.97 -12.14 -4.83
C PRO D 219 26.85 -11.16 -5.18
N ARG D 220 26.65 -10.16 -4.34
CA ARG D 220 25.65 -9.13 -4.62
C ARG D 220 26.31 -7.77 -4.51
N PRO D 221 26.98 -7.31 -5.60
CA PRO D 221 27.76 -6.07 -5.53
C PRO D 221 26.99 -4.82 -5.98
N ILE D 222 27.13 -3.76 -5.20
CA ILE D 222 26.60 -2.45 -5.52
C ILE D 222 27.77 -1.50 -5.57
N LEU D 223 27.73 -0.57 -6.49
CA LEU D 223 28.73 0.47 -6.55
C LEU D 223 28.10 1.78 -6.15
N SER D 224 28.57 2.38 -5.06
CA SER D 224 28.13 3.73 -4.72
C SER D 224 28.98 4.80 -5.38
N VAL D 225 28.31 5.76 -6.02
CA VAL D 225 28.92 6.74 -6.87
C VAL D 225 28.25 8.07 -6.67
N VAL D 226 29.04 9.13 -6.71
CA VAL D 226 28.51 10.48 -6.84
C VAL D 226 28.27 10.77 -8.29
N VAL D 227 27.08 11.32 -8.58
CA VAL D 227 26.73 11.69 -9.93
C VAL D 227 26.15 13.07 -9.94
N CYS D 228 26.59 13.87 -10.90
CA CYS D 228 26.02 15.17 -11.14
C CYS D 228 25.62 15.24 -12.60
N CYS D 229 24.32 15.05 -12.85
CA CYS D 229 23.80 14.96 -14.21
C CYS D 229 22.87 16.13 -14.53
N ALA D 230 23.00 16.68 -15.74
CA ALA D 230 22.11 17.73 -16.21
C ALA D 230 21.93 17.52 -17.70
N GLU D 231 21.04 18.29 -18.31
CA GLU D 231 20.67 18.09 -19.70
C GLU D 231 21.87 18.16 -20.64
N THR D 232 22.82 19.05 -20.36
CA THR D 232 24.02 19.24 -21.19
C THR D 232 25.25 19.18 -20.33
N ASP D 233 26.41 18.88 -20.95
CA ASP D 233 27.68 18.86 -20.23
C ASP D 233 27.96 20.21 -19.54
N ALA D 234 27.60 21.32 -20.20
CA ALA D 234 27.85 22.66 -19.65
C ALA D 234 27.03 22.89 -18.38
N GLU D 235 25.76 22.53 -18.42
CA GLU D 235 24.90 22.69 -17.26
C GLU D 235 25.38 21.76 -16.13
N ALA D 236 25.80 20.55 -16.46
CA ALA D 236 26.33 19.63 -15.47
C ALA D 236 27.55 20.22 -14.77
N GLN D 237 28.44 20.86 -15.55
CA GLN D 237 29.65 21.43 -14.96
C GLN D 237 29.33 22.57 -14.01
N ARG D 238 28.32 23.36 -14.36
CA ARG D 238 27.88 24.46 -13.48
C ARG D 238 27.39 23.90 -12.13
N VAL D 239 26.55 22.87 -12.19
CA VAL D 239 26.00 22.27 -10.99
C VAL D 239 27.14 21.63 -10.15
N TYR D 240 28.14 21.07 -10.84
CA TYR D 240 29.28 20.39 -10.22
C TYR D 240 30.23 21.35 -9.49
N ALA D 241 30.18 22.63 -9.85
CA ALA D 241 31.11 23.63 -9.28
C ALA D 241 30.96 23.71 -7.76
N THR D 242 29.73 23.56 -7.28
CA THR D 242 29.43 23.46 -5.85
C THR D 242 30.36 22.46 -5.16
N HIS D 243 30.47 21.28 -5.73
CA HIS D 243 31.25 20.23 -5.14
C HIS D 243 32.75 20.54 -5.23
N ARG D 244 33.17 21.09 -6.34
CA ARG D 244 34.56 21.47 -6.56
C ARG D 244 35.01 22.50 -5.51
N LEU D 245 34.17 23.51 -5.29
CA LEU D 245 34.47 24.57 -4.30
C LEU D 245 34.43 24.04 -2.88
N PHE D 246 33.52 23.09 -2.63
CA PHE D 246 33.47 22.49 -1.33
C PHE D 246 34.82 21.84 -1.04
N HIS D 247 35.40 21.17 -2.03
CA HIS D 247 36.68 20.53 -1.81
C HIS D 247 37.82 21.53 -1.63
N ARG D 248 37.80 22.61 -2.41
CA ARG D 248 38.82 23.67 -2.24
C ARG D 248 38.78 24.18 -0.80
N ARG D 249 37.57 24.48 -0.34
CA ARG D 249 37.37 25.05 0.98
C ARG D 249 37.82 24.10 2.05
N SER D 251 40.02 21.78 1.87
CA SER D 251 41.48 21.65 1.86
C SER D 251 42.17 22.83 2.59
N GLN D 252 41.43 23.95 2.72
CA GLN D 252 41.92 25.12 3.44
C GLN D 252 41.41 25.23 4.90
N GLY D 253 40.72 24.19 5.36
CA GLY D 253 40.12 24.19 6.71
C GLY D 253 38.89 25.08 6.83
N ASP D 254 38.30 25.42 5.70
CA ASP D 254 37.13 26.27 5.63
C ASP D 254 35.90 25.34 5.54
N VAL D 255 35.25 25.12 6.69
CA VAL D 255 34.14 24.17 6.80
C VAL D 255 32.83 24.94 6.79
N ARG D 256 32.13 24.89 5.65
CA ARG D 256 30.88 25.62 5.47
C ARG D 256 29.86 24.77 4.72
N LEU D 257 28.64 25.28 4.64
CA LEU D 257 27.55 24.61 3.92
C LEU D 257 27.87 24.55 2.43
N LEU D 258 27.20 23.63 1.69
CA LEU D 258 27.40 23.55 0.25
C LEU D 258 27.11 24.89 -0.43
N PRO D 259 28.07 25.39 -1.23
CA PRO D 259 27.87 26.70 -1.84
C PRO D 259 26.98 26.69 -3.09
N PRO D 260 26.32 27.83 -3.38
CA PRO D 260 25.52 27.91 -4.61
C PRO D 260 26.37 27.78 -5.88
N ALA D 261 25.76 27.27 -6.94
CA ALA D 261 26.49 26.85 -8.14
C ALA D 261 27.18 28.04 -8.85
N ASP D 262 26.44 29.12 -9.06
CA ASP D 262 26.97 30.29 -9.77
C ASP D 262 28.14 30.94 -9.03
N LEU D 263 27.98 31.14 -7.72
CA LEU D 263 29.09 31.58 -6.89
C LEU D 263 30.28 30.64 -7.02
N ALA D 264 30.02 29.33 -6.98
CA ALA D 264 31.10 28.33 -7.05
C ALA D 264 31.81 28.37 -8.41
N VAL D 265 31.06 28.58 -9.49
CA VAL D 265 31.68 28.68 -10.81
C VAL D 265 32.70 29.83 -10.80
N ALA D 266 32.25 31.00 -10.31
CA ALA D 266 33.11 32.19 -10.22
C ALA D 266 34.37 31.93 -9.40
N GLU D 267 34.20 31.35 -8.22
CA GLU D 267 35.34 31.05 -7.34
C GLU D 267 36.34 30.11 -7.99
N ASP D 269 37.00 29.62 -11.06
CA ASP D 269 37.73 30.30 -12.14
C ASP D 269 38.93 31.14 -11.63
N LYS D 270 38.98 31.38 -10.32
CA LYS D 270 40.12 32.08 -9.72
C LYS D 270 41.18 31.09 -9.28
N PRO D 271 42.45 31.54 -9.22
CA PRO D 271 43.55 30.69 -8.77
C PRO D 271 43.28 30.15 -7.38
N GLY D 272 43.76 28.93 -7.11
CA GLY D 272 43.56 28.33 -5.81
C GLY D 272 43.57 26.82 -5.86
N PRO D 273 43.51 26.19 -4.68
CA PRO D 273 43.48 24.74 -4.63
C PRO D 273 42.32 24.17 -5.47
N ASP D 274 42.59 23.09 -6.19
CA ASP D 274 41.55 22.31 -6.86
C ASP D 274 41.93 20.84 -6.67
N PRO D 275 41.69 20.32 -5.45
CA PRO D 275 42.06 18.94 -5.12
C PRO D 275 41.49 17.93 -6.12
N LEU D 276 40.28 18.18 -6.64
CA LEU D 276 39.63 17.21 -7.54
C LEU D 276 40.31 17.18 -8.91
N ALA D 277 40.85 18.32 -9.32
CA ALA D 277 41.60 18.41 -10.59
C ALA D 277 42.99 17.77 -10.47
N GLU D 278 43.55 17.74 -9.27
CA GLU D 278 44.91 17.30 -9.07
C GLU D 278 45.08 15.79 -9.12
N GLU D 279 43.99 15.09 -8.87
CA GLU D 279 44.07 13.67 -8.57
C GLU D 279 43.60 12.93 -9.79
N SER D 280 43.97 11.67 -9.88
CA SER D 280 43.68 10.87 -11.05
C SER D 280 43.48 9.43 -10.68
N PHE D 281 42.41 8.84 -11.22
CA PHE D 281 42.13 7.43 -11.03
C PHE D 281 41.67 6.83 -12.34
N GLU D 282 41.48 5.52 -12.37
CA GLU D 282 40.94 4.88 -13.56
C GLU D 282 39.61 5.51 -13.96
N TRP D 283 38.73 5.67 -12.96
CA TRP D 283 37.45 6.30 -13.18
C TRP D 283 37.35 7.57 -12.36
N PRO D 284 36.66 8.59 -12.89
CA PRO D 284 36.56 9.83 -12.13
C PRO D 284 35.91 9.62 -10.76
N ARG D 285 36.43 10.31 -9.74
CA ARG D 285 35.90 10.16 -8.39
C ARG D 285 34.41 10.47 -8.39
N TYR D 286 34.08 11.60 -9.01
CA TYR D 286 32.71 12.06 -9.17
C TYR D 286 32.35 12.09 -10.64
N VAL D 287 31.20 11.50 -10.97
CA VAL D 287 30.79 11.35 -12.37
C VAL D 287 29.86 12.47 -12.75
N VAL D 288 30.25 13.23 -13.78
CA VAL D 288 29.58 14.48 -14.14
C VAL D 288 29.33 14.51 -15.63
N GLY D 289 28.16 15.01 -16.03
CA GLY D 289 27.90 15.25 -17.44
C GLY D 289 26.45 15.14 -17.88
N SER D 290 26.26 15.13 -19.20
CA SER D 290 24.96 14.93 -19.82
C SER D 290 24.48 13.50 -19.55
N PRO D 291 23.19 13.21 -19.84
CA PRO D 291 22.67 11.88 -19.54
C PRO D 291 23.43 10.80 -20.27
N ASP D 292 23.69 11.01 -21.56
CA ASP D 292 24.45 10.04 -22.35
C ASP D 292 25.85 9.84 -21.82
N ARG D 293 26.54 10.92 -21.47
CA ARG D 293 27.91 10.79 -21.01
C ARG D 293 27.96 10.03 -19.68
N VAL D 294 27.11 10.42 -18.75
CA VAL D 294 27.08 9.78 -17.45
C VAL D 294 26.66 8.33 -17.58
N ARG D 295 25.68 8.05 -18.43
CA ARG D 295 25.20 6.68 -18.63
C ARG D 295 26.35 5.81 -19.11
N ASP D 296 27.07 6.30 -20.12
CA ASP D 296 28.16 5.52 -20.70
C ASP D 296 29.29 5.27 -19.71
N GLN D 297 29.67 6.32 -18.97
CA GLN D 297 30.72 6.19 -17.98
C GLN D 297 30.32 5.17 -16.90
N LEU D 298 29.10 5.33 -16.40
CA LEU D 298 28.66 4.49 -15.28
C LEU D 298 28.52 3.05 -15.72
N THR D 299 28.07 2.85 -16.95
CA THR D 299 27.90 1.49 -17.48
C THR D 299 29.24 0.77 -17.60
N LYS D 300 30.28 1.47 -18.07
CA LYS D 300 31.64 0.91 -18.10
C LYS D 300 32.08 0.46 -16.72
N ALA D 302 30.12 -0.23 -14.13
CA ALA D 302 29.30 -1.35 -13.68
C ALA D 302 29.73 -2.67 -14.34
N ASP D 303 30.01 -2.62 -15.64
CA ASP D 303 30.48 -3.83 -16.36
C ASP D 303 31.78 -4.36 -15.78
N ALA D 304 32.72 -3.46 -15.53
CA ALA D 304 34.03 -3.84 -15.00
C ALA D 304 33.96 -4.41 -13.60
N THR D 305 33.06 -3.87 -12.77
CA THR D 305 32.98 -4.26 -11.37
C THR D 305 31.95 -5.34 -11.07
N GLY D 306 31.12 -5.67 -12.06
CA GLY D 306 30.02 -6.62 -11.84
C GLY D 306 28.90 -6.04 -10.98
N ALA D 307 28.81 -4.71 -10.89
CA ALA D 307 27.80 -4.07 -10.04
C ALA D 307 26.38 -4.28 -10.61
N GLU D 308 25.45 -4.66 -9.74
CA GLU D 308 24.03 -4.89 -10.11
C GLU D 308 23.23 -3.58 -10.04
N GLU D 309 23.70 -2.68 -9.18
CA GLU D 309 23.04 -1.39 -8.95
C GLU D 309 24.09 -0.37 -8.70
N LEU D 310 23.72 0.87 -8.99
CA LEU D 310 24.49 2.01 -8.63
C LEU D 310 23.76 2.77 -7.54
N GLY D 311 24.44 2.97 -6.43
CA GLY D 311 23.93 3.78 -5.33
C GLY D 311 24.33 5.21 -5.57
N VAL D 312 23.38 6.04 -5.94
CA VAL D 312 23.68 7.36 -6.47
C VAL D 312 23.62 8.42 -5.38
N VAL D 313 24.81 8.96 -5.09
CA VAL D 313 25.04 10.02 -4.11
C VAL D 313 25.11 11.35 -4.87
N SER D 314 24.67 12.42 -4.24
CA SER D 314 24.74 13.75 -4.84
C SER D 314 25.14 14.83 -3.83
N ILE D 316 24.61 18.48 -4.38
CA ILE D 316 24.05 19.52 -5.24
C ILE D 316 23.33 20.56 -4.42
N HIS D 317 23.61 21.84 -4.69
CA HIS D 317 23.14 22.93 -3.85
C HIS D 317 21.62 23.17 -3.96
N ASP D 318 21.13 23.21 -5.20
CA ASP D 318 19.76 23.60 -5.48
C ASP D 318 18.87 22.37 -5.69
N GLN D 319 17.79 22.27 -4.89
CA GLN D 319 16.95 21.06 -4.90
C GLN D 319 16.35 20.78 -6.31
N ARG D 320 16.05 21.82 -7.08
CA ARG D 320 15.49 21.58 -8.41
C ARG D 320 16.55 21.00 -9.36
N ASP D 321 17.81 21.43 -9.22
CA ASP D 321 18.91 20.81 -9.97
C ASP D 321 19.10 19.35 -9.53
N ARG D 322 18.97 19.10 -8.23
CA ARG D 322 19.15 17.76 -7.71
C ARG D 322 18.08 16.78 -8.23
N LEU D 323 16.82 17.15 -8.08
CA LEU D 323 15.73 16.29 -8.51
C LEU D 323 15.86 16.02 -10.02
N ARG D 324 16.24 17.04 -10.77
CA ARG D 324 16.47 16.91 -12.20
C ARG D 324 17.55 15.88 -12.52
N SER D 325 18.67 15.91 -11.80
CA SER D 325 19.72 14.91 -11.97
C SER D 325 19.14 13.50 -11.84
N TYR D 326 18.38 13.25 -10.77
CA TYR D 326 17.86 11.91 -10.51
C TYR D 326 16.76 11.53 -11.52
N ARG D 327 15.99 12.49 -11.97
CA ARG D 327 14.99 12.26 -13.04
C ARG D 327 15.68 11.87 -14.34
N LEU D 328 16.71 12.63 -14.73
CA LEU D 328 17.45 12.35 -15.97
C LEU D 328 18.11 10.99 -15.92
N LEU D 329 18.66 10.61 -14.77
CA LEU D 329 19.29 9.33 -14.62
C LEU D 329 18.26 8.19 -14.80
N ALA D 330 17.08 8.32 -14.19
CA ALA D 330 16.04 7.30 -14.27
C ALA D 330 15.67 7.08 -15.75
N GLU D 331 15.55 8.18 -16.49
CA GLU D 331 15.30 8.14 -17.97
C GLU D 331 16.45 7.49 -18.72
N ALA D 332 17.68 7.91 -18.44
CA ALA D 332 18.84 7.33 -19.13
C ALA D 332 18.96 5.85 -18.90
N PHE D 333 18.55 5.37 -17.72
CA PHE D 333 18.69 3.97 -17.41
C PHE D 333 17.39 3.18 -17.60
N GLU D 334 16.41 3.84 -18.24
CA GLU D 334 15.16 3.20 -18.63
C GLU D 334 14.41 2.58 -17.44
N LEU D 335 14.39 3.29 -16.32
CA LEU D 335 13.70 2.75 -15.14
C LEU D 335 12.21 2.68 -15.42
N THR D 336 11.57 1.63 -14.94
CA THR D 336 10.11 1.53 -14.97
C THR D 336 9.49 2.19 -13.70
N PRO D 337 8.65 3.22 -13.88
CA PRO D 337 8.03 3.88 -12.73
C PRO D 337 7.08 2.98 -11.99
N ARG D 338 6.84 3.31 -10.75
CA ARG D 338 5.91 2.58 -9.95
C ARG D 338 4.63 3.40 -10.15
#